data_4BQE
#
_entry.id   4BQE
#
_cell.length_a   84.670
_cell.length_b   117.100
_cell.length_c   94.180
_cell.angle_alpha   90.00
_cell.angle_beta   106.72
_cell.angle_gamma   90.00
#
_symmetry.space_group_name_H-M   'P 1 21 1'
#
loop_
_entity.id
_entity.type
_entity.pdbx_description
1 polymer 'ALPHA-GLUCAN PHOSPHORYLASE 2,4-GLUCAN PHOSPHORYLASE'
2 non-polymer "PYRIDOXAL-5'-PHOSPHATE"
3 non-polymer GLYCEROL
4 non-polymer DI(HYDROXYETHYL)ETHER
5 non-polymer 'TRIETHYLENE GLYCOL'
6 water water
#
_entity_poly.entity_id   1
_entity_poly.type   'polypeptide(L)'
_entity_poly.pdbx_seq_one_letter_code
;MHHHHHHGKPIPNPLLGLDSTENLYFQGIDPFTMANANGKAATSLPEKISAKANPEADDATEIAGNIVYHAKYSPHFSPL
KFGPEQALYATAESLRDRLIQLWNETYVHFNKVDPKQTYYLSMEYLQGRALTNAIGNLNLQGPYADALRTLGYELEEIAE
QEKDAALGNGGLGRLASCFLDSMATLNLPAWGYGLRYRHGLFKQIITKKGQEEIPEDWLEKFSPWEIVRHDVVFPVRFFG
KVQVNPDGSRKWVDGDVVQALAYDVPIPGYGTKNTISLRLWEAKARAEDLDLFQFNEGEYELAAQLHSRAQQICTVLYPG
DATENGKLLRLKQQFFLCSASLQDIISRFHERSTTEGSRKWSEFPSKVAVQMNDTHPTLAIPELMRLLMDDNGLGWDEAW
DVTSKTVAYTNHTVLPEALEKWSQSLMWKLLPRHMEIIEEIDKRFVQTIRDTRVDLEDKISSLSILDNNPQKPVVRMANL
CVVSSHTVNGVAQLHSDILKAELFADYVSIWPNKFQNKTNGITPRRWLRFCSPELSDIITKWLKTDKWITDLDLLTGLRQ
FADNEELQSEWASAKTANKKRLAQYIERVTGVSIDPTSLFDIQVKRIHEYKRQLMNILGVVYRFKKLKEMKPEERKKTVP
RTVMIGGKAFATYTNAKRIVKLVNDVGDVVNSDPEVNEYLKVVFVPNYNVTVAEMLIPGSELSQHISTAGMEASGTSNMK
FALNGCLIIGTLDGANVEIREEVGEENFFLFGATADQVPRLRKEREDGLFKPDPRFEEAKQFVKSGVFGSYDYGPLLDSL
EGNTGFGRGDYFLVGYDFPSYMDAQAKVDEAYKDRKGWLKMSILSTAGSGKFSSDRTIAQYAKEIWNIEACPVP
;
_entity_poly.pdbx_strand_id   A,B
#
loop_
_chem_comp.id
_chem_comp.type
_chem_comp.name
_chem_comp.formula
GOL non-polymer GLYCEROL 'C3 H8 O3'
PEG non-polymer DI(HYDROXYETHYL)ETHER 'C4 H10 O3'
PGE non-polymer 'TRIETHYLENE GLYCOL' 'C6 H14 O4'
PLP non-polymer PYRIDOXAL-5'-PHOSPHATE 'C8 H10 N O6 P'
#
# COMPACT_ATOMS: atom_id res chain seq x y z
N LYS A 48 -20.35 24.03 -11.00
CA LYS A 48 -20.70 24.83 -12.21
C LYS A 48 -20.37 24.07 -13.51
N ILE A 49 -19.18 23.45 -13.60
CA ILE A 49 -18.81 22.58 -14.75
C ILE A 49 -19.19 21.12 -14.44
N SER A 50 -19.94 20.48 -15.35
CA SER A 50 -20.47 19.13 -15.13
C SER A 50 -19.46 18.04 -15.41
N ALA A 51 -19.48 16.97 -14.62
CA ALA A 51 -18.64 15.80 -14.91
C ALA A 51 -19.05 15.19 -16.26
N LYS A 52 -18.08 15.00 -17.13
CA LYS A 52 -18.28 14.30 -18.38
C LYS A 52 -16.99 13.63 -18.82
N ALA A 53 -16.97 12.31 -18.72
CA ALA A 53 -15.80 11.52 -19.10
C ALA A 53 -15.54 11.68 -20.57
N ASN A 54 -14.29 11.95 -20.91
CA ASN A 54 -13.83 11.89 -22.29
C ASN A 54 -12.32 11.63 -22.27
N PRO A 55 -11.94 10.34 -22.39
CA PRO A 55 -10.54 10.02 -22.25
C PRO A 55 -9.70 10.56 -23.38
N GLU A 56 -10.34 10.96 -24.48
CA GLU A 56 -9.62 11.56 -25.61
C GLU A 56 -9.75 13.09 -25.69
N ALA A 57 -10.11 13.72 -24.59
CA ALA A 57 -10.35 15.15 -24.53
C ALA A 57 -9.16 15.91 -25.12
N ASP A 58 -9.44 16.76 -26.09
CA ASP A 58 -8.39 17.60 -26.66
C ASP A 58 -8.74 19.08 -26.85
N ASP A 59 -9.92 19.50 -26.40
CA ASP A 59 -10.17 20.94 -26.27
C ASP A 59 -10.57 21.31 -24.86
N ALA A 60 -10.54 22.60 -24.56
CA ALA A 60 -10.73 23.10 -23.18
C ALA A 60 -12.00 22.58 -22.52
N THR A 61 -13.10 22.63 -23.26
CA THR A 61 -14.39 22.19 -22.71
CA THR A 61 -14.38 22.19 -22.69
C THR A 61 -14.39 20.70 -22.37
N GLU A 62 -13.93 19.87 -23.31
CA GLU A 62 -13.85 18.44 -23.12
C GLU A 62 -12.91 18.07 -21.95
N ILE A 63 -11.75 18.72 -21.92
CA ILE A 63 -10.77 18.49 -20.89
C ILE A 63 -11.36 18.84 -19.52
N ALA A 64 -12.01 20.01 -19.39
CA ALA A 64 -12.55 20.40 -18.08
C ALA A 64 -13.57 19.38 -17.59
N GLY A 65 -14.44 18.92 -18.50
CA GLY A 65 -15.42 17.90 -18.16
C GLY A 65 -14.76 16.62 -17.67
N ASN A 66 -13.64 16.26 -18.28
CA ASN A 66 -12.95 15.02 -17.93
C ASN A 66 -12.28 15.14 -16.58
N ILE A 67 -11.72 16.31 -16.29
CA ILE A 67 -11.09 16.57 -14.99
C ILE A 67 -12.15 16.45 -13.89
N VAL A 68 -13.30 17.11 -14.08
CA VAL A 68 -14.39 17.07 -13.11
C VAL A 68 -14.88 15.62 -12.95
N TYR A 69 -14.97 14.89 -14.05
CA TYR A 69 -15.29 13.47 -14.02
C TYR A 69 -14.31 12.68 -13.09
N HIS A 70 -13.00 12.82 -13.28
CA HIS A 70 -12.06 12.14 -12.39
C HIS A 70 -12.15 12.62 -10.95
N ALA A 71 -12.38 13.91 -10.73
CA ALA A 71 -12.50 14.42 -9.35
C ALA A 71 -13.62 13.68 -8.65
N LYS A 72 -14.70 13.40 -9.37
CA LYS A 72 -15.87 12.75 -8.76
C LYS A 72 -15.76 11.22 -8.72
N TYR A 73 -15.32 10.61 -9.81
CA TYR A 73 -15.41 9.19 -9.94
C TYR A 73 -14.10 8.44 -9.76
N SER A 74 -12.99 9.16 -9.62
CA SER A 74 -11.70 8.62 -9.14
C SER A 74 -11.35 9.35 -7.89
N PRO A 75 -12.22 9.31 -6.87
CA PRO A 75 -11.91 10.13 -5.71
C PRO A 75 -10.82 9.51 -4.83
N HIS A 76 -10.08 10.38 -4.17
CA HIS A 76 -9.09 9.97 -3.14
C HIS A 76 -9.18 10.83 -1.88
N PHE A 77 -10.25 11.64 -1.81
CA PHE A 77 -10.53 12.58 -0.75
C PHE A 77 -12.05 12.70 -0.60
N SER A 78 -12.47 13.35 0.48
CA SER A 78 -13.88 13.68 0.68
C SER A 78 -14.36 14.50 -0.52
N PRO A 79 -15.66 14.37 -0.86
CA PRO A 79 -16.11 14.99 -2.10
C PRO A 79 -16.34 16.50 -2.05
N LEU A 80 -16.48 17.11 -0.89
CA LEU A 80 -16.90 18.54 -0.84
C LEU A 80 -15.88 19.49 -1.50
N LYS A 81 -14.63 19.42 -1.06
CA LYS A 81 -13.64 20.41 -1.46
C LYS A 81 -12.87 19.95 -2.69
N PHE A 82 -12.73 20.88 -3.64
CA PHE A 82 -11.91 20.69 -4.82
C PHE A 82 -10.80 21.75 -4.74
N GLY A 83 -9.83 21.48 -3.88
CA GLY A 83 -8.67 22.35 -3.72
C GLY A 83 -7.59 22.06 -4.76
N PRO A 84 -6.47 22.79 -4.68
CA PRO A 84 -5.45 22.63 -5.73
C PRO A 84 -4.88 21.22 -5.76
N GLU A 85 -4.83 20.56 -4.61
CA GLU A 85 -4.32 19.17 -4.56
C GLU A 85 -5.22 18.22 -5.31
N GLN A 86 -6.53 18.32 -5.06
CA GLN A 86 -7.49 17.49 -5.73
C GLN A 86 -7.52 17.79 -7.23
N ALA A 87 -7.35 19.05 -7.57
CA ALA A 87 -7.30 19.45 -8.97
C ALA A 87 -6.08 18.85 -9.65
N LEU A 88 -4.95 18.80 -8.95
CA LEU A 88 -3.72 18.19 -9.51
C LEU A 88 -4.01 16.71 -9.85
N TYR A 89 -4.55 15.97 -8.90
CA TYR A 89 -4.75 14.55 -9.15
C TYR A 89 -5.75 14.32 -10.27
N ALA A 90 -6.82 15.09 -10.31
CA ALA A 90 -7.84 14.91 -11.36
C ALA A 90 -7.27 15.31 -12.74
N THR A 91 -6.42 16.32 -12.78
CA THR A 91 -5.77 16.76 -14.03
C THR A 91 -4.77 15.71 -14.48
N ALA A 92 -3.99 15.18 -13.53
CA ALA A 92 -3.06 14.11 -13.86
C ALA A 92 -3.81 12.89 -14.40
N GLU A 93 -4.94 12.54 -13.77
CA GLU A 93 -5.70 11.39 -14.23
C GLU A 93 -6.24 11.61 -15.64
N SER A 94 -6.68 12.84 -15.94
CA SER A 94 -7.16 13.14 -17.28
C SER A 94 -6.05 12.90 -18.29
N LEU A 95 -4.86 13.37 -17.99
CA LEU A 95 -3.70 13.19 -18.88
C LEU A 95 -3.31 11.72 -18.96
N ARG A 96 -3.39 11.01 -17.83
CA ARG A 96 -3.13 9.58 -17.84
C ARG A 96 -4.04 8.80 -18.81
N ASP A 97 -5.30 9.21 -18.92
CA ASP A 97 -6.20 8.59 -19.91
C ASP A 97 -5.54 8.67 -21.31
N ARG A 98 -5.01 9.84 -21.68
CA ARG A 98 -4.39 10.01 -23.01
C ARG A 98 -3.15 9.13 -23.11
N LEU A 99 -2.39 9.06 -22.03
CA LEU A 99 -1.15 8.29 -22.00
C LEU A 99 -1.40 6.78 -22.07
N ILE A 100 -2.46 6.31 -21.43
CA ILE A 100 -2.80 4.87 -21.49
C ILE A 100 -3.15 4.47 -22.94
N GLN A 101 -3.94 5.29 -23.62
CA GLN A 101 -4.30 5.00 -25.00
C GLN A 101 -3.03 4.82 -25.85
N LEU A 102 -2.09 5.74 -25.68
CA LEU A 102 -0.88 5.73 -26.48
C LEU A 102 0.09 4.63 -26.03
N TRP A 103 0.17 4.40 -24.72
CA TRP A 103 1.04 3.33 -24.22
C TRP A 103 0.57 2.01 -24.78
N ASN A 104 -0.73 1.81 -24.75
CA ASN A 104 -1.34 0.59 -25.27
C ASN A 104 -1.09 0.41 -26.75
N GLU A 105 -1.30 1.48 -27.51
CA GLU A 105 -1.06 1.44 -28.96
C GLU A 105 0.42 1.11 -29.27
N THR A 106 1.33 1.68 -28.49
CA THR A 106 2.75 1.49 -28.72
C THR A 106 3.09 0.04 -28.39
N TYR A 107 2.54 -0.48 -27.30
CA TYR A 107 2.82 -1.85 -26.86
C TYR A 107 2.34 -2.83 -27.96
N VAL A 108 1.13 -2.62 -28.45
CA VAL A 108 0.57 -3.48 -29.51
C VAL A 108 1.41 -3.41 -30.78
N HIS A 109 1.84 -2.21 -31.15
CA HIS A 109 2.59 -2.03 -32.38
C HIS A 109 3.95 -2.72 -32.30
N PHE A 110 4.67 -2.51 -31.19
CA PHE A 110 5.98 -3.13 -30.98
C PHE A 110 5.80 -4.67 -30.94
N ASN A 111 4.67 -5.14 -30.37
CA ASN A 111 4.43 -6.58 -30.33
C ASN A 111 4.33 -7.18 -31.74
N LYS A 112 3.56 -6.49 -32.60
CA LYS A 112 3.31 -6.92 -33.99
C LYS A 112 4.59 -6.87 -34.82
N VAL A 113 5.34 -5.79 -34.69
CA VAL A 113 6.56 -5.54 -35.50
C VAL A 113 7.72 -6.43 -35.04
N ASP A 114 7.77 -6.72 -33.76
CA ASP A 114 8.83 -7.54 -33.15
C ASP A 114 10.21 -6.94 -33.49
N PRO A 115 10.38 -5.63 -33.28
CA PRO A 115 11.68 -5.03 -33.53
C PRO A 115 12.69 -5.43 -32.49
N LYS A 116 13.97 -5.23 -32.79
CA LYS A 116 14.95 -5.28 -31.71
C LYS A 116 14.65 -4.14 -30.74
N GLN A 117 14.68 -4.46 -29.45
CA GLN A 117 14.24 -3.56 -28.40
C GLN A 117 15.37 -3.39 -27.38
N THR A 118 15.58 -2.15 -26.97
CA THR A 118 16.55 -1.84 -25.94
C THR A 118 15.91 -1.74 -24.58
N TYR A 119 16.62 -2.24 -23.58
CA TYR A 119 16.20 -2.12 -22.21
C TYR A 119 17.32 -1.51 -21.42
N TYR A 120 17.04 -0.34 -20.84
CA TYR A 120 18.00 0.44 -20.12
C TYR A 120 17.86 0.11 -18.62
N LEU A 121 18.93 -0.41 -18.05
CA LEU A 121 18.93 -0.77 -16.60
C LEU A 121 19.65 0.32 -15.81
N SER A 122 18.95 0.91 -14.85
CA SER A 122 19.53 1.97 -14.03
C SER A 122 19.00 1.90 -12.61
N MET A 123 19.91 2.10 -11.64
CA MET A 123 19.52 2.21 -10.24
C MET A 123 18.94 3.54 -9.87
N GLU A 124 18.91 4.47 -10.82
CA GLU A 124 18.30 5.80 -10.56
C GLU A 124 17.62 6.34 -11.80
N TYR A 125 16.51 7.03 -11.55
CA TYR A 125 15.81 7.85 -12.53
C TYR A 125 15.39 9.12 -11.85
N LEU A 126 15.77 10.27 -12.38
CA LEU A 126 15.30 11.51 -11.78
C LEU A 126 14.17 12.05 -12.64
N GLN A 127 13.01 11.45 -12.47
CA GLN A 127 11.84 11.74 -13.29
C GLN A 127 11.28 13.12 -13.09
N GLY A 128 11.48 13.72 -11.91
CA GLY A 128 10.89 15.01 -11.62
C GLY A 128 9.36 14.95 -11.57
N ARG A 129 8.74 16.10 -11.73
CA ARG A 129 7.30 16.22 -11.92
CA ARG A 129 7.30 16.22 -11.92
C ARG A 129 6.96 15.85 -13.36
N ALA A 130 5.82 15.20 -13.56
CA ALA A 130 5.39 14.77 -14.88
C ALA A 130 4.38 15.69 -15.58
N LEU A 131 3.66 16.53 -14.83
CA LEU A 131 2.50 17.23 -15.37
C LEU A 131 2.81 18.13 -16.59
N THR A 132 3.77 19.02 -16.43
CA THR A 132 4.07 20.00 -17.49
C THR A 132 4.61 19.30 -18.71
N ASN A 133 5.47 18.32 -18.47
CA ASN A 133 6.01 17.49 -19.53
C ASN A 133 4.97 16.71 -20.32
N ALA A 134 3.96 16.20 -19.62
CA ALA A 134 2.91 15.43 -20.27
C ALA A 134 2.08 16.36 -21.15
N ILE A 135 1.65 17.48 -20.57
CA ILE A 135 0.86 18.47 -21.29
C ILE A 135 1.65 18.93 -22.52
N GLY A 136 2.94 19.14 -22.33
CA GLY A 136 3.80 19.72 -23.36
C GLY A 136 4.02 18.74 -24.51
N ASN A 137 4.31 17.49 -24.19
CA ASN A 137 4.57 16.50 -25.22
C ASN A 137 3.30 16.15 -26.00
N LEU A 138 2.16 16.23 -25.34
CA LEU A 138 0.87 16.08 -26.03
C LEU A 138 0.43 17.30 -26.78
N ASN A 139 1.18 18.39 -26.67
CA ASN A 139 0.87 19.69 -27.23
C ASN A 139 -0.54 20.17 -26.86
N LEU A 140 -0.87 20.02 -25.59
CA LEU A 140 -2.15 20.49 -25.07
C LEU A 140 -2.03 21.63 -24.04
N GLN A 141 -1.00 22.46 -24.13
CA GLN A 141 -0.82 23.58 -23.15
C GLN A 141 -2.00 24.53 -23.09
N GLY A 142 -2.42 25.04 -24.23
CA GLY A 142 -3.51 25.99 -24.26
C GLY A 142 -4.81 25.37 -23.74
N PRO A 143 -5.19 24.23 -24.29
CA PRO A 143 -6.42 23.58 -23.83
C PRO A 143 -6.45 23.22 -22.34
N TYR A 144 -5.36 22.70 -21.79
CA TYR A 144 -5.29 22.47 -20.33
C TYR A 144 -5.30 23.74 -19.50
N ALA A 145 -4.57 24.77 -19.93
CA ALA A 145 -4.61 26.04 -19.21
C ALA A 145 -5.99 26.61 -19.18
N ASP A 146 -6.66 26.61 -20.33
CA ASP A 146 -8.02 27.12 -20.41
C ASP A 146 -8.99 26.29 -19.54
N ALA A 147 -8.86 24.96 -19.63
CA ALA A 147 -9.71 24.06 -18.85
C ALA A 147 -9.58 24.35 -17.35
N LEU A 148 -8.35 24.42 -16.85
CA LEU A 148 -8.16 24.69 -15.42
C LEU A 148 -8.70 26.07 -15.02
N ARG A 149 -8.53 27.05 -15.89
CA ARG A 149 -9.06 28.37 -15.60
C ARG A 149 -10.59 28.33 -15.43
N THR A 150 -11.27 27.55 -16.25
CA THR A 150 -12.73 27.44 -16.12
C THR A 150 -13.09 26.75 -14.78
N LEU A 151 -12.19 25.94 -14.24
CA LEU A 151 -12.37 25.32 -12.92
C LEU A 151 -11.79 26.18 -11.77
N GLY A 152 -11.27 27.36 -12.09
CA GLY A 152 -10.88 28.34 -11.09
C GLY A 152 -9.41 28.28 -10.66
N TYR A 153 -8.58 27.63 -11.46
CA TYR A 153 -7.18 27.51 -11.17
C TYR A 153 -6.29 27.90 -12.34
N GLU A 154 -5.14 28.47 -11.99
CA GLU A 154 -4.02 28.63 -12.91
C GLU A 154 -3.20 27.35 -12.87
N LEU A 155 -2.74 26.91 -14.03
CA LEU A 155 -2.00 25.68 -14.13
C LEU A 155 -0.76 25.67 -13.20
N GLU A 156 -0.09 26.81 -13.03
CA GLU A 156 1.06 26.89 -12.13
C GLU A 156 0.72 26.50 -10.68
N GLU A 157 -0.41 26.97 -10.16
CA GLU A 157 -0.84 26.59 -8.79
CA GLU A 157 -0.82 26.62 -8.79
C GLU A 157 -1.00 25.08 -8.68
N ILE A 158 -1.54 24.47 -9.71
CA ILE A 158 -1.75 23.04 -9.67
C ILE A 158 -0.42 22.32 -9.83
N ALA A 159 0.45 22.81 -10.74
CA ALA A 159 1.73 22.14 -11.01
C ALA A 159 2.61 22.10 -9.77
N GLU A 160 2.54 23.14 -8.95
CA GLU A 160 3.29 23.18 -7.69
C GLU A 160 2.83 22.21 -6.62
N GLN A 161 1.65 21.61 -6.76
CA GLN A 161 1.21 20.59 -5.83
C GLN A 161 1.84 19.23 -6.06
N GLU A 162 2.43 19.02 -7.23
CA GLU A 162 2.96 17.72 -7.56
C GLU A 162 4.32 17.49 -6.90
N LYS A 163 4.48 16.33 -6.28
CA LYS A 163 5.74 15.94 -5.68
C LYS A 163 6.60 15.32 -6.75
N ASP A 164 7.89 15.62 -6.75
CA ASP A 164 8.80 14.91 -7.66
C ASP A 164 8.78 13.41 -7.38
N ALA A 165 8.81 12.57 -8.43
CA ALA A 165 8.97 11.14 -8.23
C ALA A 165 10.37 10.85 -7.74
N ALA A 166 10.50 10.41 -6.48
CA ALA A 166 11.81 10.33 -5.79
C ALA A 166 12.50 9.01 -6.13
N LEU A 167 12.84 8.87 -7.41
CA LEU A 167 13.32 7.59 -7.95
C LEU A 167 14.81 7.60 -8.26
N GLY A 168 15.49 8.67 -7.86
CA GLY A 168 16.89 8.87 -8.23
C GLY A 168 17.49 9.90 -7.34
N ASN A 169 18.77 10.18 -7.56
CA ASN A 169 19.47 11.15 -6.76
C ASN A 169 20.17 12.20 -7.58
N GLY A 170 21.00 11.77 -8.51
CA GLY A 170 21.87 12.69 -9.23
C GLY A 170 21.91 12.52 -10.72
N GLY A 171 23.00 12.99 -11.30
CA GLY A 171 23.12 13.08 -12.76
C GLY A 171 22.94 11.77 -13.47
N LEU A 172 23.35 10.66 -12.84
CA LEU A 172 23.22 9.34 -13.41
C LEU A 172 21.75 9.06 -13.66
N GLY A 173 20.91 9.46 -12.70
CA GLY A 173 19.51 9.26 -12.80
C GLY A 173 18.82 10.23 -13.74
N ARG A 174 19.28 11.48 -13.77
CA ARG A 174 18.68 12.44 -14.68
C ARG A 174 19.06 12.10 -16.12
N LEU A 175 20.28 11.57 -16.32
CA LEU A 175 20.66 11.08 -17.64
C LEU A 175 19.71 10.00 -18.15
N ALA A 176 19.41 9.03 -17.29
CA ALA A 176 18.45 7.97 -17.63
C ALA A 176 17.10 8.57 -18.00
N SER A 177 16.69 9.58 -17.25
CA SER A 177 15.40 10.22 -17.51
C SER A 177 15.37 11.01 -18.81
N CYS A 178 16.43 11.74 -19.12
CA CYS A 178 16.50 12.43 -20.41
C CYS A 178 16.51 11.41 -21.56
N PHE A 179 17.23 10.31 -21.35
CA PHE A 179 17.31 9.26 -22.34
C PHE A 179 15.93 8.72 -22.65
N LEU A 180 15.10 8.49 -21.62
CA LEU A 180 13.75 7.97 -21.88
C LEU A 180 12.93 8.91 -22.75
N ASP A 181 13.03 10.21 -22.49
CA ASP A 181 12.31 11.21 -23.27
C ASP A 181 12.78 11.17 -24.72
N SER A 182 14.09 10.99 -24.91
CA SER A 182 14.64 10.97 -26.26
C SER A 182 14.25 9.68 -26.95
N MET A 183 14.31 8.55 -26.23
CA MET A 183 13.86 7.28 -26.81
C MET A 183 12.41 7.39 -27.38
N ALA A 184 11.51 7.94 -26.57
CA ALA A 184 10.15 8.16 -27.00
C ALA A 184 10.08 9.03 -28.26
N THR A 185 10.69 10.20 -28.19
CA THR A 185 10.64 11.20 -29.23
C THR A 185 11.24 10.71 -30.55
N LEU A 186 12.27 9.89 -30.46
CA LEU A 186 12.92 9.33 -31.64
C LEU A 186 12.22 8.05 -32.17
N ASN A 187 11.10 7.71 -31.55
CA ASN A 187 10.28 6.58 -31.97
C ASN A 187 10.99 5.25 -31.81
N LEU A 188 11.93 5.21 -30.88
CA LEU A 188 12.73 4.00 -30.71
C LEU A 188 12.05 2.97 -29.82
N PRO A 189 12.20 1.68 -30.15
CA PRO A 189 11.68 0.62 -29.29
C PRO A 189 12.64 0.40 -28.13
N ALA A 190 12.38 1.10 -27.02
CA ALA A 190 13.33 1.19 -25.91
C ALA A 190 12.52 1.49 -24.65
N TRP A 191 12.86 0.77 -23.59
CA TRP A 191 12.26 0.95 -22.26
C TRP A 191 13.34 1.17 -21.26
N GLY A 192 12.97 1.74 -20.13
CA GLY A 192 13.83 1.74 -18.94
C GLY A 192 13.24 0.83 -17.87
N TYR A 193 14.10 0.14 -17.13
CA TYR A 193 13.68 -0.56 -15.91
C TYR A 193 14.34 0.09 -14.72
N GLY A 194 13.62 0.13 -13.60
CA GLY A 194 14.17 0.66 -12.35
C GLY A 194 13.47 0.11 -11.16
N LEU A 195 13.89 0.54 -9.97
CA LEU A 195 13.25 0.19 -8.70
C LEU A 195 12.29 1.30 -8.29
N ARG A 196 11.15 0.91 -7.74
CA ARG A 196 10.15 1.84 -7.25
C ARG A 196 10.51 2.20 -5.80
N TYR A 197 11.48 3.08 -5.65
CA TYR A 197 11.89 3.51 -4.29
C TYR A 197 10.75 4.32 -3.65
N ARG A 198 10.44 4.02 -2.42
CA ARG A 198 9.38 4.73 -1.69
CA ARG A 198 9.39 4.73 -1.69
C ARG A 198 9.88 6.09 -1.15
N HIS A 199 11.09 6.13 -0.61
CA HIS A 199 11.55 7.34 0.10
C HIS A 199 12.73 8.05 -0.48
N GLY A 200 13.06 7.77 -1.72
CA GLY A 200 14.12 8.45 -2.41
C GLY A 200 15.45 8.28 -1.71
N LEU A 201 16.25 9.33 -1.68
CA LEU A 201 17.48 9.36 -0.92
C LEU A 201 17.13 10.03 0.41
N PHE A 202 16.81 11.32 0.38
CA PHE A 202 16.18 12.03 1.47
C PHE A 202 15.66 13.37 0.98
N LYS A 203 14.65 13.87 1.66
CA LYS A 203 14.25 15.27 1.52
C LYS A 203 15.14 16.08 2.43
N GLN A 204 15.77 17.11 1.89
CA GLN A 204 16.65 17.94 2.73
C GLN A 204 15.86 19.05 3.39
N ILE A 205 15.95 19.14 4.71
CA ILE A 205 15.39 20.23 5.52
C ILE A 205 16.58 21.08 5.99
N ILE A 206 16.45 22.39 6.00
CA ILE A 206 17.46 23.25 6.58
C ILE A 206 16.92 23.84 7.88
N THR A 207 17.61 23.54 8.98
CA THR A 207 17.30 24.11 10.27
C THR A 207 18.46 25.00 10.64
N LYS A 208 18.41 25.64 11.82
CA LYS A 208 19.55 26.45 12.24
C LYS A 208 20.81 25.58 12.35
N LYS A 209 20.63 24.28 12.62
CA LYS A 209 21.75 23.35 12.74
C LYS A 209 22.37 22.93 11.40
N GLY A 210 21.71 23.22 10.30
CA GLY A 210 22.15 22.86 8.98
C GLY A 210 21.22 21.88 8.33
N GLN A 211 21.78 20.95 7.53
CA GLN A 211 20.97 19.94 6.89
C GLN A 211 20.47 18.88 7.88
N GLU A 212 19.20 18.54 7.73
CA GLU A 212 18.60 17.37 8.35
C GLU A 212 17.98 16.56 7.21
N GLU A 213 17.91 15.24 7.39
CA GLU A 213 17.50 14.32 6.35
C GLU A 213 16.21 13.64 6.77
N ILE A 214 15.19 13.76 5.94
CA ILE A 214 13.94 13.05 6.23
C ILE A 214 13.48 12.27 5.01
N PRO A 215 12.78 11.15 5.26
CA PRO A 215 12.31 10.39 4.14
C PRO A 215 11.39 11.17 3.19
N GLU A 216 11.50 10.90 1.90
CA GLU A 216 10.59 11.50 0.93
C GLU A 216 9.22 10.88 1.12
N ASP A 217 8.17 11.61 0.74
CA ASP A 217 6.83 11.14 0.99
C ASP A 217 5.98 11.10 -0.28
N TRP A 218 6.62 11.05 -1.44
CA TRP A 218 5.88 11.14 -2.73
C TRP A 218 4.84 10.05 -2.96
N LEU A 219 4.95 8.90 -2.29
CA LEU A 219 3.98 7.79 -2.46
C LEU A 219 3.08 7.62 -1.29
N GLU A 220 3.15 8.52 -0.31
CA GLU A 220 2.38 8.30 0.92
C GLU A 220 0.89 8.47 0.73
N LYS A 221 0.47 9.23 -0.27
CA LYS A 221 -0.93 9.21 -0.70
C LYS A 221 -0.98 8.29 -1.91
N PHE A 222 -0.59 8.80 -3.07
CA PHE A 222 -0.46 7.96 -4.28
C PHE A 222 0.17 8.74 -5.40
N SER A 223 0.63 8.03 -6.42
CA SER A 223 1.13 8.66 -7.64
C SER A 223 0.10 8.43 -8.72
N PRO A 224 -0.41 9.52 -9.31
CA PRO A 224 -1.44 9.35 -10.32
C PRO A 224 -0.91 8.90 -11.65
N TRP A 225 0.39 8.82 -11.84
CA TRP A 225 0.93 8.52 -13.15
C TRP A 225 1.03 7.03 -13.37
N GLU A 226 1.41 6.32 -12.33
CA GLU A 226 1.84 4.93 -12.51
C GLU A 226 0.63 4.00 -12.76
N ILE A 227 0.91 2.86 -13.36
CA ILE A 227 -0.09 1.87 -13.67
C ILE A 227 0.46 0.54 -13.12
N VAL A 228 -0.21 -0.01 -12.12
CA VAL A 228 0.19 -1.30 -11.59
C VAL A 228 -0.21 -2.42 -12.57
N ARG A 229 0.61 -3.46 -12.64
CA ARG A 229 0.35 -4.62 -13.48
C ARG A 229 0.44 -5.90 -12.62
N HIS A 230 -0.68 -6.25 -12.01
CA HIS A 230 -0.72 -7.35 -11.05
C HIS A 230 -0.44 -8.70 -11.64
N ASP A 231 -0.62 -8.83 -12.97
CA ASP A 231 -0.23 -10.03 -13.66
C ASP A 231 1.27 -10.13 -13.90
N VAL A 232 2.00 -9.02 -13.86
CA VAL A 232 3.46 -8.99 -14.11
C VAL A 232 4.24 -9.09 -12.78
N VAL A 233 4.41 -10.31 -12.35
CA VAL A 233 5.05 -10.63 -11.09
C VAL A 233 6.07 -11.74 -11.35
N PHE A 234 7.30 -11.50 -10.93
CA PHE A 234 8.35 -12.51 -11.07
C PHE A 234 9.01 -12.77 -9.74
N PRO A 235 9.39 -14.05 -9.51
CA PRO A 235 10.08 -14.36 -8.28
C PRO A 235 11.57 -14.01 -8.34
N VAL A 236 12.09 -13.48 -7.25
CA VAL A 236 13.50 -13.16 -7.13
C VAL A 236 14.02 -13.81 -5.84
N ARG A 237 15.07 -14.60 -5.98
CA ARG A 237 15.64 -15.36 -4.88
C ARG A 237 16.86 -14.69 -4.29
N PHE A 238 17.12 -15.00 -3.02
CA PHE A 238 18.32 -14.57 -2.31
C PHE A 238 18.81 -15.69 -1.40
N PHE A 239 20.11 -15.70 -1.15
CA PHE A 239 20.74 -16.71 -0.30
C PHE A 239 20.56 -18.09 -0.94
N GLY A 240 20.28 -19.11 -0.15
CA GLY A 240 20.03 -20.47 -0.68
C GLY A 240 21.33 -21.18 -1.09
N LYS A 241 21.20 -22.08 -2.05
CA LYS A 241 22.29 -22.99 -2.43
C LYS A 241 22.03 -23.53 -3.82
N VAL A 242 23.04 -24.18 -4.37
CA VAL A 242 22.98 -24.75 -5.72
C VAL A 242 22.77 -26.27 -5.64
N GLN A 243 21.63 -26.72 -6.13
CA GLN A 243 21.31 -28.11 -6.28
C GLN A 243 21.93 -28.65 -7.56
N VAL A 244 22.52 -29.84 -7.47
CA VAL A 244 23.04 -30.52 -8.65
C VAL A 244 22.08 -31.65 -9.01
N ASN A 245 21.52 -31.57 -10.21
CA ASN A 245 20.55 -32.55 -10.67
C ASN A 245 21.21 -33.82 -11.15
N PRO A 246 20.44 -34.93 -11.18
CA PRO A 246 21.00 -36.21 -11.59
C PRO A 246 21.64 -36.19 -13.00
N ASP A 247 21.13 -35.35 -13.90
CA ASP A 247 21.69 -35.25 -15.25
C ASP A 247 22.94 -34.39 -15.36
N GLY A 248 23.29 -33.67 -14.29
CA GLY A 248 24.42 -32.74 -14.29
C GLY A 248 24.05 -31.27 -14.39
N SER A 249 22.79 -30.98 -14.69
CA SER A 249 22.32 -29.59 -14.67
C SER A 249 22.29 -29.07 -13.23
N ARG A 250 22.13 -27.78 -13.07
CA ARG A 250 22.25 -27.14 -11.75
C ARG A 250 21.02 -26.23 -11.56
N LYS A 251 20.62 -26.05 -10.31
CA LYS A 251 19.46 -25.24 -9.99
C LYS A 251 19.65 -24.49 -8.66
N TRP A 252 19.45 -23.19 -8.67
CA TRP A 252 19.44 -22.41 -7.44
C TRP A 252 18.17 -22.67 -6.70
N VAL A 253 18.32 -23.07 -5.43
CA VAL A 253 17.19 -23.45 -4.58
C VAL A 253 17.31 -22.83 -3.19
N ASP A 254 16.21 -22.88 -2.45
CA ASP A 254 16.13 -22.49 -1.05
C ASP A 254 16.38 -20.98 -0.88
N GLY A 255 16.75 -20.54 0.33
CA GLY A 255 16.87 -19.12 0.59
C GLY A 255 15.51 -18.42 0.67
N ASP A 256 15.52 -17.11 0.44
CA ASP A 256 14.33 -16.29 0.50
C ASP A 256 13.86 -16.02 -0.94
N VAL A 257 12.56 -15.96 -1.13
CA VAL A 257 11.99 -15.55 -2.39
C VAL A 257 11.04 -14.38 -2.17
N VAL A 258 11.30 -13.30 -2.89
CA VAL A 258 10.43 -12.10 -2.91
C VAL A 258 9.72 -12.01 -4.25
N GLN A 259 8.61 -11.29 -4.29
CA GLN A 259 7.85 -11.12 -5.50
C GLN A 259 8.23 -9.76 -6.07
N ALA A 260 8.49 -9.69 -7.36
CA ALA A 260 8.74 -8.41 -8.05
C ALA A 260 7.48 -8.05 -8.79
N LEU A 261 6.85 -6.94 -8.40
CA LEU A 261 5.60 -6.47 -9.01
C LEU A 261 5.87 -5.26 -9.88
N ALA A 262 5.38 -5.29 -11.10
CA ALA A 262 5.66 -4.20 -12.06
C ALA A 262 4.66 -3.04 -11.96
N TYR A 263 5.20 -1.84 -12.07
CA TYR A 263 4.40 -0.62 -12.29
C TYR A 263 4.95 0.10 -13.51
N ASP A 264 4.10 0.48 -14.45
CA ASP A 264 4.54 1.27 -15.58
C ASP A 264 4.32 2.74 -15.39
N VAL A 265 5.33 3.50 -15.77
CA VAL A 265 5.25 4.96 -15.89
C VAL A 265 5.37 5.29 -17.37
N PRO A 266 4.23 5.68 -18.00
CA PRO A 266 4.27 6.03 -19.41
C PRO A 266 5.14 7.22 -19.66
N ILE A 267 5.98 7.09 -20.69
CA ILE A 267 6.86 8.18 -21.10
C ILE A 267 6.45 8.64 -22.50
N PRO A 268 5.78 9.80 -22.63
CA PRO A 268 5.36 10.24 -23.95
C PRO A 268 6.50 10.92 -24.72
N GLY A 269 6.46 10.80 -26.04
CA GLY A 269 7.42 11.48 -26.90
C GLY A 269 6.87 12.79 -27.38
N TYR A 270 7.75 13.66 -27.84
CA TYR A 270 7.34 14.94 -28.41
C TYR A 270 6.94 14.75 -29.86
N GLY A 271 5.74 15.15 -30.21
CA GLY A 271 5.30 15.14 -31.61
C GLY A 271 5.13 13.76 -32.22
N THR A 272 4.86 12.80 -31.35
CA THR A 272 4.65 11.39 -31.74
C THR A 272 3.67 10.70 -30.81
N LYS A 273 3.00 9.70 -31.34
CA LYS A 273 2.18 8.78 -30.57
C LYS A 273 3.01 7.86 -29.68
N ASN A 274 4.27 7.64 -30.06
CA ASN A 274 5.11 6.71 -29.37
C ASN A 274 5.24 7.07 -27.90
N THR A 275 4.90 6.09 -27.06
CA THR A 275 4.81 6.26 -25.61
C THR A 275 5.39 4.96 -25.01
N ILE A 276 6.60 5.07 -24.46
CA ILE A 276 7.34 3.91 -23.97
C ILE A 276 7.14 3.81 -22.46
N SER A 277 7.82 2.87 -21.83
CA SER A 277 7.68 2.66 -20.39
C SER A 277 8.98 2.84 -19.66
N LEU A 278 8.86 3.46 -18.49
CA LEU A 278 9.74 3.22 -17.36
C LEU A 278 9.02 2.24 -16.46
N ARG A 279 9.48 0.99 -16.46
CA ARG A 279 8.84 -0.07 -15.72
C ARG A 279 9.62 -0.24 -14.42
N LEU A 280 8.91 -0.05 -13.32
CA LEU A 280 9.50 -0.03 -12.01
C LEU A 280 9.05 -1.24 -11.20
N TRP A 281 9.97 -1.80 -10.41
CA TRP A 281 9.71 -2.97 -9.62
C TRP A 281 9.57 -2.66 -8.16
N GLU A 282 8.52 -3.21 -7.56
CA GLU A 282 8.31 -3.16 -6.10
C GLU A 282 8.54 -4.57 -5.57
N ALA A 283 9.36 -4.69 -4.53
CA ALA A 283 9.62 -5.98 -3.87
C ALA A 283 8.52 -6.23 -2.82
N LYS A 284 7.88 -7.38 -2.90
CA LYS A 284 6.78 -7.72 -1.99
C LYS A 284 6.94 -9.15 -1.47
N ALA A 285 6.49 -9.38 -0.26
CA ALA A 285 6.29 -10.75 0.22
C ALA A 285 4.83 -11.07 -0.05
N ARG A 286 4.51 -12.35 -0.04
CA ARG A 286 3.11 -12.81 -0.22
C ARG A 286 2.40 -12.74 1.14
N ALA A 287 1.08 -12.59 1.17
CA ALA A 287 0.34 -12.73 2.43
C ALA A 287 0.78 -13.99 3.21
N GLU A 288 0.93 -15.10 2.49
CA GLU A 288 1.30 -16.41 3.06
C GLU A 288 2.68 -16.41 3.75
N ASP A 289 3.49 -15.40 3.47
CA ASP A 289 4.81 -15.33 4.09
C ASP A 289 4.74 -14.81 5.53
N LEU A 290 3.59 -14.26 5.94
CA LEU A 290 3.41 -13.84 7.32
C LEU A 290 3.12 -15.08 8.16
N ASP A 291 3.84 -15.26 9.26
CA ASP A 291 3.71 -16.48 10.06
C ASP A 291 2.70 -16.17 11.17
N LEU A 292 1.47 -16.67 11.01
CA LEU A 292 0.45 -16.39 12.01
C LEU A 292 0.75 -16.94 13.38
N PHE A 293 1.36 -18.12 13.45
CA PHE A 293 1.70 -18.69 14.76
C PHE A 293 2.58 -17.68 15.54
N GLN A 294 3.62 -17.19 14.92
CA GLN A 294 4.53 -16.24 15.58
CA GLN A 294 4.53 -16.25 15.58
C GLN A 294 3.80 -14.94 15.92
N PHE A 295 2.97 -14.45 15.02
CA PHE A 295 2.24 -13.22 15.23
C PHE A 295 1.33 -13.35 16.45
N ASN A 296 0.65 -14.48 16.53
CA ASN A 296 -0.26 -14.72 17.63
C ASN A 296 0.43 -15.06 18.96
N GLU A 297 1.74 -15.35 18.90
CA GLU A 297 2.58 -15.50 20.09
C GLU A 297 3.19 -14.16 20.53
N GLY A 298 2.90 -13.09 19.80
CA GLY A 298 3.42 -11.75 20.08
C GLY A 298 4.81 -11.49 19.52
N GLU A 299 5.29 -12.34 18.61
CA GLU A 299 6.64 -12.21 18.05
C GLU A 299 6.49 -11.54 16.69
N TYR A 300 6.13 -10.27 16.72
CA TYR A 300 5.67 -9.58 15.53
C TYR A 300 6.78 -9.40 14.49
N GLU A 301 8.01 -9.10 14.92
CA GLU A 301 9.12 -8.91 13.97
C GLU A 301 9.49 -10.19 13.28
N LEU A 302 9.52 -11.27 14.04
CA LEU A 302 9.77 -12.60 13.44
C LEU A 302 8.67 -12.96 12.48
N ALA A 303 7.42 -12.74 12.89
CA ALA A 303 6.29 -13.14 12.04
C ALA A 303 6.35 -12.52 10.66
N ALA A 304 6.77 -11.25 10.62
CA ALA A 304 6.74 -10.43 9.41
C ALA A 304 8.13 -10.21 8.82
N GLN A 305 9.06 -11.07 9.17
CA GLN A 305 10.44 -10.87 8.73
C GLN A 305 10.62 -10.87 7.20
N LEU A 306 9.90 -11.73 6.46
CA LEU A 306 10.03 -11.72 5.01
CA LEU A 306 10.07 -11.69 4.98
C LEU A 306 9.44 -10.44 4.41
N HIS A 307 8.31 -9.97 4.97
CA HIS A 307 7.75 -8.67 4.56
CA HIS A 307 7.75 -8.66 4.59
C HIS A 307 8.76 -7.57 4.82
N SER A 308 9.41 -7.61 5.97
CA SER A 308 10.42 -6.60 6.34
C SER A 308 11.59 -6.61 5.33
N ARG A 309 12.09 -7.79 5.03
CA ARG A 309 13.23 -7.90 4.08
C ARG A 309 12.82 -7.45 2.66
N ALA A 310 11.59 -7.70 2.28
CA ALA A 310 11.07 -7.22 1.00
C ALA A 310 11.00 -5.69 1.02
N GLN A 311 10.42 -5.13 2.07
CA GLN A 311 10.24 -3.67 2.12
CA GLN A 311 10.24 -3.69 2.15
C GLN A 311 11.56 -2.94 2.11
N GLN A 312 12.58 -3.53 2.72
CA GLN A 312 13.90 -2.92 2.80
C GLN A 312 14.47 -2.62 1.39
N ILE A 313 14.17 -3.50 0.43
CA ILE A 313 14.72 -3.37 -0.93
C ILE A 313 14.33 -2.04 -1.60
N CYS A 314 13.11 -1.60 -1.38
CA CYS A 314 12.64 -0.38 -2.02
C CYS A 314 12.47 0.80 -1.06
N THR A 315 13.08 0.75 0.11
CA THR A 315 12.94 1.86 1.05
C THR A 315 13.64 3.15 0.56
N VAL A 316 14.97 3.05 0.42
CA VAL A 316 15.77 4.21 -0.04
C VAL A 316 16.80 3.81 -1.09
N LEU A 317 17.18 4.81 -1.87
CA LEU A 317 18.38 4.74 -2.70
C LEU A 317 19.65 4.63 -1.87
N TYR A 318 20.60 3.86 -2.38
CA TYR A 318 21.95 3.77 -1.82
C TYR A 318 21.97 3.61 -0.31
N PRO A 319 21.32 2.58 0.19
CA PRO A 319 21.28 2.39 1.65
C PRO A 319 22.69 2.28 2.17
N GLY A 320 22.93 2.89 3.34
CA GLY A 320 24.27 2.99 3.90
C GLY A 320 24.88 1.60 4.01
N ASP A 321 26.14 1.48 3.60
CA ASP A 321 26.78 0.18 3.48
C ASP A 321 28.09 0.06 4.22
N ALA A 322 28.25 0.77 5.33
CA ALA A 322 29.45 0.59 6.15
C ALA A 322 29.41 -0.75 6.88
N THR A 323 28.24 -1.34 7.05
CA THR A 323 28.07 -2.63 7.73
C THR A 323 27.79 -3.75 6.71
N GLU A 324 28.03 -4.99 7.12
CA GLU A 324 27.66 -6.14 6.29
C GLU A 324 26.19 -6.14 5.88
N ASN A 325 25.29 -5.82 6.81
CA ASN A 325 23.88 -5.74 6.50
C ASN A 325 23.61 -4.84 5.31
N GLY A 326 24.24 -3.66 5.31
CA GLY A 326 24.03 -2.67 4.28
C GLY A 326 24.64 -3.07 2.95
N LYS A 327 25.80 -3.71 3.00
CA LYS A 327 26.41 -4.23 1.77
C LYS A 327 25.46 -5.25 1.15
N LEU A 328 24.96 -6.16 1.98
CA LEU A 328 24.03 -7.16 1.47
C LEU A 328 22.80 -6.52 0.89
N LEU A 329 22.24 -5.49 1.56
CA LEU A 329 21.03 -4.85 1.06
C LEU A 329 21.30 -4.15 -0.29
N ARG A 330 22.46 -3.51 -0.44
CA ARG A 330 22.80 -2.95 -1.76
C ARG A 330 22.85 -4.00 -2.84
N LEU A 331 23.45 -5.16 -2.54
CA LEU A 331 23.53 -6.22 -3.54
C LEU A 331 22.16 -6.79 -3.85
N LYS A 332 21.31 -6.92 -2.80
CA LYS A 332 19.92 -7.38 -3.04
C LYS A 332 19.21 -6.44 -4.01
N GLN A 333 19.37 -5.13 -3.80
CA GLN A 333 18.69 -4.18 -4.69
C GLN A 333 19.11 -4.35 -6.14
N GLN A 334 20.41 -4.46 -6.35
CA GLN A 334 20.96 -4.63 -7.67
C GLN A 334 20.48 -5.93 -8.28
N PHE A 335 20.58 -7.02 -7.54
CA PHE A 335 20.12 -8.29 -8.07
C PHE A 335 18.61 -8.27 -8.40
N PHE A 336 17.83 -7.69 -7.50
CA PHE A 336 16.37 -7.59 -7.70
C PHE A 336 16.06 -6.87 -9.01
N LEU A 337 16.69 -5.72 -9.25
CA LEU A 337 16.47 -5.01 -10.51
C LEU A 337 16.80 -5.93 -11.68
N CYS A 338 17.96 -6.55 -11.64
CA CYS A 338 18.45 -7.34 -12.76
C CYS A 338 17.60 -8.56 -13.06
N SER A 339 17.28 -9.30 -12.00
CA SER A 339 16.54 -10.55 -12.16
C SER A 339 15.09 -10.31 -12.62
N ALA A 340 14.37 -9.39 -11.99
CA ALA A 340 13.02 -9.09 -12.38
C ALA A 340 12.98 -8.61 -13.84
N SER A 341 13.89 -7.69 -14.18
CA SER A 341 13.89 -7.10 -15.50
C SER A 341 14.21 -8.12 -16.57
N LEU A 342 15.23 -8.94 -16.34
CA LEU A 342 15.59 -9.96 -17.34
C LEU A 342 14.48 -11.00 -17.53
N GLN A 343 13.82 -11.41 -16.45
CA GLN A 343 12.71 -12.34 -16.56
C GLN A 343 11.57 -11.78 -17.42
N ASP A 344 11.27 -10.50 -17.24
CA ASP A 344 10.27 -9.77 -18.01
C ASP A 344 10.68 -9.66 -19.49
N ILE A 345 11.94 -9.33 -19.74
CA ILE A 345 12.50 -9.16 -21.11
C ILE A 345 12.38 -10.49 -21.86
N ILE A 346 12.80 -11.58 -21.21
CA ILE A 346 12.75 -12.90 -21.81
C ILE A 346 11.29 -13.29 -22.09
N SER A 347 10.40 -13.02 -21.13
CA SER A 347 8.98 -13.26 -21.34
C SER A 347 8.43 -12.53 -22.57
N ARG A 348 8.86 -11.27 -22.75
CA ARG A 348 8.37 -10.48 -23.87
C ARG A 348 8.93 -10.99 -25.19
N PHE A 349 10.19 -11.36 -25.19
CA PHE A 349 10.83 -11.99 -26.39
C PHE A 349 9.99 -13.18 -26.87
N HIS A 350 9.61 -14.07 -25.97
CA HIS A 350 8.75 -15.20 -26.35
C HIS A 350 7.35 -14.86 -26.77
N GLU A 351 6.74 -13.87 -26.12
CA GLU A 351 5.34 -13.55 -26.41
C GLU A 351 5.18 -12.97 -27.82
N ARG A 352 6.26 -12.45 -28.38
CA ARG A 352 6.22 -11.89 -29.72
C ARG A 352 6.36 -12.94 -30.82
N SER A 353 6.61 -14.20 -30.42
CA SER A 353 6.74 -15.30 -31.38
C SER A 353 5.44 -15.46 -32.13
N THR A 354 5.53 -15.82 -33.41
CA THR A 354 4.35 -15.96 -34.23
C THR A 354 4.00 -17.42 -34.49
N THR A 355 4.74 -18.36 -33.88
CA THR A 355 4.69 -19.79 -34.29
C THR A 355 4.32 -20.76 -33.18
N ARG A 359 10.56 -19.76 -29.85
CA ARG A 359 11.43 -19.17 -30.87
C ARG A 359 12.89 -19.48 -30.54
N LYS A 360 13.75 -19.46 -31.55
CA LYS A 360 15.14 -19.84 -31.40
C LYS A 360 15.90 -18.83 -30.54
N TRP A 361 16.74 -19.34 -29.64
CA TRP A 361 17.53 -18.48 -28.79
C TRP A 361 18.55 -17.67 -29.55
N SER A 362 18.99 -18.19 -30.68
CA SER A 362 19.88 -17.45 -31.54
C SER A 362 19.30 -16.07 -31.93
N GLU A 363 17.98 -15.90 -31.90
CA GLU A 363 17.36 -14.62 -32.24
C GLU A 363 17.49 -13.59 -31.12
N PHE A 364 17.82 -14.05 -29.92
CA PHE A 364 17.74 -13.19 -28.74
C PHE A 364 18.62 -11.92 -28.82
N PRO A 365 19.91 -12.07 -29.14
CA PRO A 365 20.74 -10.87 -29.24
C PRO A 365 20.40 -10.01 -30.49
N SER A 366 19.65 -10.55 -31.43
CA SER A 366 19.14 -9.77 -32.55
C SER A 366 17.85 -9.06 -32.22
N LYS A 367 17.25 -9.40 -31.10
CA LYS A 367 15.98 -8.82 -30.67
C LYS A 367 16.02 -8.08 -29.34
N VAL A 368 17.13 -8.19 -28.60
CA VAL A 368 17.27 -7.58 -27.27
C VAL A 368 18.64 -6.92 -27.13
N ALA A 369 18.64 -5.67 -26.63
CA ALA A 369 19.83 -4.99 -26.15
C ALA A 369 19.57 -4.65 -24.68
N VAL A 370 20.54 -4.92 -23.82
CA VAL A 370 20.46 -4.54 -22.40
C VAL A 370 21.62 -3.58 -22.11
N GLN A 371 21.30 -2.37 -21.71
CA GLN A 371 22.31 -1.38 -21.39
C GLN A 371 22.45 -1.26 -19.88
N MET A 372 23.66 -1.44 -19.37
CA MET A 372 23.96 -1.24 -17.95
C MET A 372 24.47 0.17 -17.73
N ASN A 373 23.69 0.99 -17.01
CA ASN A 373 24.03 2.36 -16.60
C ASN A 373 24.93 2.23 -15.36
N ASP A 374 26.24 2.39 -15.53
CA ASP A 374 27.21 2.15 -14.48
C ASP A 374 27.28 0.64 -14.14
N THR A 375 28.03 0.30 -13.08
CA THR A 375 28.22 -1.12 -12.71
C THR A 375 27.12 -1.67 -11.82
N HIS A 376 26.20 -0.81 -11.43
CA HIS A 376 25.15 -1.28 -10.53
C HIS A 376 24.38 -2.45 -11.11
N PRO A 377 24.12 -2.48 -12.43
CA PRO A 377 23.40 -3.64 -12.99
C PRO A 377 24.30 -4.77 -13.53
N THR A 378 25.54 -4.85 -13.05
CA THR A 378 26.53 -5.86 -13.45
C THR A 378 25.97 -7.28 -13.34
N LEU A 379 25.18 -7.54 -12.32
CA LEU A 379 24.60 -8.88 -12.15
C LEU A 379 23.67 -9.36 -13.26
N ALA A 380 23.25 -8.45 -14.15
CA ALA A 380 22.54 -8.84 -15.37
C ALA A 380 23.32 -9.85 -16.19
N ILE A 381 24.66 -9.79 -16.12
CA ILE A 381 25.50 -10.73 -16.88
C ILE A 381 25.34 -12.17 -16.37
N PRO A 382 25.73 -12.44 -15.12
CA PRO A 382 25.54 -13.82 -14.67
C PRO A 382 24.06 -14.24 -14.51
N GLU A 383 23.16 -13.28 -14.28
CA GLU A 383 21.74 -13.59 -14.19
C GLU A 383 21.16 -14.03 -15.53
N LEU A 384 21.52 -13.33 -16.61
CA LEU A 384 21.10 -13.77 -17.92
C LEU A 384 21.69 -15.17 -18.20
N MET A 385 22.95 -15.38 -17.88
CA MET A 385 23.54 -16.70 -18.04
C MET A 385 22.75 -17.76 -17.26
N ARG A 386 22.40 -17.48 -16.00
CA ARG A 386 21.65 -18.43 -15.17
C ARG A 386 20.29 -18.76 -15.76
N LEU A 387 19.55 -17.70 -16.14
CA LEU A 387 18.24 -17.91 -16.73
C LEU A 387 18.34 -18.72 -18.02
N LEU A 388 19.34 -18.45 -18.85
CA LEU A 388 19.49 -19.19 -20.09
C LEU A 388 19.87 -20.64 -19.85
N MET A 389 20.83 -20.89 -18.97
CA MET A 389 21.37 -22.23 -18.77
C MET A 389 20.50 -23.08 -17.88
N ASP A 390 20.07 -22.54 -16.77
CA ASP A 390 19.34 -23.33 -15.78
C ASP A 390 17.85 -23.39 -16.12
N ASP A 391 17.19 -22.26 -16.20
CA ASP A 391 15.75 -22.24 -16.46
C ASP A 391 15.45 -22.66 -17.91
N ASN A 392 16.33 -22.35 -18.87
CA ASN A 392 16.05 -22.65 -20.29
C ASN A 392 16.95 -23.67 -20.96
N GLY A 393 17.87 -24.29 -20.22
CA GLY A 393 18.61 -25.43 -20.73
C GLY A 393 19.74 -25.20 -21.73
N LEU A 394 20.12 -23.96 -21.97
CA LEU A 394 21.22 -23.67 -22.91
C LEU A 394 22.56 -24.15 -22.36
N GLY A 395 23.43 -24.60 -23.26
CA GLY A 395 24.81 -24.88 -22.90
C GLY A 395 25.59 -23.59 -22.65
N TRP A 396 26.74 -23.69 -21.99
CA TRP A 396 27.54 -22.48 -21.65
C TRP A 396 27.86 -21.64 -22.87
N ASP A 397 28.38 -22.27 -23.92
CA ASP A 397 28.86 -21.51 -25.07
C ASP A 397 27.70 -20.76 -25.75
N GLU A 398 26.56 -21.42 -25.92
CA GLU A 398 25.41 -20.78 -26.53
C GLU A 398 24.93 -19.62 -25.67
N ALA A 399 24.86 -19.84 -24.35
CA ALA A 399 24.37 -18.85 -23.41
C ALA A 399 25.27 -17.62 -23.39
N TRP A 400 26.57 -17.87 -23.42
CA TRP A 400 27.58 -16.83 -23.45
C TRP A 400 27.54 -16.00 -24.71
N ASP A 401 27.33 -16.63 -25.85
CA ASP A 401 27.23 -15.90 -27.10
C ASP A 401 26.04 -14.94 -27.03
N VAL A 402 24.92 -15.42 -26.50
CA VAL A 402 23.73 -14.61 -26.36
C VAL A 402 24.04 -13.45 -25.40
N THR A 403 24.60 -13.78 -24.23
CA THR A 403 24.76 -12.80 -23.16
C THR A 403 25.70 -11.67 -23.62
N SER A 404 26.84 -12.08 -24.15
CA SER A 404 27.90 -11.15 -24.54
C SER A 404 27.44 -10.25 -25.68
N LYS A 405 26.58 -10.74 -26.57
CA LYS A 405 26.03 -9.91 -27.63
C LYS A 405 24.82 -9.05 -27.21
N THR A 406 24.23 -9.35 -26.06
CA THR A 406 23.05 -8.62 -25.57
C THR A 406 23.43 -7.40 -24.71
N VAL A 407 24.47 -7.58 -23.90
CA VAL A 407 24.80 -6.63 -22.85
C VAL A 407 25.90 -5.63 -23.28
N ALA A 408 25.68 -4.35 -22.95
CA ALA A 408 26.71 -3.32 -23.10
C ALA A 408 26.75 -2.50 -21.80
N TYR A 409 27.90 -1.89 -21.56
CA TYR A 409 28.23 -1.24 -20.28
C TYR A 409 28.60 0.23 -20.55
N THR A 410 27.96 1.13 -19.79
CA THR A 410 28.33 2.52 -19.74
C THR A 410 29.02 2.86 -18.41
N ASN A 411 30.24 3.31 -18.52
CA ASN A 411 31.08 3.76 -17.42
C ASN A 411 30.98 5.27 -17.29
N HIS A 412 30.91 5.74 -16.03
CA HIS A 412 30.78 7.15 -15.68
C HIS A 412 31.91 7.66 -14.79
N THR A 413 32.96 6.88 -14.57
CA THR A 413 33.94 7.17 -13.50
C THR A 413 35.30 7.58 -14.01
N VAL A 414 35.95 8.49 -13.26
CA VAL A 414 37.36 8.84 -13.47
C VAL A 414 38.25 8.01 -12.50
N LEU A 415 37.88 7.97 -11.21
CA LEU A 415 38.73 7.36 -10.17
C LEU A 415 38.57 5.83 -10.10
N PRO A 416 39.67 5.09 -10.33
CA PRO A 416 39.57 3.60 -10.23
C PRO A 416 39.05 3.12 -8.86
N GLU A 417 39.39 3.86 -7.82
CA GLU A 417 38.91 3.57 -6.47
C GLU A 417 37.37 3.60 -6.35
N ALA A 418 36.68 4.30 -7.25
CA ALA A 418 35.22 4.34 -7.25
C ALA A 418 34.54 3.08 -7.86
N LEU A 419 35.27 2.23 -8.58
CA LEU A 419 34.67 1.09 -9.30
C LEU A 419 34.27 -0.02 -8.31
N GLU A 420 33.05 -0.52 -8.43
CA GLU A 420 32.47 -1.39 -7.40
C GLU A 420 33.18 -2.70 -7.30
N LYS A 421 33.43 -3.11 -6.06
CA LYS A 421 34.03 -4.40 -5.78
C LYS A 421 33.24 -4.96 -4.62
N TRP A 422 32.99 -6.28 -4.64
CA TRP A 422 32.31 -6.94 -3.54
C TRP A 422 33.10 -8.09 -3.00
N SER A 423 33.07 -8.24 -1.67
CA SER A 423 33.61 -9.41 -1.04
C SER A 423 33.19 -10.72 -1.74
N GLN A 424 34.15 -11.58 -2.02
CA GLN A 424 33.79 -12.90 -2.56
C GLN A 424 32.90 -13.68 -1.59
N SER A 425 33.19 -13.59 -0.30
CA SER A 425 32.41 -14.30 0.71
C SER A 425 30.93 -13.85 0.73
N LEU A 426 30.72 -12.53 0.64
CA LEU A 426 29.35 -12.01 0.62
C LEU A 426 28.62 -12.46 -0.64
N MET A 427 29.30 -12.44 -1.77
CA MET A 427 28.66 -12.83 -3.02
CA MET A 427 28.69 -12.84 -3.02
C MET A 427 28.27 -14.30 -2.97
N TRP A 428 29.14 -15.15 -2.41
CA TRP A 428 28.82 -16.57 -2.29
C TRP A 428 27.59 -16.77 -1.40
N LYS A 429 27.52 -16.00 -0.33
CA LYS A 429 26.44 -16.13 0.66
C LYS A 429 25.09 -15.72 -0.01
N LEU A 430 25.07 -14.59 -0.68
CA LEU A 430 23.81 -14.08 -1.22
C LEU A 430 23.42 -14.70 -2.55
N LEU A 431 24.42 -14.95 -3.40
CA LEU A 431 24.18 -15.31 -4.80
C LEU A 431 25.11 -16.45 -5.23
N PRO A 432 24.95 -17.64 -4.61
CA PRO A 432 25.91 -18.73 -4.84
C PRO A 432 25.97 -19.21 -6.29
N ARG A 433 24.83 -19.25 -6.97
CA ARG A 433 24.83 -19.70 -8.34
C ARG A 433 25.55 -18.69 -9.24
N HIS A 434 25.38 -17.40 -8.93
CA HIS A 434 26.05 -16.35 -9.69
C HIS A 434 27.51 -16.38 -9.48
N MET A 435 27.97 -16.71 -8.27
CA MET A 435 29.42 -16.85 -8.06
C MET A 435 29.96 -18.02 -8.88
N GLU A 436 29.21 -19.11 -9.00
CA GLU A 436 29.69 -20.24 -9.81
C GLU A 436 29.90 -19.79 -11.25
N ILE A 437 28.96 -19.01 -11.75
CA ILE A 437 28.98 -18.50 -13.11
C ILE A 437 30.12 -17.51 -13.28
N ILE A 438 30.30 -16.59 -12.33
CA ILE A 438 31.37 -15.61 -12.43
C ILE A 438 32.75 -16.32 -12.42
N GLU A 439 32.89 -17.33 -11.56
CA GLU A 439 34.14 -18.08 -11.56
C GLU A 439 34.46 -18.70 -12.92
N GLU A 440 33.44 -19.18 -13.61
CA GLU A 440 33.64 -19.83 -14.89
C GLU A 440 33.92 -18.79 -15.97
N ILE A 441 33.25 -17.64 -15.89
CA ILE A 441 33.56 -16.53 -16.80
C ILE A 441 35.04 -16.19 -16.67
N ASP A 442 35.48 -16.02 -15.43
CA ASP A 442 36.86 -15.66 -15.19
C ASP A 442 37.84 -16.76 -15.63
N LYS A 443 37.53 -18.02 -15.35
CA LYS A 443 38.38 -19.14 -15.73
C LYS A 443 38.57 -19.12 -17.25
N ARG A 444 37.48 -18.95 -17.98
CA ARG A 444 37.56 -18.93 -19.45
C ARG A 444 38.28 -17.70 -19.98
N PHE A 445 38.04 -16.54 -19.36
CA PHE A 445 38.76 -15.36 -19.76
C PHE A 445 40.28 -15.47 -19.56
N VAL A 446 40.69 -15.93 -18.39
CA VAL A 446 42.12 -16.10 -18.11
C VAL A 446 42.73 -17.10 -19.09
N GLN A 447 42.01 -18.15 -19.43
CA GLN A 447 42.51 -19.08 -20.44
C GLN A 447 42.68 -18.44 -21.83
N THR A 448 41.75 -17.56 -22.20
CA THR A 448 41.89 -16.81 -23.45
C THR A 448 43.18 -15.99 -23.46
N ILE A 449 43.53 -15.38 -22.34
CA ILE A 449 44.79 -14.63 -22.23
C ILE A 449 45.96 -15.60 -22.43
N ARG A 450 45.91 -16.74 -21.76
CA ARG A 450 47.01 -17.68 -21.86
C ARG A 450 47.15 -18.26 -23.27
N ASP A 451 46.03 -18.40 -23.98
CA ASP A 451 46.03 -19.02 -25.32
C ASP A 451 46.36 -18.04 -26.44
N THR A 452 45.91 -16.80 -26.30
CA THR A 452 45.92 -15.85 -27.41
C THR A 452 46.78 -14.62 -27.15
N ARG A 453 47.09 -14.34 -25.88
CA ARG A 453 47.83 -13.13 -25.52
C ARG A 453 48.83 -13.40 -24.41
N VAL A 454 49.76 -14.30 -24.69
CA VAL A 454 50.76 -14.73 -23.72
C VAL A 454 51.56 -13.54 -23.16
N ASP A 455 51.70 -12.48 -23.96
CA ASP A 455 52.34 -11.23 -23.51
C ASP A 455 51.71 -10.57 -22.28
N LEU A 456 50.44 -10.87 -22.00
CA LEU A 456 49.74 -10.28 -20.85
C LEU A 456 49.68 -11.21 -19.63
N GLU A 457 50.37 -12.35 -19.69
CA GLU A 457 50.33 -13.34 -18.60
C GLU A 457 50.63 -12.71 -17.23
N ASP A 458 51.62 -11.82 -17.18
CA ASP A 458 52.02 -11.17 -15.93
C ASP A 458 50.99 -10.20 -15.38
N LYS A 459 50.02 -9.81 -16.19
CA LYS A 459 48.92 -8.94 -15.77
C LYS A 459 47.62 -9.68 -15.46
N ILE A 460 47.62 -11.00 -15.50
CA ILE A 460 46.41 -11.76 -15.16
C ILE A 460 45.85 -11.37 -13.78
N SER A 461 46.72 -11.15 -12.80
CA SER A 461 46.28 -10.75 -11.46
C SER A 461 45.45 -9.46 -11.45
N SER A 462 45.74 -8.50 -12.34
CA SER A 462 44.98 -7.25 -12.40
C SER A 462 43.83 -7.26 -13.40
N LEU A 463 43.93 -8.11 -14.43
CA LEU A 463 42.88 -8.23 -15.45
C LEU A 463 41.74 -9.18 -15.07
N SER A 464 41.99 -10.14 -14.18
CA SER A 464 40.95 -11.10 -13.80
C SER A 464 39.78 -10.39 -13.09
N ILE A 465 38.60 -10.97 -13.22
CA ILE A 465 37.42 -10.48 -12.52
C ILE A 465 37.57 -10.71 -11.00
N LEU A 466 38.11 -11.86 -10.63
CA LEU A 466 38.35 -12.18 -9.23
C LEU A 466 39.70 -11.68 -8.79
N ASP A 467 39.72 -10.90 -7.70
CA ASP A 467 40.94 -10.44 -7.03
C ASP A 467 41.12 -11.32 -5.83
N ASN A 468 42.10 -12.22 -5.88
CA ASN A 468 42.31 -13.16 -4.79
C ASN A 468 43.35 -12.68 -3.78
N ASN A 469 43.47 -11.35 -3.63
CA ASN A 469 44.23 -10.70 -2.57
C ASN A 469 43.93 -11.44 -1.26
N PRO A 470 44.97 -11.98 -0.60
CA PRO A 470 44.71 -12.80 0.60
C PRO A 470 44.01 -12.04 1.76
N GLN A 471 44.24 -10.74 1.89
CA GLN A 471 43.56 -9.96 2.94
C GLN A 471 42.08 -9.79 2.61
N LYS A 472 41.76 -9.32 1.41
CA LYS A 472 40.39 -9.03 1.01
C LYS A 472 40.04 -9.53 -0.41
N PRO A 473 39.71 -10.82 -0.57
CA PRO A 473 39.31 -11.28 -1.91
C PRO A 473 37.99 -10.71 -2.33
N VAL A 474 37.93 -10.18 -3.55
CA VAL A 474 36.77 -9.46 -4.03
C VAL A 474 36.47 -9.82 -5.49
N VAL A 475 35.26 -9.50 -5.91
CA VAL A 475 34.82 -9.56 -7.29
C VAL A 475 34.86 -8.10 -7.83
N ARG A 476 35.61 -7.91 -8.92
CA ARG A 476 35.74 -6.62 -9.55
C ARG A 476 34.66 -6.47 -10.58
N MET A 477 33.60 -5.77 -10.21
CA MET A 477 32.45 -5.69 -11.07
C MET A 477 32.71 -5.01 -12.41
N ALA A 478 33.55 -3.96 -12.43
CA ALA A 478 33.84 -3.27 -13.70
C ALA A 478 34.55 -4.24 -14.66
N ASN A 479 35.44 -5.07 -14.13
CA ASN A 479 36.16 -6.06 -14.94
C ASN A 479 35.15 -7.07 -15.51
N LEU A 480 34.21 -7.53 -14.70
CA LEU A 480 33.19 -8.41 -15.18
C LEU A 480 32.38 -7.75 -16.30
N CYS A 481 32.04 -6.48 -16.13
CA CYS A 481 31.30 -5.75 -17.17
C CYS A 481 32.12 -5.63 -18.47
N VAL A 482 33.40 -5.26 -18.38
CA VAL A 482 34.21 -5.04 -19.60
C VAL A 482 34.45 -6.38 -20.30
N VAL A 483 34.78 -7.42 -19.53
CA VAL A 483 35.02 -8.75 -20.12
C VAL A 483 33.80 -9.27 -20.88
N SER A 484 32.61 -9.04 -20.35
CA SER A 484 31.40 -9.68 -20.83
C SER A 484 30.64 -8.89 -21.90
N SER A 485 30.76 -7.58 -21.89
CA SER A 485 29.97 -6.71 -22.75
C SER A 485 30.59 -6.58 -24.12
N HIS A 486 29.76 -6.53 -25.16
CA HIS A 486 30.28 -6.37 -26.51
C HIS A 486 30.78 -4.97 -26.74
N THR A 487 30.20 -3.99 -26.03
CA THR A 487 30.58 -2.57 -26.10
C THR A 487 30.67 -1.97 -24.70
N VAL A 488 31.69 -1.14 -24.51
CA VAL A 488 31.84 -0.31 -23.33
C VAL A 488 31.94 1.14 -23.80
N ASN A 489 31.21 2.05 -23.16
CA ASN A 489 31.35 3.49 -23.53
C ASN A 489 31.58 4.37 -22.34
N GLY A 490 32.34 5.43 -22.54
CA GLY A 490 32.37 6.57 -21.64
C GLY A 490 31.44 7.66 -22.11
N VAL A 491 31.43 8.76 -21.38
CA VAL A 491 30.32 9.73 -21.45
C VAL A 491 30.74 11.12 -21.85
N ALA A 492 31.99 11.24 -22.29
CA ALA A 492 32.57 12.46 -22.87
C ALA A 492 33.84 12.04 -23.58
N GLN A 493 34.21 12.77 -24.61
CA GLN A 493 35.36 12.36 -25.39
C GLN A 493 36.60 12.17 -24.54
N LEU A 494 36.92 13.12 -23.67
CA LEU A 494 38.13 12.98 -22.89
C LEU A 494 38.05 11.82 -21.90
N HIS A 495 36.87 11.63 -21.33
CA HIS A 495 36.60 10.52 -20.40
C HIS A 495 36.81 9.21 -21.11
N SER A 496 36.21 9.08 -22.29
CA SER A 496 36.31 7.85 -23.07
C SER A 496 37.76 7.58 -23.45
N ASP A 497 38.49 8.64 -23.81
CA ASP A 497 39.92 8.51 -24.16
C ASP A 497 40.74 7.98 -22.94
N ILE A 498 40.42 8.49 -21.75
CA ILE A 498 41.09 8.06 -20.51
C ILE A 498 40.76 6.60 -20.20
N LEU A 499 39.50 6.21 -20.39
CA LEU A 499 39.16 4.78 -20.20
C LEU A 499 40.07 3.90 -21.08
N LYS A 500 40.24 4.30 -22.34
CA LYS A 500 40.99 3.50 -23.31
C LYS A 500 42.50 3.55 -23.06
N ALA A 501 43.01 4.72 -22.69
CA ALA A 501 44.45 4.94 -22.59
C ALA A 501 45.02 4.47 -21.24
N GLU A 502 44.22 4.50 -20.19
CA GLU A 502 44.74 4.33 -18.86
C GLU A 502 44.01 3.25 -18.06
N LEU A 503 42.73 3.46 -17.80
CA LEU A 503 41.98 2.60 -16.88
C LEU A 503 41.87 1.17 -17.44
N PHE A 504 41.51 1.05 -18.72
CA PHE A 504 41.24 -0.24 -19.33
C PHE A 504 42.10 -0.50 -20.56
N ALA A 505 43.34 -0.01 -20.55
CA ALA A 505 44.26 -0.06 -21.69
C ALA A 505 44.49 -1.49 -22.17
N ASP A 506 44.68 -2.42 -21.25
CA ASP A 506 44.92 -3.80 -21.64
C ASP A 506 43.68 -4.43 -22.27
N TYR A 507 42.50 -4.15 -21.72
CA TYR A 507 41.26 -4.64 -22.34
C TYR A 507 41.09 -4.09 -23.76
N VAL A 508 41.45 -2.84 -23.96
CA VAL A 508 41.38 -2.25 -25.29
C VAL A 508 42.31 -2.96 -26.24
N SER A 509 43.46 -3.39 -25.73
CA SER A 509 44.39 -4.14 -26.54
C SER A 509 43.81 -5.50 -26.94
N ILE A 510 43.08 -6.13 -26.03
CA ILE A 510 42.46 -7.42 -26.29
C ILE A 510 41.31 -7.29 -27.29
N TRP A 511 40.49 -6.26 -27.12
CA TRP A 511 39.31 -6.03 -27.96
C TRP A 511 39.33 -4.62 -28.52
N PRO A 512 40.02 -4.44 -29.66
CA PRO A 512 40.24 -3.10 -30.19
C PRO A 512 38.98 -2.31 -30.57
N ASN A 513 37.85 -2.97 -30.78
CA ASN A 513 36.63 -2.22 -31.14
C ASN A 513 35.56 -2.16 -30.06
N LYS A 514 35.85 -2.71 -28.89
CA LYS A 514 34.87 -2.74 -27.81
C LYS A 514 34.55 -1.33 -27.26
N PHE A 515 35.55 -0.47 -27.17
CA PHE A 515 35.36 0.82 -26.48
C PHE A 515 34.94 1.94 -27.41
N GLN A 516 33.93 2.68 -26.98
CA GLN A 516 33.33 3.80 -27.70
C GLN A 516 33.16 5.00 -26.78
N ASN A 517 32.86 6.15 -27.39
CA ASN A 517 32.40 7.31 -26.66
C ASN A 517 30.92 7.58 -27.01
N LYS A 518 30.12 7.94 -26.02
CA LYS A 518 28.80 8.55 -26.29
C LYS A 518 28.65 9.74 -25.36
N THR A 519 28.90 10.93 -25.91
CA THR A 519 28.84 12.12 -25.08
C THR A 519 27.40 12.30 -24.52
N ASN A 520 27.32 12.58 -23.21
CA ASN A 520 26.03 12.77 -22.54
C ASN A 520 25.26 13.94 -23.15
N GLY A 521 23.98 14.00 -22.84
CA GLY A 521 23.11 15.04 -23.31
C GLY A 521 21.92 15.19 -22.42
N ILE A 522 21.10 16.19 -22.76
CA ILE A 522 19.94 16.60 -21.97
C ILE A 522 18.76 16.80 -22.95
N THR A 523 17.53 16.55 -22.50
CA THR A 523 16.41 16.76 -23.42
C THR A 523 16.02 18.23 -23.50
N PRO A 524 15.90 18.75 -24.74
CA PRO A 524 15.54 20.18 -24.86
C PRO A 524 14.05 20.40 -24.70
N ARG A 525 13.26 19.32 -24.48
CA ARG A 525 11.87 19.49 -24.07
C ARG A 525 11.83 19.98 -22.63
N ARG A 526 12.11 19.10 -21.68
CA ARG A 526 12.07 19.54 -20.26
C ARG A 526 12.98 20.74 -20.01
N TRP A 527 14.17 20.75 -20.63
CA TRP A 527 15.22 21.70 -20.22
C TRP A 527 15.32 22.96 -21.04
N LEU A 528 14.38 23.16 -21.96
CA LEU A 528 14.26 24.46 -22.63
C LEU A 528 12.84 24.77 -23.00
N ARG A 529 12.24 23.95 -23.85
CA ARG A 529 10.89 24.25 -24.30
C ARG A 529 9.88 24.34 -23.17
N PHE A 530 9.98 23.46 -22.15
CA PHE A 530 8.96 23.43 -21.11
C PHE A 530 9.34 24.24 -19.87
N CYS A 531 10.61 24.31 -19.52
CA CYS A 531 11.01 25.09 -18.35
C CYS A 531 11.12 26.58 -18.69
N SER A 532 11.31 26.93 -19.98
CA SER A 532 11.55 28.32 -20.39
CA SER A 532 11.54 28.31 -20.38
C SER A 532 10.72 28.63 -21.64
N PRO A 533 9.40 28.52 -21.52
CA PRO A 533 8.56 28.77 -22.69
C PRO A 533 8.71 30.15 -23.34
N GLU A 534 8.88 31.22 -22.55
CA GLU A 534 8.99 32.56 -23.17
C GLU A 534 10.29 32.66 -24.00
N LEU A 535 11.39 32.14 -23.46
CA LEU A 535 12.65 32.16 -24.24
C LEU A 535 12.50 31.30 -25.50
N SER A 536 11.84 30.17 -25.35
CA SER A 536 11.53 29.27 -26.47
C SER A 536 10.76 29.96 -27.56
N ASP A 537 9.77 30.78 -27.20
CA ASP A 537 9.00 31.50 -28.21
C ASP A 537 9.88 32.51 -28.94
N ILE A 538 10.81 33.13 -28.24
CA ILE A 538 11.77 34.03 -28.88
C ILE A 538 12.62 33.27 -29.89
N ILE A 539 13.13 32.11 -29.47
CA ILE A 539 13.96 31.28 -30.35
C ILE A 539 13.21 30.90 -31.62
N THR A 540 11.99 30.44 -31.44
CA THR A 540 11.12 30.09 -32.56
C THR A 540 10.90 31.27 -33.51
N LYS A 541 10.63 32.44 -32.93
CA LYS A 541 10.42 33.64 -33.69
C LYS A 541 11.64 33.96 -34.56
N TRP A 542 12.83 33.94 -33.94
CA TRP A 542 14.06 34.35 -34.62
C TRP A 542 14.60 33.34 -35.62
N LEU A 543 14.39 32.06 -35.38
CA LEU A 543 14.80 30.97 -36.28
C LEU A 543 13.73 30.74 -37.36
N LYS A 544 12.57 31.36 -37.17
CA LYS A 544 11.42 31.18 -38.07
C LYS A 544 10.95 29.73 -38.18
N THR A 545 11.10 28.98 -37.10
CA THR A 545 10.66 27.62 -37.04
C THR A 545 10.73 27.16 -35.60
N ASP A 546 9.85 26.23 -35.25
CA ASP A 546 9.96 25.54 -33.96
C ASP A 546 10.59 24.14 -34.10
N LYS A 547 11.15 23.85 -35.26
CA LYS A 547 11.74 22.52 -35.49
C LYS A 547 13.00 22.24 -34.64
N TRP A 548 13.55 23.28 -34.04
CA TRP A 548 14.72 23.12 -33.16
C TRP A 548 14.42 22.24 -31.95
N ILE A 549 13.15 22.10 -31.60
CA ILE A 549 12.75 21.35 -30.40
C ILE A 549 13.14 19.86 -30.57
N THR A 550 13.17 19.38 -31.83
CA THR A 550 13.65 18.02 -32.13
C THR A 550 14.92 18.00 -33.00
N ASP A 551 15.50 19.14 -33.29
CA ASP A 551 16.71 19.26 -34.13
C ASP A 551 17.50 20.43 -33.58
N LEU A 552 18.17 20.18 -32.47
CA LEU A 552 18.66 21.25 -31.63
C LEU A 552 19.81 21.99 -32.28
N ASP A 553 20.49 21.36 -33.25
CA ASP A 553 21.56 22.07 -33.95
C ASP A 553 21.05 23.29 -34.72
N LEU A 554 19.75 23.38 -34.95
CA LEU A 554 19.19 24.55 -35.59
C LEU A 554 19.42 25.81 -34.75
N LEU A 555 19.73 25.63 -33.45
CA LEU A 555 20.03 26.77 -32.63
C LEU A 555 21.20 27.62 -33.13
N THR A 556 22.08 27.04 -33.98
CA THR A 556 23.17 27.81 -34.51
C THR A 556 22.73 29.01 -35.39
N GLY A 557 21.48 28.97 -35.85
CA GLY A 557 20.88 30.05 -36.60
C GLY A 557 20.72 31.31 -35.79
N LEU A 558 20.89 31.22 -34.47
CA LEU A 558 20.86 32.42 -33.63
C LEU A 558 22.14 33.24 -33.74
N ARG A 559 23.25 32.59 -34.12
CA ARG A 559 24.55 33.28 -34.08
C ARG A 559 24.57 34.55 -34.89
N GLN A 560 23.91 34.50 -36.03
CA GLN A 560 23.90 35.67 -36.95
C GLN A 560 23.25 36.88 -36.27
N PHE A 561 22.45 36.65 -35.23
CA PHE A 561 21.68 37.70 -34.59
C PHE A 561 22.26 38.09 -33.22
N ALA A 562 23.44 37.57 -32.87
CA ALA A 562 23.90 37.77 -31.49
C ALA A 562 24.24 39.21 -31.14
N ASP A 563 24.46 40.05 -32.15
CA ASP A 563 24.71 41.49 -31.95
C ASP A 563 23.45 42.33 -32.21
N ASN A 564 22.32 41.67 -32.50
CA ASN A 564 21.10 42.36 -32.90
C ASN A 564 20.46 43.03 -31.68
N GLU A 565 20.26 44.35 -31.74
CA GLU A 565 19.74 45.10 -30.58
C GLU A 565 18.34 44.67 -30.18
N GLU A 566 17.50 44.38 -31.18
CA GLU A 566 16.16 43.90 -30.89
C GLU A 566 16.16 42.53 -30.23
N LEU A 567 16.96 41.60 -30.76
CA LEU A 567 17.02 40.26 -30.14
C LEU A 567 17.58 40.39 -28.71
N GLN A 568 18.64 41.17 -28.55
CA GLN A 568 19.23 41.36 -27.22
C GLN A 568 18.19 41.90 -26.25
N SER A 569 17.37 42.84 -26.69
CA SER A 569 16.30 43.38 -25.88
CA SER A 569 16.31 43.38 -25.86
C SER A 569 15.28 42.32 -25.47
N GLU A 570 14.83 41.51 -26.44
CA GLU A 570 13.85 40.45 -26.10
C GLU A 570 14.49 39.42 -25.15
N TRP A 571 15.76 39.09 -25.41
CA TRP A 571 16.51 38.13 -24.62
C TRP A 571 16.62 38.58 -23.18
N ALA A 572 16.96 39.86 -23.01
CA ALA A 572 17.06 40.47 -21.67
C ALA A 572 15.71 40.45 -20.95
N SER A 573 14.64 40.76 -21.67
CA SER A 573 13.27 40.79 -21.08
CA SER A 573 13.29 40.78 -21.07
C SER A 573 12.86 39.40 -20.59
N ALA A 574 13.20 38.38 -21.37
CA ALA A 574 12.87 37.00 -21.02
C ALA A 574 13.67 36.59 -19.78
N LYS A 575 14.95 36.95 -19.73
CA LYS A 575 15.75 36.58 -18.59
C LYS A 575 15.23 37.30 -17.34
N THR A 576 14.91 38.58 -17.49
CA THR A 576 14.31 39.36 -16.41
C THR A 576 13.03 38.73 -15.84
N ALA A 577 12.14 38.28 -16.72
CA ALA A 577 10.92 37.62 -16.26
C ALA A 577 11.23 36.33 -15.51
N ASN A 578 12.20 35.56 -15.99
CA ASN A 578 12.61 34.35 -15.29
C ASN A 578 13.25 34.68 -13.95
N LYS A 579 14.02 35.76 -13.90
CA LYS A 579 14.66 36.17 -12.63
C LYS A 579 13.62 36.58 -11.60
N LYS A 580 12.58 37.28 -12.05
CA LYS A 580 11.51 37.68 -11.14
C LYS A 580 10.78 36.46 -10.59
N ARG A 581 10.53 35.49 -11.44
CA ARG A 581 9.91 34.24 -10.97
C ARG A 581 10.84 33.50 -10.00
N LEU A 582 12.13 33.47 -10.28
CA LEU A 582 13.06 32.83 -9.37
C LEU A 582 13.10 33.56 -8.04
N ALA A 583 13.08 34.88 -8.07
CA ALA A 583 13.12 35.66 -6.83
C ALA A 583 11.89 35.34 -5.98
N GLN A 584 10.72 35.21 -6.61
CA GLN A 584 9.47 34.86 -5.91
CA GLN A 584 9.48 34.87 -5.91
C GLN A 584 9.63 33.49 -5.24
N TYR A 585 10.20 32.55 -5.99
CA TYR A 585 10.44 31.20 -5.50
C TYR A 585 11.39 31.21 -4.30
N ILE A 586 12.50 31.90 -4.44
CA ILE A 586 13.50 31.96 -3.37
C ILE A 586 12.91 32.56 -2.10
N GLU A 587 12.10 33.60 -2.24
CA GLU A 587 11.47 34.20 -1.04
C GLU A 587 10.53 33.22 -0.39
N ARG A 588 9.77 32.50 -1.19
CA ARG A 588 8.85 31.51 -0.66
C ARG A 588 9.58 30.39 0.10
N VAL A 589 10.69 29.90 -0.43
CA VAL A 589 11.34 28.72 0.13
C VAL A 589 12.44 29.03 1.16
N THR A 590 12.94 30.26 1.19
CA THR A 590 14.00 30.65 2.14
C THR A 590 13.60 31.83 3.04
N GLY A 591 12.61 32.59 2.62
CA GLY A 591 12.23 33.81 3.34
C GLY A 591 13.09 35.02 2.98
N VAL A 592 14.12 34.83 2.16
CA VAL A 592 15.01 35.93 1.75
C VAL A 592 14.51 36.59 0.45
N SER A 593 14.34 37.92 0.50
CA SER A 593 14.00 38.69 -0.68
C SER A 593 15.27 38.99 -1.46
N ILE A 594 15.30 38.62 -2.73
CA ILE A 594 16.49 38.88 -3.56
C ILE A 594 16.13 39.89 -4.64
N ASP A 595 17.15 40.64 -5.04
CA ASP A 595 16.99 41.75 -5.98
C ASP A 595 17.18 41.25 -7.42
N PRO A 596 16.08 41.23 -8.21
CA PRO A 596 16.24 40.72 -9.57
C PRO A 596 17.10 41.58 -10.53
N THR A 597 17.51 42.76 -10.11
CA THR A 597 18.51 43.53 -10.87
C THR A 597 19.96 43.13 -10.60
N SER A 598 20.20 42.28 -9.60
CA SER A 598 21.53 41.78 -9.30
C SER A 598 21.89 40.58 -10.20
N LEU A 599 23.18 40.30 -10.32
CA LEU A 599 23.68 39.17 -11.07
C LEU A 599 23.33 37.90 -10.30
N PHE A 600 22.62 36.99 -10.95
CA PHE A 600 22.22 35.72 -10.32
C PHE A 600 23.29 34.65 -10.63
N ASP A 601 24.01 34.26 -9.57
CA ASP A 601 25.17 33.39 -9.61
C ASP A 601 24.81 32.11 -8.86
N ILE A 602 24.75 30.99 -9.58
CA ILE A 602 24.21 29.73 -9.04
C ILE A 602 25.25 28.59 -9.06
N GLN A 603 25.29 27.81 -7.98
CA GLN A 603 26.05 26.57 -7.94
C GLN A 603 25.19 25.51 -7.29
N VAL A 604 24.73 24.56 -8.10
CA VAL A 604 23.84 23.51 -7.62
C VAL A 604 24.34 22.15 -8.07
N LYS A 605 24.75 21.39 -7.10
CA LYS A 605 25.12 20.02 -7.27
C LYS A 605 25.45 19.41 -5.93
N ARG A 606 25.71 18.11 -5.97
CA ARG A 606 26.03 17.37 -4.75
C ARG A 606 27.11 18.10 -3.96
N ILE A 607 26.94 18.20 -2.65
CA ILE A 607 27.94 18.87 -1.83
C ILE A 607 29.09 17.89 -1.62
N HIS A 608 30.28 18.32 -2.01
CA HIS A 608 31.45 17.47 -1.87
C HIS A 608 32.65 18.36 -1.88
N GLU A 609 33.68 17.95 -1.15
CA GLU A 609 34.96 18.66 -1.23
C GLU A 609 35.49 18.82 -2.65
N TYR A 610 35.34 17.80 -3.51
CA TYR A 610 35.88 17.91 -4.87
C TYR A 610 35.09 18.84 -5.78
N LYS A 611 33.84 19.10 -5.40
CA LYS A 611 32.99 20.04 -6.15
C LYS A 611 33.27 21.50 -5.80
N ARG A 612 33.86 21.69 -4.62
CA ARG A 612 34.41 22.99 -4.22
C ARG A 612 33.38 24.11 -3.98
N GLN A 613 32.19 23.73 -3.50
CA GLN A 613 31.33 24.72 -2.85
C GLN A 613 32.12 25.53 -1.79
N LEU A 614 33.08 24.89 -1.10
CA LEU A 614 33.87 25.58 -0.10
C LEU A 614 34.69 26.74 -0.72
N MET A 615 35.17 26.55 -1.94
CA MET A 615 35.91 27.60 -2.63
C MET A 615 34.98 28.78 -2.93
N ASN A 616 33.80 28.46 -3.46
CA ASN A 616 32.77 29.46 -3.71
C ASN A 616 32.45 30.27 -2.46
N ILE A 617 32.13 29.59 -1.37
CA ILE A 617 31.70 30.32 -0.19
C ILE A 617 32.86 31.12 0.44
N LEU A 618 34.09 30.62 0.34
CA LEU A 618 35.23 31.42 0.78
C LEU A 618 35.38 32.68 -0.08
N GLY A 619 35.10 32.56 -1.37
CA GLY A 619 35.15 33.73 -2.26
C GLY A 619 34.03 34.72 -1.89
N VAL A 620 32.85 34.22 -1.50
CA VAL A 620 31.78 35.06 -0.99
C VAL A 620 32.17 35.79 0.28
N VAL A 621 32.79 35.08 1.19
CA VAL A 621 33.26 35.65 2.44
C VAL A 621 34.24 36.77 2.16
N TYR A 622 35.16 36.55 1.23
CA TYR A 622 36.13 37.57 0.86
C TYR A 622 35.44 38.81 0.26
N ARG A 623 34.52 38.60 -0.65
CA ARG A 623 33.76 39.67 -1.30
CA ARG A 623 33.76 39.67 -1.30
C ARG A 623 33.00 40.48 -0.24
N PHE A 624 32.38 39.78 0.71
CA PHE A 624 31.68 40.42 1.84
C PHE A 624 32.62 41.31 2.64
N LYS A 625 33.76 40.76 3.03
CA LYS A 625 34.74 41.51 3.80
C LYS A 625 35.20 42.76 3.06
N LYS A 626 35.45 42.63 1.76
CA LYS A 626 35.88 43.79 0.95
C LYS A 626 34.78 44.85 0.93
N LEU A 627 33.54 44.42 0.73
CA LEU A 627 32.41 45.34 0.74
C LEU A 627 32.27 46.10 2.06
N LYS A 628 32.44 45.39 3.18
CA LYS A 628 32.34 46.00 4.48
C LYS A 628 33.42 47.06 4.67
N GLU A 629 34.59 46.81 4.10
CA GLU A 629 35.76 47.70 4.28
C GLU A 629 35.75 48.90 3.35
N MET A 630 35.00 48.81 2.27
CA MET A 630 34.84 49.90 1.31
C MET A 630 34.05 51.06 1.87
N LYS A 631 34.38 52.25 1.38
CA LYS A 631 33.55 53.43 1.58
C LYS A 631 32.33 53.29 0.66
N PRO A 632 31.18 53.89 1.02
CA PRO A 632 29.98 53.74 0.19
C PRO A 632 30.18 54.11 -1.28
N GLU A 633 31.00 55.13 -1.56
CA GLU A 633 31.34 55.52 -2.93
C GLU A 633 31.97 54.36 -3.72
N GLU A 634 32.81 53.57 -3.05
CA GLU A 634 33.45 52.42 -3.67
C GLU A 634 32.45 51.26 -3.84
N ARG A 635 31.53 51.08 -2.87
CA ARG A 635 30.51 50.01 -2.97
C ARG A 635 29.64 50.19 -4.19
N LYS A 636 29.29 51.46 -4.48
CA LYS A 636 28.43 51.75 -5.62
C LYS A 636 29.10 51.40 -6.96
N LYS A 637 30.42 51.17 -6.95
CA LYS A 637 31.16 50.78 -8.15
C LYS A 637 31.18 49.26 -8.37
N THR A 638 30.73 48.49 -7.39
CA THR A 638 30.74 47.02 -7.49
C THR A 638 29.52 46.51 -8.28
N VAL A 639 29.54 45.24 -8.67
CA VAL A 639 28.42 44.63 -9.36
C VAL A 639 27.57 43.90 -8.33
N PRO A 640 26.33 44.36 -8.12
CA PRO A 640 25.53 43.60 -7.14
C PRO A 640 25.27 42.18 -7.57
N ARG A 641 25.33 41.24 -6.63
CA ARG A 641 25.25 39.85 -6.93
C ARG A 641 24.44 39.13 -5.87
N THR A 642 23.61 38.20 -6.31
CA THR A 642 22.97 37.21 -5.45
C THR A 642 23.56 35.84 -5.71
N VAL A 643 24.18 35.25 -4.69
CA VAL A 643 24.82 33.94 -4.78
C VAL A 643 23.86 32.91 -4.21
N MET A 644 23.56 31.90 -5.01
CA MET A 644 22.69 30.80 -4.62
C MET A 644 23.46 29.51 -4.73
N ILE A 645 23.46 28.76 -3.65
CA ILE A 645 24.15 27.51 -3.58
C ILE A 645 23.15 26.49 -3.08
N GLY A 646 23.14 25.30 -3.68
CA GLY A 646 22.25 24.23 -3.26
C GLY A 646 22.84 22.88 -3.60
N GLY A 647 22.25 21.84 -3.07
CA GLY A 647 22.79 20.50 -3.17
C GLY A 647 22.61 19.77 -1.86
N LYS A 648 22.69 18.44 -1.95
CA LYS A 648 22.55 17.58 -0.77
C LYS A 648 23.93 17.05 -0.37
N ALA A 649 24.12 16.88 0.93
CA ALA A 649 25.32 16.25 1.48
C ALA A 649 24.97 14.86 1.94
N PHE A 650 25.77 13.86 1.55
CA PHE A 650 25.54 12.52 2.16
C PHE A 650 25.59 12.65 3.67
N ALA A 651 24.69 11.95 4.35
CA ALA A 651 24.44 12.23 5.77
C ALA A 651 25.65 11.96 6.63
N THR A 652 26.49 10.98 6.27
CA THR A 652 27.67 10.65 7.08
C THR A 652 28.92 11.45 6.69
N TYR A 653 28.77 12.32 5.68
CA TYR A 653 29.88 13.08 5.16
C TYR A 653 30.02 14.39 5.93
N THR A 654 30.81 14.32 7.00
CA THR A 654 30.92 15.37 7.98
C THR A 654 31.27 16.72 7.37
N ASN A 655 32.33 16.81 6.58
CA ASN A 655 32.68 18.14 6.01
C ASN A 655 31.62 18.68 5.04
N ALA A 656 30.93 17.81 4.31
CA ALA A 656 29.87 18.26 3.38
C ALA A 656 28.75 18.90 4.17
N LYS A 657 28.39 18.30 5.31
CA LYS A 657 27.38 18.90 6.18
C LYS A 657 27.87 20.23 6.79
N ARG A 658 29.14 20.28 7.20
CA ARG A 658 29.71 21.54 7.69
C ARG A 658 29.65 22.64 6.63
N ILE A 659 29.86 22.27 5.37
CA ILE A 659 29.82 23.25 4.27
C ILE A 659 28.40 23.83 4.09
N VAL A 660 27.39 22.97 4.18
CA VAL A 660 25.98 23.44 4.13
C VAL A 660 25.72 24.39 5.29
N LYS A 661 26.22 24.01 6.47
CA LYS A 661 26.04 24.86 7.64
C LYS A 661 26.73 26.23 7.41
N LEU A 662 27.95 26.21 6.90
CA LEU A 662 28.69 27.45 6.63
C LEU A 662 27.93 28.39 5.70
N VAL A 663 27.40 27.86 4.60
CA VAL A 663 26.73 28.69 3.61
C VAL A 663 25.56 29.42 4.29
N ASN A 664 24.79 28.68 5.08
CA ASN A 664 23.63 29.25 5.77
C ASN A 664 24.05 30.27 6.80
N ASP A 665 25.07 29.99 7.59
CA ASP A 665 25.59 30.93 8.58
C ASP A 665 26.13 32.22 7.97
N VAL A 666 26.81 32.10 6.84
CA VAL A 666 27.34 33.29 6.11
C VAL A 666 26.14 34.11 5.63
N GLY A 667 25.16 33.45 5.05
CA GLY A 667 23.94 34.12 4.59
C GLY A 667 23.18 34.83 5.68
N ASP A 668 23.06 34.19 6.83
CA ASP A 668 22.38 34.83 7.94
C ASP A 668 22.98 36.21 8.28
N VAL A 669 24.30 36.32 8.23
CA VAL A 669 25.01 37.54 8.55
C VAL A 669 24.98 38.51 7.37
N VAL A 670 25.38 38.04 6.19
CA VAL A 670 25.46 38.91 5.01
C VAL A 670 24.10 39.52 4.66
N ASN A 671 23.08 38.68 4.64
CA ASN A 671 21.78 39.10 4.12
C ASN A 671 21.08 40.09 5.01
N SER A 672 21.45 40.12 6.28
CA SER A 672 20.84 41.03 7.26
C SER A 672 21.74 42.24 7.59
N ASP A 673 22.84 42.44 6.85
CA ASP A 673 23.70 43.57 7.09
C ASP A 673 23.32 44.71 6.16
N PRO A 674 22.67 45.74 6.70
CA PRO A 674 22.11 46.76 5.81
C PRO A 674 23.19 47.56 5.08
N GLU A 675 24.45 47.45 5.53
CA GLU A 675 25.54 48.19 4.89
C GLU A 675 25.93 47.62 3.55
N VAL A 676 25.74 46.33 3.38
CA VAL A 676 26.24 45.63 2.20
C VAL A 676 25.19 44.80 1.46
N ASN A 677 24.01 44.56 2.07
CA ASN A 677 23.08 43.62 1.47
C ASN A 677 22.38 44.12 0.19
N GLU A 678 22.56 45.40 -0.17
CA GLU A 678 22.15 45.87 -1.50
CA GLU A 678 22.14 45.86 -1.51
C GLU A 678 23.14 45.45 -2.59
N TYR A 679 24.33 45.00 -2.19
CA TYR A 679 25.38 44.60 -3.10
C TYR A 679 25.66 43.10 -3.11
N LEU A 680 25.32 42.40 -2.02
CA LEU A 680 25.59 40.98 -1.94
C LEU A 680 24.57 40.31 -1.04
N LYS A 681 23.98 39.25 -1.55
CA LYS A 681 23.25 38.28 -0.71
C LYS A 681 23.71 36.85 -1.09
N VAL A 682 23.57 35.94 -0.13
CA VAL A 682 23.95 34.56 -0.33
C VAL A 682 22.87 33.70 0.28
N VAL A 683 22.31 32.81 -0.51
CA VAL A 683 21.17 31.96 -0.11
CA VAL A 683 21.24 31.93 -0.01
C VAL A 683 21.51 30.49 -0.34
N PHE A 684 21.21 29.64 0.64
CA PHE A 684 21.24 28.19 0.44
C PHE A 684 19.83 27.75 0.01
N VAL A 685 19.72 27.20 -1.22
CA VAL A 685 18.46 26.79 -1.79
C VAL A 685 18.21 25.35 -1.36
N PRO A 686 17.15 25.09 -0.57
CA PRO A 686 17.00 23.75 0.04
C PRO A 686 16.45 22.71 -0.89
N ASN A 687 16.77 21.46 -0.59
CA ASN A 687 16.14 20.32 -1.23
C ASN A 687 16.26 20.30 -2.76
N TYR A 688 17.46 20.57 -3.24
CA TYR A 688 17.74 20.54 -4.67
C TYR A 688 17.29 19.23 -5.29
N ASN A 689 16.47 19.38 -6.34
CA ASN A 689 15.91 18.29 -7.07
C ASN A 689 15.49 18.81 -8.46
N VAL A 690 14.86 17.97 -9.28
CA VAL A 690 14.52 18.42 -10.63
C VAL A 690 13.66 19.67 -10.66
N THR A 691 12.66 19.73 -9.80
CA THR A 691 11.84 20.94 -9.68
C THR A 691 12.64 22.19 -9.34
N VAL A 692 13.55 22.09 -8.37
CA VAL A 692 14.40 23.22 -8.04
C VAL A 692 15.22 23.66 -9.27
N ALA A 693 15.81 22.71 -9.98
CA ALA A 693 16.55 22.98 -11.21
C ALA A 693 15.68 23.69 -12.24
N GLU A 694 14.44 23.23 -12.36
CA GLU A 694 13.48 23.87 -13.29
C GLU A 694 13.19 25.32 -12.93
N MET A 695 13.29 25.67 -11.66
CA MET A 695 13.13 27.08 -11.25
CA MET A 695 13.13 27.07 -11.22
C MET A 695 14.41 27.89 -11.40
N LEU A 696 15.54 27.32 -11.02
CA LEU A 696 16.78 28.05 -11.01
C LEU A 696 17.34 28.27 -12.39
N ILE A 697 17.29 27.25 -13.24
CA ILE A 697 18.00 27.33 -14.52
C ILE A 697 17.52 28.49 -15.38
N PRO A 698 16.21 28.61 -15.57
CA PRO A 698 15.75 29.68 -16.47
C PRO A 698 16.14 31.08 -16.02
N GLY A 699 16.25 31.30 -14.70
CA GLY A 699 16.61 32.60 -14.17
C GLY A 699 18.09 32.81 -13.93
N SER A 700 18.90 31.82 -14.29
CA SER A 700 20.32 31.90 -13.99
C SER A 700 21.06 32.76 -15.02
N GLU A 701 22.05 33.48 -14.55
CA GLU A 701 22.93 34.28 -15.42
C GLU A 701 24.37 33.73 -15.46
N LEU A 702 24.88 33.37 -14.29
CA LEU A 702 26.18 32.71 -14.13
C LEU A 702 25.99 31.44 -13.33
N SER A 703 26.57 30.35 -13.79
CA SER A 703 26.57 29.14 -13.00
C SER A 703 28.00 28.66 -12.82
N GLN A 704 28.26 28.04 -11.69
CA GLN A 704 29.63 27.59 -11.30
C GLN A 704 29.79 26.08 -11.40
N HIS A 705 30.81 25.68 -12.14
CA HIS A 705 31.14 24.27 -12.40
C HIS A 705 32.62 24.19 -12.18
N ILE A 706 32.98 24.09 -10.91
CA ILE A 706 34.30 24.49 -10.45
C ILE A 706 35.06 23.35 -9.74
N SER A 707 34.71 22.13 -10.07
CA SER A 707 35.35 20.96 -9.50
C SER A 707 36.84 20.92 -9.81
N THR A 708 37.61 20.31 -8.93
CA THR A 708 39.01 20.12 -9.18
C THR A 708 39.17 19.48 -10.56
N ALA A 709 40.07 20.00 -11.37
CA ALA A 709 40.20 19.51 -12.75
C ALA A 709 40.62 18.05 -12.73
N GLY A 710 39.98 17.25 -13.58
CA GLY A 710 40.28 15.83 -13.71
C GLY A 710 39.30 14.97 -12.92
N MET A 711 38.48 15.57 -12.08
CA MET A 711 37.60 14.77 -11.24
C MET A 711 36.19 14.59 -11.82
N GLU A 712 35.84 15.29 -12.92
CA GLU A 712 34.51 15.13 -13.52
C GLU A 712 34.58 14.48 -14.89
N ALA A 713 33.81 13.41 -15.07
CA ALA A 713 33.70 12.80 -16.39
C ALA A 713 32.84 13.66 -17.33
N SER A 714 31.75 14.20 -16.82
CA SER A 714 30.78 14.90 -17.65
C SER A 714 30.20 16.17 -16.96
N GLY A 715 28.88 16.30 -16.83
CA GLY A 715 28.31 17.57 -16.37
C GLY A 715 27.08 18.00 -17.14
N THR A 716 25.99 17.30 -16.87
CA THR A 716 24.81 17.58 -17.66
C THR A 716 24.16 18.87 -17.17
N SER A 717 24.27 19.22 -15.89
CA SER A 717 23.65 20.48 -15.45
C SER A 717 24.33 21.65 -16.17
N ASN A 718 25.64 21.55 -16.36
CA ASN A 718 26.37 22.55 -17.12
C ASN A 718 25.71 22.80 -18.49
N MET A 719 25.30 21.72 -19.14
CA MET A 719 24.66 21.78 -20.45
C MET A 719 23.30 22.48 -20.38
N LYS A 720 22.57 22.24 -19.29
CA LYS A 720 21.28 22.85 -19.11
C LYS A 720 21.41 24.36 -18.92
N PHE A 721 22.39 24.77 -18.14
CA PHE A 721 22.63 26.17 -17.96
C PHE A 721 23.02 26.82 -19.30
N ALA A 722 23.97 26.24 -20.02
CA ALA A 722 24.44 26.81 -21.30
C ALA A 722 23.27 26.95 -22.28
N LEU A 723 22.41 25.92 -22.30
CA LEU A 723 21.25 25.92 -23.21
C LEU A 723 20.31 27.11 -22.90
N ASN A 724 20.17 27.46 -21.62
CA ASN A 724 19.33 28.54 -21.16
C ASN A 724 20.03 29.91 -21.14
N GLY A 725 21.21 30.01 -21.74
CA GLY A 725 21.88 31.27 -21.89
C GLY A 725 22.62 31.71 -20.66
N CYS A 726 22.85 30.77 -19.76
CA CYS A 726 23.62 31.05 -18.54
C CYS A 726 25.08 30.80 -18.84
N LEU A 727 25.90 31.78 -18.52
CA LEU A 727 27.35 31.63 -18.73
C LEU A 727 27.97 30.83 -17.58
N ILE A 728 29.14 30.23 -17.84
CA ILE A 728 29.78 29.34 -16.89
C ILE A 728 31.13 29.91 -16.45
N ILE A 729 31.35 29.88 -15.16
CA ILE A 729 32.69 29.99 -14.60
C ILE A 729 33.07 28.59 -14.17
N GLY A 730 34.21 28.12 -14.68
CA GLY A 730 34.53 26.72 -14.51
C GLY A 730 35.96 26.33 -14.79
N THR A 731 36.31 25.12 -14.33
CA THR A 731 37.56 24.50 -14.64
C THR A 731 37.51 23.75 -15.98
N LEU A 732 38.68 23.41 -16.47
CA LEU A 732 38.76 22.71 -17.78
C LEU A 732 38.62 21.21 -17.48
N ASP A 733 37.39 20.76 -17.38
CA ASP A 733 37.07 19.55 -16.67
C ASP A 733 35.68 19.13 -17.16
N GLY A 734 35.51 17.84 -17.43
CA GLY A 734 34.16 17.31 -17.67
C GLY A 734 33.54 17.96 -18.90
N ALA A 735 32.25 18.28 -18.80
CA ALA A 735 31.50 18.80 -19.93
C ALA A 735 31.86 20.26 -20.24
N ASN A 736 32.52 20.95 -19.30
CA ASN A 736 32.99 22.29 -19.59
C ASN A 736 33.88 22.31 -20.83
N VAL A 737 34.65 21.25 -21.04
CA VAL A 737 35.56 21.20 -22.18
C VAL A 737 34.78 21.33 -23.50
N GLU A 738 33.77 20.46 -23.64
CA GLU A 738 32.95 20.46 -24.84
C GLU A 738 32.07 21.69 -24.95
N ILE A 739 31.55 22.17 -23.82
CA ILE A 739 30.71 23.36 -23.83
C ILE A 739 31.51 24.56 -24.35
N ARG A 740 32.72 24.71 -23.83
CA ARG A 740 33.61 25.77 -24.25
C ARG A 740 33.94 25.69 -25.74
N GLU A 741 34.21 24.49 -26.25
CA GLU A 741 34.44 24.28 -27.69
C GLU A 741 33.23 24.75 -28.52
N GLU A 742 32.03 24.38 -28.08
CA GLU A 742 30.83 24.62 -28.87
C GLU A 742 30.38 26.07 -28.82
N VAL A 743 30.42 26.67 -27.63
CA VAL A 743 29.92 28.08 -27.48
C VAL A 743 31.00 29.11 -27.81
N GLY A 744 32.26 28.71 -27.76
CA GLY A 744 33.41 29.59 -28.01
C GLY A 744 34.08 30.01 -26.69
N GLU A 745 35.42 29.97 -26.66
CA GLU A 745 36.20 30.31 -25.45
C GLU A 745 35.92 31.72 -24.91
N GLU A 746 35.57 32.64 -25.80
CA GLU A 746 35.26 34.01 -25.40
C GLU A 746 33.93 34.16 -24.67
N ASN A 747 33.13 33.10 -24.60
CA ASN A 747 31.81 33.13 -23.97
C ASN A 747 31.76 32.24 -22.71
N PHE A 748 32.94 32.00 -22.13
CA PHE A 748 33.09 31.05 -21.01
C PHE A 748 34.19 31.64 -20.13
N PHE A 749 34.06 31.48 -18.81
CA PHE A 749 35.07 32.00 -17.87
C PHE A 749 35.87 30.86 -17.26
N LEU A 750 36.99 30.59 -17.90
CA LEU A 750 37.88 29.49 -17.49
C LEU A 750 38.88 29.94 -16.42
N PHE A 751 39.19 29.05 -15.50
CA PHE A 751 40.28 29.32 -14.54
C PHE A 751 40.81 27.98 -14.03
N GLY A 752 41.92 28.05 -13.30
CA GLY A 752 42.32 26.95 -12.45
C GLY A 752 43.36 26.04 -13.06
N ALA A 753 43.88 25.16 -12.22
CA ALA A 753 44.81 24.13 -12.68
C ALA A 753 44.11 23.21 -13.68
N THR A 754 44.90 22.63 -14.60
CA THR A 754 44.39 21.60 -15.49
C THR A 754 44.72 20.21 -14.91
N ALA A 755 44.03 19.18 -15.40
CA ALA A 755 44.10 17.83 -14.82
C ALA A 755 45.53 17.32 -14.76
N ASP A 756 46.30 17.63 -15.80
CA ASP A 756 47.66 17.12 -15.89
C ASP A 756 48.60 17.76 -14.86
N GLN A 757 48.23 18.95 -14.37
CA GLN A 757 49.01 19.66 -13.32
C GLN A 757 48.73 19.20 -11.90
N VAL A 758 47.56 18.64 -11.68
CA VAL A 758 47.13 18.31 -10.32
C VAL A 758 48.13 17.45 -9.53
N PRO A 759 48.66 16.37 -10.12
CA PRO A 759 49.68 15.61 -9.38
C PRO A 759 50.93 16.42 -8.99
N ARG A 760 51.45 17.23 -9.91
CA ARG A 760 52.58 18.10 -9.58
C ARG A 760 52.24 19.04 -8.42
N LEU A 761 51.03 19.63 -8.45
CA LEU A 761 50.62 20.61 -7.47
C LEU A 761 50.48 19.98 -6.09
N ARG A 762 49.92 18.77 -6.06
CA ARG A 762 49.81 18.04 -4.80
C ARG A 762 51.20 17.68 -4.25
N LYS A 763 52.13 17.29 -5.13
CA LYS A 763 53.52 17.01 -4.71
C LYS A 763 54.21 18.29 -4.21
N GLU A 764 54.03 19.42 -4.90
CA GLU A 764 54.61 20.69 -4.42
C GLU A 764 54.10 21.00 -3.01
N ARG A 765 52.83 20.77 -2.76
CA ARG A 765 52.25 21.00 -1.45
C ARG A 765 52.92 20.07 -0.44
N GLU A 766 53.00 18.79 -0.78
CA GLU A 766 53.67 17.80 0.07
C GLU A 766 55.12 18.19 0.39
N ASP A 767 55.81 18.77 -0.57
CA ASP A 767 57.22 19.17 -0.40
C ASP A 767 57.43 20.56 0.24
N GLY A 768 56.36 21.20 0.69
CA GLY A 768 56.46 22.48 1.39
C GLY A 768 56.68 23.70 0.50
N LEU A 769 56.35 23.56 -0.79
CA LEU A 769 56.63 24.59 -1.75
C LEU A 769 55.42 25.44 -2.12
N PHE A 770 54.26 25.15 -1.52
CA PHE A 770 53.02 25.89 -1.84
C PHE A 770 53.04 27.29 -1.21
N LYS A 771 52.76 28.32 -2.03
CA LYS A 771 52.73 29.73 -1.60
C LYS A 771 51.28 30.23 -1.65
N PRO A 772 50.56 30.19 -0.53
CA PRO A 772 49.13 30.59 -0.61
C PRO A 772 48.96 32.11 -0.86
N ASP A 773 47.94 32.47 -1.62
CA ASP A 773 47.61 33.86 -1.91
C ASP A 773 47.04 34.49 -0.65
N PRO A 774 47.45 35.72 -0.35
CA PRO A 774 46.97 36.34 0.89
C PRO A 774 45.43 36.49 0.96
N ARG A 775 44.74 36.57 -0.18
CA ARG A 775 43.29 36.73 -0.18
C ARG A 775 42.63 35.46 0.36
N PHE A 776 43.22 34.32 0.02
CA PHE A 776 42.75 33.02 0.53
C PHE A 776 42.92 32.94 2.05
N GLU A 777 44.08 33.35 2.55
CA GLU A 777 44.33 33.30 3.98
C GLU A 777 43.39 34.26 4.71
N GLU A 778 43.13 35.41 4.08
CA GLU A 778 42.29 36.43 4.66
C GLU A 778 40.83 35.94 4.78
N ALA A 779 40.36 35.29 3.72
CA ALA A 779 39.01 34.66 3.73
C ALA A 779 38.91 33.58 4.83
N LYS A 780 39.88 32.67 4.88
CA LYS A 780 39.86 31.64 5.95
C LYS A 780 39.85 32.26 7.33
N GLN A 781 40.74 33.21 7.58
CA GLN A 781 40.83 33.81 8.90
C GLN A 781 39.54 34.52 9.28
N PHE A 782 38.88 35.13 8.31
CA PHE A 782 37.63 35.81 8.59
C PHE A 782 36.56 34.83 9.03
N VAL A 783 36.50 33.66 8.40
CA VAL A 783 35.60 32.57 8.86
C VAL A 783 35.93 32.14 10.31
N LYS A 784 37.20 32.07 10.63
CA LYS A 784 37.66 31.66 11.96
C LYS A 784 37.53 32.73 13.03
N SER A 785 37.18 33.95 12.62
CA SER A 785 37.12 35.07 13.53
C SER A 785 35.88 35.05 14.42
N GLY A 786 34.87 34.25 14.05
CA GLY A 786 33.61 34.23 14.80
C GLY A 786 32.57 35.20 14.27
N VAL A 787 32.88 35.88 13.16
CA VAL A 787 31.91 36.80 12.56
C VAL A 787 30.60 36.12 12.16
N PHE A 788 30.65 34.84 11.82
CA PHE A 788 29.44 34.11 11.38
C PHE A 788 28.74 33.36 12.52
N GLY A 789 29.13 33.66 13.75
CA GLY A 789 28.41 33.16 14.94
C GLY A 789 29.19 32.16 15.76
N SER A 790 28.45 31.38 16.55
CA SER A 790 29.06 30.49 17.55
C SER A 790 29.61 29.18 16.98
N TYR A 791 29.25 28.82 15.75
CA TYR A 791 29.73 27.54 15.21
C TYR A 791 31.24 27.61 14.93
N ASP A 792 31.98 26.59 15.36
CA ASP A 792 33.42 26.57 15.16
C ASP A 792 33.76 25.91 13.82
N TYR A 793 34.19 26.72 12.86
CA TYR A 793 34.55 26.22 11.54
C TYR A 793 36.02 25.78 11.46
N GLY A 794 36.76 25.88 12.57
CA GLY A 794 38.10 25.35 12.63
C GLY A 794 38.26 23.93 12.08
N PRO A 795 37.47 22.98 12.60
CA PRO A 795 37.54 21.61 12.11
C PRO A 795 37.35 21.47 10.60
N LEU A 796 36.35 22.15 10.02
CA LEU A 796 36.16 22.14 8.58
C LEU A 796 37.40 22.67 7.85
N LEU A 797 37.90 23.82 8.29
CA LEU A 797 38.99 24.47 7.58
C LEU A 797 40.33 23.75 7.78
N ASP A 798 40.42 22.86 8.76
CA ASP A 798 41.63 22.03 8.95
C ASP A 798 41.89 21.15 7.72
N SER A 799 40.85 20.85 6.99
CA SER A 799 40.96 20.12 5.73
C SER A 799 41.89 20.85 4.74
N LEU A 800 42.02 22.16 4.91
CA LEU A 800 42.83 22.99 4.00
C LEU A 800 44.23 23.22 4.54
N GLU A 801 44.52 22.67 5.73
CA GLU A 801 45.79 22.88 6.44
C GLU A 801 46.69 21.66 6.40
N GLY A 802 47.98 21.88 6.71
CA GLY A 802 48.95 20.81 6.68
C GLY A 802 49.37 20.60 5.25
N ASN A 803 50.33 19.70 5.05
CA ASN A 803 50.89 19.46 3.72
C ASN A 803 50.62 18.05 3.17
N THR A 804 50.25 17.13 4.04
CA THR A 804 49.95 15.75 3.63
C THR A 804 49.03 15.09 4.68
N GLY A 805 48.51 13.91 4.35
CA GLY A 805 47.68 13.15 5.27
C GLY A 805 46.23 13.15 4.82
N PHE A 806 45.55 12.03 5.03
CA PHE A 806 44.17 11.93 4.59
C PHE A 806 43.31 12.97 5.29
N GLY A 807 42.45 13.64 4.53
CA GLY A 807 41.57 14.66 5.08
C GLY A 807 42.27 15.99 5.37
N ARG A 808 43.56 16.08 5.03
CA ARG A 808 44.36 17.29 5.22
C ARG A 808 45.11 17.67 3.96
N GLY A 809 45.77 18.81 4.02
CA GLY A 809 46.66 19.23 2.98
C GLY A 809 46.00 19.75 1.71
N ASP A 810 44.70 20.08 1.78
CA ASP A 810 43.98 20.67 0.67
C ASP A 810 44.14 19.89 -0.65
N TYR A 811 43.73 18.63 -0.59
CA TYR A 811 43.88 17.71 -1.70
C TYR A 811 43.14 18.18 -2.95
N PHE A 812 42.06 18.93 -2.74
CA PHE A 812 41.24 19.40 -3.85
C PHE A 812 41.61 20.79 -4.36
N LEU A 813 42.75 21.30 -3.89
CA LEU A 813 43.40 22.51 -4.45
C LEU A 813 42.55 23.78 -4.38
N VAL A 814 41.75 23.89 -3.32
CA VAL A 814 40.98 25.08 -3.06
C VAL A 814 41.88 26.33 -2.97
N GLY A 815 42.91 26.26 -2.13
CA GLY A 815 43.84 27.37 -1.97
C GLY A 815 44.55 27.72 -3.27
N TYR A 816 45.09 26.70 -3.94
CA TYR A 816 45.87 26.94 -5.14
C TYR A 816 45.03 27.62 -6.20
N ASP A 817 43.80 27.14 -6.42
CA ASP A 817 42.95 27.67 -7.50
C ASP A 817 42.25 28.98 -7.09
N PHE A 818 42.22 29.28 -5.79
CA PHE A 818 41.53 30.48 -5.32
C PHE A 818 41.89 31.78 -6.05
N PRO A 819 43.18 32.10 -6.20
CA PRO A 819 43.48 33.35 -6.92
C PRO A 819 42.95 33.44 -8.35
N SER A 820 43.12 32.40 -9.14
CA SER A 820 42.63 32.45 -10.53
C SER A 820 41.13 32.45 -10.56
N TYR A 821 40.51 31.77 -9.58
CA TYR A 821 39.05 31.77 -9.43
C TYR A 821 38.54 33.19 -9.17
N MET A 822 39.16 33.86 -8.21
CA MET A 822 38.75 35.24 -7.87
C MET A 822 39.02 36.18 -9.02
N ASP A 823 40.12 35.97 -9.74
CA ASP A 823 40.41 36.81 -10.90
C ASP A 823 39.36 36.59 -11.99
N ALA A 824 38.92 35.35 -12.16
CA ALA A 824 37.84 35.03 -13.14
C ALA A 824 36.52 35.68 -12.70
N GLN A 825 36.23 35.67 -11.39
CA GLN A 825 35.02 36.36 -10.89
C GLN A 825 35.10 37.87 -11.14
N ALA A 826 36.29 38.45 -11.09
CA ALA A 826 36.44 39.86 -11.42
C ALA A 826 36.15 40.08 -12.92
N LYS A 827 36.59 39.15 -13.77
CA LYS A 827 36.28 39.22 -15.19
C LYS A 827 34.79 39.10 -15.45
N VAL A 828 34.11 38.28 -14.66
CA VAL A 828 32.66 38.15 -14.73
C VAL A 828 32.00 39.51 -14.45
N ASP A 829 32.43 40.17 -13.37
CA ASP A 829 31.85 41.48 -13.01
C ASP A 829 32.04 42.48 -14.13
N GLU A 830 33.22 42.54 -14.70
CA GLU A 830 33.46 43.52 -15.77
C GLU A 830 32.60 43.23 -16.98
N ALA A 831 32.50 41.96 -17.31
CA ALA A 831 31.65 41.52 -18.42
C ALA A 831 30.16 41.84 -18.18
N TYR A 832 29.73 41.69 -16.94
CA TYR A 832 28.32 41.88 -16.63
C TYR A 832 27.93 43.37 -16.72
N LYS A 833 28.88 44.27 -16.50
CA LYS A 833 28.61 45.71 -16.64
C LYS A 833 28.39 46.14 -18.11
N ASP A 834 28.97 45.39 -19.05
CA ASP A 834 28.84 45.65 -20.48
C ASP A 834 27.66 44.82 -20.96
N ARG A 835 26.48 45.44 -20.94
CA ARG A 835 25.24 44.68 -21.11
C ARG A 835 25.15 44.06 -22.48
N LYS A 836 25.54 44.82 -23.49
CA LYS A 836 25.48 44.34 -24.87
C LYS A 836 26.41 43.15 -25.03
N GLY A 837 27.59 43.23 -24.43
CA GLY A 837 28.55 42.12 -24.48
C GLY A 837 28.07 40.89 -23.76
N TRP A 838 27.44 41.09 -22.61
CA TRP A 838 26.93 40.00 -21.86
C TRP A 838 25.83 39.30 -22.63
N LEU A 839 24.87 40.08 -23.13
CA LEU A 839 23.74 39.49 -23.84
C LEU A 839 24.20 38.76 -25.08
N LYS A 840 25.22 39.28 -25.77
CA LYS A 840 25.80 38.54 -26.90
C LYS A 840 26.34 37.19 -26.45
N MET A 841 27.09 37.17 -25.36
CA MET A 841 27.60 35.90 -24.85
C MET A 841 26.47 34.94 -24.54
N SER A 842 25.40 35.45 -23.95
CA SER A 842 24.27 34.62 -23.53
C SER A 842 23.58 33.98 -24.75
N ILE A 843 23.37 34.79 -25.79
CA ILE A 843 22.78 34.29 -27.01
C ILE A 843 23.69 33.24 -27.63
N LEU A 844 24.99 33.50 -27.69
CA LEU A 844 25.95 32.56 -28.27
C LEU A 844 26.02 31.23 -27.49
N SER A 845 25.79 31.30 -26.19
CA SER A 845 25.74 30.09 -25.38
C SER A 845 24.60 29.18 -25.79
N THR A 846 23.40 29.72 -25.87
CA THR A 846 22.24 28.96 -26.36
C THR A 846 22.44 28.50 -27.81
N ALA A 847 22.97 29.40 -28.62
CA ALA A 847 23.20 29.11 -30.06
C ALA A 847 24.14 27.98 -30.30
N GLY A 848 25.08 27.74 -29.38
CA GLY A 848 26.06 26.69 -29.53
C GLY A 848 25.71 25.40 -28.76
N SER A 849 24.50 25.31 -28.23
CA SER A 849 24.14 24.22 -27.31
C SER A 849 23.56 22.98 -28.01
N GLY A 850 23.40 23.02 -29.34
CA GLY A 850 22.76 21.90 -30.04
C GLY A 850 23.35 20.52 -29.86
N LYS A 851 24.68 20.44 -29.82
CA LYS A 851 25.39 19.18 -29.63
C LYS A 851 24.93 18.47 -28.35
N PHE A 852 24.44 19.23 -27.39
CA PHE A 852 24.15 18.64 -26.07
C PHE A 852 22.77 18.01 -25.94
N SER A 853 22.00 17.97 -27.03
CA SER A 853 20.75 17.25 -27.03
C SER A 853 20.92 15.76 -26.77
N SER A 854 20.10 15.23 -25.84
CA SER A 854 20.05 13.79 -25.64
C SER A 854 19.50 13.05 -26.86
N ASP A 855 18.83 13.75 -27.77
CA ASP A 855 18.41 13.13 -29.02
C ASP A 855 19.64 12.72 -29.84
N ARG A 856 20.70 13.54 -29.83
CA ARG A 856 21.93 13.20 -30.52
C ARG A 856 22.55 11.99 -29.81
N THR A 857 22.64 12.09 -28.47
CA THR A 857 23.22 10.96 -27.72
C THR A 857 22.54 9.64 -28.01
N ILE A 858 21.21 9.61 -27.87
CA ILE A 858 20.46 8.36 -28.03
C ILE A 858 20.45 7.85 -29.48
N ALA A 859 20.45 8.77 -30.47
CA ALA A 859 20.61 8.33 -31.84
C ALA A 859 21.91 7.56 -32.03
N GLN A 860 22.99 8.05 -31.41
CA GLN A 860 24.27 7.39 -31.47
C GLN A 860 24.27 6.01 -30.78
N TYR A 861 23.70 5.92 -29.58
CA TYR A 861 23.62 4.59 -28.96
C TYR A 861 22.82 3.62 -29.82
N ALA A 862 21.69 4.09 -30.35
CA ALA A 862 20.83 3.26 -31.18
C ALA A 862 21.56 2.72 -32.42
N LYS A 863 22.34 3.55 -33.08
CA LYS A 863 23.02 3.15 -34.31
C LYS A 863 24.30 2.35 -34.03
N GLU A 864 25.12 2.78 -33.08
CA GLU A 864 26.48 2.23 -32.90
C GLU A 864 26.59 1.13 -31.87
N ILE A 865 25.64 1.05 -30.94
CA ILE A 865 25.69 0.05 -29.86
C ILE A 865 24.55 -0.93 -29.91
N TRP A 866 23.32 -0.42 -29.91
CA TRP A 866 22.14 -1.28 -29.82
C TRP A 866 21.69 -1.85 -31.11
N ASN A 867 22.01 -1.17 -32.22
CA ASN A 867 21.49 -1.57 -33.53
C ASN A 867 19.95 -1.69 -33.50
N ILE A 868 19.28 -0.64 -33.02
CA ILE A 868 17.83 -0.50 -33.11
C ILE A 868 17.48 0.73 -33.97
N GLU A 869 16.25 0.79 -34.44
CA GLU A 869 15.84 1.88 -35.33
C GLU A 869 14.41 2.29 -35.02
N ALA A 870 14.01 3.42 -35.57
CA ALA A 870 12.66 3.94 -35.35
C ALA A 870 11.59 2.89 -35.68
N CYS A 871 10.57 2.86 -34.84
CA CYS A 871 9.43 2.02 -35.01
C CYS A 871 8.21 2.92 -34.73
N PRO A 872 7.83 3.75 -35.71
CA PRO A 872 6.79 4.71 -35.38
C PRO A 872 5.40 4.05 -35.36
N VAL A 873 4.67 4.36 -34.30
CA VAL A 873 3.31 3.89 -34.13
C VAL A 873 2.37 4.68 -35.07
N PRO A 874 1.61 3.97 -35.90
CA PRO A 874 0.71 4.67 -36.82
C PRO A 874 -0.50 5.26 -36.13
N LYS B 48 -15.35 -6.48 -29.44
CA LYS B 48 -16.37 -5.73 -30.23
C LYS B 48 -17.01 -4.58 -29.42
N ILE B 49 -17.25 -4.71 -28.11
CA ILE B 49 -17.85 -3.60 -27.38
C ILE B 49 -16.76 -2.58 -27.08
N SER B 50 -16.96 -1.33 -27.49
CA SER B 50 -15.95 -0.29 -27.27
C SER B 50 -16.13 0.41 -25.91
N ALA B 51 -15.02 0.94 -25.40
CA ALA B 51 -15.03 1.71 -24.17
C ALA B 51 -15.87 2.98 -24.28
N LYS B 52 -16.85 3.14 -23.38
CA LYS B 52 -17.67 4.35 -23.32
C LYS B 52 -18.10 4.56 -21.88
N ALA B 53 -17.47 5.53 -21.24
CA ALA B 53 -17.77 5.85 -19.84
C ALA B 53 -19.23 6.31 -19.74
N ASN B 54 -19.93 5.76 -18.77
CA ASN B 54 -21.25 6.25 -18.40
C ASN B 54 -21.46 5.86 -16.94
N PRO B 55 -21.13 6.80 -16.02
CA PRO B 55 -21.21 6.44 -14.61
C PRO B 55 -22.64 6.20 -14.14
N GLU B 56 -23.63 6.63 -14.92
CA GLU B 56 -25.04 6.44 -14.58
C GLU B 56 -25.67 5.25 -15.36
N ALA B 57 -24.84 4.37 -15.91
CA ALA B 57 -25.30 3.29 -16.78
C ALA B 57 -26.39 2.45 -16.13
N ASP B 58 -27.53 2.32 -16.80
CA ASP B 58 -28.61 1.53 -16.23
C ASP B 58 -29.29 0.58 -17.24
N ASP B 59 -28.79 0.51 -18.45
CA ASP B 59 -29.19 -0.58 -19.35
C ASP B 59 -27.99 -1.37 -19.84
N ALA B 60 -28.25 -2.57 -20.37
CA ALA B 60 -27.19 -3.50 -20.74
C ALA B 60 -26.12 -2.89 -21.64
N THR B 61 -26.53 -2.13 -22.66
CA THR B 61 -25.60 -1.52 -23.58
C THR B 61 -24.68 -0.47 -22.90
N GLU B 62 -25.29 0.42 -22.14
CA GLU B 62 -24.55 1.46 -21.40
C GLU B 62 -23.58 0.83 -20.39
N ILE B 63 -24.09 -0.17 -19.66
CA ILE B 63 -23.28 -0.86 -18.65
C ILE B 63 -22.08 -1.55 -19.27
N ALA B 64 -22.30 -2.29 -20.37
CA ALA B 64 -21.20 -3.00 -21.01
C ALA B 64 -20.10 -2.00 -21.45
N GLY B 65 -20.51 -0.89 -22.02
CA GLY B 65 -19.54 0.16 -22.38
C GLY B 65 -18.73 0.69 -21.21
N ASN B 66 -19.41 0.87 -20.08
CA ASN B 66 -18.77 1.42 -18.92
C ASN B 66 -17.78 0.43 -18.32
N ILE B 67 -18.14 -0.86 -18.36
CA ILE B 67 -17.23 -1.91 -17.90
C ILE B 67 -15.94 -1.88 -18.76
N VAL B 68 -16.10 -1.88 -20.06
CA VAL B 68 -14.96 -1.84 -20.99
C VAL B 68 -14.13 -0.56 -20.75
N TYR B 69 -14.80 0.57 -20.53
CA TYR B 69 -14.13 1.82 -20.16
C TYR B 69 -13.24 1.63 -18.91
N HIS B 70 -13.76 1.02 -17.83
CA HIS B 70 -12.94 0.83 -16.67
C HIS B 70 -11.83 -0.16 -16.93
N ALA B 71 -12.09 -1.20 -17.68
CA ALA B 71 -11.03 -2.18 -18.00
C ALA B 71 -9.86 -1.48 -18.66
N LYS B 72 -10.12 -0.50 -19.54
CA LYS B 72 -9.07 0.20 -20.26
C LYS B 72 -8.44 1.36 -19.46
N TYR B 73 -9.27 2.18 -18.82
CA TYR B 73 -8.82 3.41 -18.21
C TYR B 73 -8.67 3.41 -16.69
N SER B 74 -9.08 2.34 -16.03
CA SER B 74 -8.74 2.02 -14.64
C SER B 74 -7.96 0.70 -14.61
N PRO B 75 -6.88 0.59 -15.36
CA PRO B 75 -6.24 -0.71 -15.45
C PRO B 75 -5.50 -1.06 -14.15
N HIS B 76 -5.39 -2.35 -13.88
CA HIS B 76 -4.55 -2.89 -12.80
C HIS B 76 -3.77 -4.10 -13.25
N PHE B 77 -3.79 -4.35 -14.57
CA PHE B 77 -3.15 -5.49 -15.24
C PHE B 77 -2.72 -5.04 -16.64
N SER B 78 -1.91 -5.87 -17.29
CA SER B 78 -1.53 -5.66 -18.67
C SER B 78 -2.82 -5.57 -19.49
N PRO B 79 -2.79 -4.78 -20.58
CA PRO B 79 -4.04 -4.54 -21.31
C PRO B 79 -4.55 -5.67 -22.21
N LEU B 80 -3.70 -6.62 -22.61
CA LEU B 80 -4.12 -7.60 -23.64
C LEU B 80 -5.31 -8.47 -23.22
N LYS B 81 -5.18 -9.11 -22.07
CA LYS B 81 -6.17 -10.10 -21.64
C LYS B 81 -7.29 -9.48 -20.77
N PHE B 82 -8.51 -9.86 -21.09
CA PHE B 82 -9.67 -9.51 -20.29
C PHE B 82 -10.28 -10.81 -19.77
N GLY B 83 -9.63 -11.38 -18.75
CA GLY B 83 -10.08 -12.62 -18.14
C GLY B 83 -11.13 -12.35 -17.09
N PRO B 84 -11.64 -13.39 -16.46
CA PRO B 84 -12.71 -13.18 -15.50
C PRO B 84 -12.27 -12.27 -14.34
N GLU B 85 -11.01 -12.32 -13.96
CA GLU B 85 -10.51 -11.44 -12.88
C GLU B 85 -10.60 -9.97 -13.25
N GLN B 86 -10.12 -9.62 -14.44
CA GLN B 86 -10.21 -8.30 -14.94
C GLN B 86 -11.66 -7.86 -15.09
N ALA B 87 -12.48 -8.78 -15.55
CA ALA B 87 -13.89 -8.48 -15.71
C ALA B 87 -14.52 -8.15 -14.35
N LEU B 88 -14.14 -8.90 -13.32
CA LEU B 88 -14.67 -8.63 -11.97
C LEU B 88 -14.35 -7.21 -11.57
N TYR B 89 -13.08 -6.84 -11.67
CA TYR B 89 -12.69 -5.52 -11.19
C TYR B 89 -13.36 -4.40 -11.99
N ALA B 90 -13.44 -4.56 -13.28
CA ALA B 90 -14.06 -3.54 -14.14
C ALA B 90 -15.59 -3.44 -13.89
N THR B 91 -16.22 -4.59 -13.63
CA THR B 91 -17.64 -4.60 -13.24
C THR B 91 -17.87 -3.95 -11.87
N ALA B 92 -17.03 -4.30 -10.90
CA ALA B 92 -17.12 -3.64 -9.60
C ALA B 92 -16.92 -2.11 -9.71
N GLU B 93 -15.99 -1.70 -10.55
CA GLU B 93 -15.75 -0.27 -10.75
C GLU B 93 -16.93 0.44 -11.38
N SER B 94 -17.60 -0.23 -12.31
CA SER B 94 -18.81 0.33 -12.92
C SER B 94 -19.90 0.53 -11.88
N LEU B 95 -20.08 -0.45 -10.99
CA LEU B 95 -21.03 -0.33 -9.91
C LEU B 95 -20.62 0.74 -8.89
N ARG B 96 -19.33 0.80 -8.60
CA ARG B 96 -18.82 1.83 -7.72
C ARG B 96 -19.15 3.24 -8.21
N ASP B 97 -19.12 3.48 -9.52
CA ASP B 97 -19.55 4.78 -10.04
C ASP B 97 -20.96 5.11 -9.56
N ARG B 98 -21.88 4.13 -9.62
CA ARG B 98 -23.29 4.35 -9.17
C ARG B 98 -23.29 4.62 -7.66
N LEU B 99 -22.48 3.86 -6.92
CA LEU B 99 -22.43 3.97 -5.48
C LEU B 99 -21.84 5.28 -5.01
N ILE B 100 -20.85 5.79 -5.71
CA ILE B 100 -20.25 7.09 -5.38
C ILE B 100 -21.31 8.21 -5.53
N GLN B 101 -22.04 8.18 -6.63
CA GLN B 101 -23.10 9.20 -6.86
C GLN B 101 -24.07 9.21 -5.67
N LEU B 102 -24.50 8.02 -5.26
CA LEU B 102 -25.49 7.89 -4.21
C LEU B 102 -24.89 8.19 -2.84
N TRP B 103 -23.66 7.74 -2.60
CA TRP B 103 -22.98 8.03 -1.34
C TRP B 103 -22.82 9.52 -1.14
N ASN B 104 -22.42 10.20 -2.21
CA ASN B 104 -22.27 11.65 -2.20
C ASN B 104 -23.57 12.39 -1.96
N GLU B 105 -24.63 11.98 -2.65
CA GLU B 105 -25.93 12.59 -2.43
C GLU B 105 -26.41 12.39 -1.00
N THR B 106 -26.21 11.19 -0.45
CA THR B 106 -26.63 10.89 0.92
C THR B 106 -25.83 11.73 1.93
N TYR B 107 -24.53 11.88 1.69
CA TYR B 107 -23.69 12.66 2.59
C TYR B 107 -24.15 14.14 2.59
N VAL B 108 -24.42 14.67 1.40
CA VAL B 108 -24.87 16.08 1.29
C VAL B 108 -26.22 16.26 1.97
N HIS B 109 -27.13 15.30 1.76
CA HIS B 109 -28.47 15.39 2.31
C HIS B 109 -28.40 15.37 3.81
N PHE B 110 -27.66 14.40 4.37
CA PHE B 110 -27.55 14.31 5.83
C PHE B 110 -26.88 15.59 6.39
N ASN B 111 -25.92 16.15 5.66
CA ASN B 111 -25.25 17.36 6.12
C ASN B 111 -26.25 18.53 6.25
N LYS B 112 -27.12 18.63 5.26
CA LYS B 112 -28.11 19.71 5.20
C LYS B 112 -29.18 19.57 6.27
N VAL B 113 -29.70 18.35 6.39
CA VAL B 113 -30.76 18.04 7.31
C VAL B 113 -30.27 18.08 8.77
N ASP B 114 -29.00 17.72 8.97
CA ASP B 114 -28.40 17.69 10.33
C ASP B 114 -29.23 16.82 11.28
N PRO B 115 -29.59 15.60 10.84
CA PRO B 115 -30.38 14.74 11.71
C PRO B 115 -29.52 14.17 12.85
N LYS B 116 -30.17 13.65 13.88
CA LYS B 116 -29.45 12.81 14.82
C LYS B 116 -28.97 11.57 14.03
N GLN B 117 -27.72 11.23 14.24
CA GLN B 117 -27.02 10.19 13.45
C GLN B 117 -26.41 9.14 14.39
N THR B 118 -26.62 7.87 14.04
CA THR B 118 -26.07 6.76 14.81
C THR B 118 -24.75 6.32 14.21
N TYR B 119 -23.82 5.98 15.09
CA TYR B 119 -22.55 5.43 14.71
C TYR B 119 -22.36 4.13 15.44
N TYR B 120 -22.24 3.07 14.66
CA TYR B 120 -22.13 1.72 15.17
C TYR B 120 -20.68 1.33 15.24
N LEU B 121 -20.18 1.06 16.45
CA LEU B 121 -18.77 0.64 16.63
C LEU B 121 -18.67 -0.87 16.81
N SER B 122 -17.88 -1.50 15.94
CA SER B 122 -17.71 -2.92 16.00
C SER B 122 -16.30 -3.30 15.62
N MET B 123 -15.76 -4.27 16.34
CA MET B 123 -14.46 -4.84 16.00
C MET B 123 -14.53 -5.83 14.86
N GLU B 124 -15.74 -6.14 14.38
CA GLU B 124 -15.90 -7.05 13.27
C GLU B 124 -17.05 -6.63 12.38
N TYR B 125 -16.83 -6.84 11.09
CA TYR B 125 -17.86 -6.79 10.07
C TYR B 125 -17.64 -7.97 9.12
N LEU B 126 -18.64 -8.80 8.91
CA LEU B 126 -18.53 -9.87 7.92
C LEU B 126 -19.23 -9.43 6.67
N GLN B 127 -18.56 -8.57 5.94
CA GLN B 127 -19.13 -7.97 4.72
C GLN B 127 -19.36 -8.96 3.58
N GLY B 128 -18.55 -10.02 3.50
CA GLY B 128 -18.66 -10.95 2.40
C GLY B 128 -18.24 -10.32 1.09
N ARG B 129 -18.74 -10.90 0.00
CA ARG B 129 -18.60 -10.35 -1.34
CA ARG B 129 -18.60 -10.35 -1.32
C ARG B 129 -19.65 -9.27 -1.54
N ALA B 130 -19.28 -8.22 -2.24
CA ALA B 130 -20.17 -7.08 -2.45
C ALA B 130 -20.94 -7.09 -3.78
N LEU B 131 -20.45 -7.81 -4.77
CA LEU B 131 -20.92 -7.66 -6.16
C LEU B 131 -22.43 -7.93 -6.34
N THR B 132 -22.87 -9.11 -5.91
CA THR B 132 -24.27 -9.52 -6.09
C THR B 132 -25.19 -8.59 -5.32
N ASN B 133 -24.78 -8.26 -4.10
CA ASN B 133 -25.52 -7.32 -3.26
C ASN B 133 -25.65 -5.90 -3.88
N ALA B 134 -24.59 -5.41 -4.50
CA ALA B 134 -24.63 -4.07 -5.13
C ALA B 134 -25.60 -4.08 -6.30
N ILE B 135 -25.45 -5.09 -7.15
CA ILE B 135 -26.30 -5.25 -8.33
C ILE B 135 -27.74 -5.36 -7.88
N GLY B 136 -27.96 -6.14 -6.84
CA GLY B 136 -29.29 -6.45 -6.37
C GLY B 136 -29.96 -5.24 -5.77
N ASN B 137 -29.26 -4.50 -4.92
CA ASN B 137 -29.86 -3.35 -4.26
C ASN B 137 -30.15 -2.23 -5.25
N LEU B 138 -29.33 -2.14 -6.29
CA LEU B 138 -29.58 -1.19 -7.36
C LEU B 138 -30.65 -1.68 -8.35
N ASN B 139 -31.13 -2.90 -8.17
CA ASN B 139 -32.09 -3.57 -9.02
C ASN B 139 -31.64 -3.59 -10.47
N LEU B 140 -30.37 -3.90 -10.68
CA LEU B 140 -29.80 -3.98 -12.02
C LEU B 140 -29.37 -5.40 -12.40
N GLN B 141 -30.01 -6.45 -11.84
CA GLN B 141 -29.65 -7.84 -12.17
C GLN B 141 -29.68 -8.16 -13.66
N GLY B 142 -30.81 -7.85 -14.29
CA GLY B 142 -30.97 -8.16 -15.71
C GLY B 142 -29.95 -7.41 -16.54
N PRO B 143 -29.88 -6.09 -16.35
CA PRO B 143 -28.95 -5.32 -17.16
C PRO B 143 -27.48 -5.72 -17.00
N TYR B 144 -27.03 -5.99 -15.77
CA TYR B 144 -25.64 -6.47 -15.56
C TYR B 144 -25.39 -7.87 -16.09
N ALA B 145 -26.35 -8.80 -15.93
CA ALA B 145 -26.20 -10.11 -16.51
C ALA B 145 -26.09 -10.01 -18.03
N ASP B 146 -26.95 -9.21 -18.64
CA ASP B 146 -26.93 -9.06 -20.10
C ASP B 146 -25.62 -8.41 -20.57
N ALA B 147 -25.20 -7.37 -19.84
CA ALA B 147 -23.96 -6.66 -20.16
C ALA B 147 -22.79 -7.63 -20.17
N LEU B 148 -22.64 -8.41 -19.10
CA LEU B 148 -21.51 -9.34 -19.02
C LEU B 148 -21.58 -10.40 -20.10
N ARG B 149 -22.78 -10.85 -20.43
CA ARG B 149 -22.93 -11.82 -21.50
C ARG B 149 -22.43 -11.27 -22.84
N THR B 150 -22.72 -10.00 -23.12
CA THR B 150 -22.20 -9.40 -24.36
C THR B 150 -20.65 -9.30 -24.33
N LEU B 151 -20.05 -9.27 -23.14
CA LEU B 151 -18.60 -9.28 -23.01
C LEU B 151 -18.04 -10.70 -22.87
N GLY B 152 -18.92 -11.70 -22.94
CA GLY B 152 -18.49 -13.08 -23.03
C GLY B 152 -18.42 -13.82 -21.72
N TYR B 153 -19.06 -13.27 -20.69
CA TYR B 153 -19.06 -13.89 -19.37
C TYR B 153 -20.45 -14.03 -18.76
N GLU B 154 -20.60 -15.10 -17.98
CA GLU B 154 -21.74 -15.30 -17.11
C GLU B 154 -21.41 -14.63 -15.81
N LEU B 155 -22.39 -13.96 -15.23
CA LEU B 155 -22.16 -13.21 -14.01
C LEU B 155 -21.62 -14.07 -12.86
N GLU B 156 -22.07 -15.33 -12.76
CA GLU B 156 -21.57 -16.23 -11.71
C GLU B 156 -20.05 -16.49 -11.83
N GLU B 157 -19.51 -16.64 -13.05
CA GLU B 157 -18.07 -16.75 -13.26
CA GLU B 157 -18.08 -16.80 -13.20
C GLU B 157 -17.32 -15.56 -12.68
N ILE B 158 -17.86 -14.38 -12.92
CA ILE B 158 -17.20 -13.19 -12.43
C ILE B 158 -17.36 -13.08 -10.91
N ALA B 159 -18.54 -13.38 -10.41
CA ALA B 159 -18.80 -13.24 -8.97
C ALA B 159 -17.87 -14.12 -8.15
N GLU B 160 -17.54 -15.29 -8.68
CA GLU B 160 -16.63 -16.19 -8.00
C GLU B 160 -15.19 -15.75 -7.93
N GLN B 161 -14.81 -14.74 -8.71
CA GLN B 161 -13.48 -14.19 -8.62
C GLN B 161 -13.30 -13.25 -7.41
N GLU B 162 -14.40 -12.76 -6.83
CA GLU B 162 -14.30 -11.78 -5.76
C GLU B 162 -13.90 -12.43 -4.43
N LYS B 163 -12.91 -11.87 -3.77
CA LYS B 163 -12.52 -12.32 -2.43
C LYS B 163 -13.45 -11.69 -1.39
N ASP B 164 -13.87 -12.44 -0.39
CA ASP B 164 -14.61 -11.83 0.72
C ASP B 164 -13.77 -10.75 1.40
N ALA B 165 -14.39 -9.63 1.77
CA ALA B 165 -13.67 -8.64 2.56
C ALA B 165 -13.48 -9.20 3.96
N ALA B 166 -12.23 -9.49 4.31
CA ALA B 166 -11.89 -10.23 5.54
C ALA B 166 -11.84 -9.30 6.74
N LEU B 167 -13.00 -8.74 7.08
CA LEU B 167 -13.10 -7.68 8.09
C LEU B 167 -13.73 -8.16 9.40
N GLY B 168 -13.95 -9.47 9.52
CA GLY B 168 -14.70 -10.03 10.65
C GLY B 168 -14.47 -11.51 10.74
N ASN B 169 -15.07 -12.14 11.74
CA ASN B 169 -14.89 -13.54 11.98
C ASN B 169 -16.21 -14.27 12.07
N GLY B 170 -17.06 -13.83 12.96
CA GLY B 170 -18.26 -14.61 13.27
C GLY B 170 -19.52 -13.79 13.32
N GLY B 171 -20.48 -14.32 14.07
CA GLY B 171 -21.82 -13.73 14.12
C GLY B 171 -21.89 -12.30 14.61
N LEU B 172 -20.97 -11.91 15.49
CA LEU B 172 -20.92 -10.54 15.94
C LEU B 172 -20.71 -9.60 14.73
N GLY B 173 -19.83 -10.02 13.84
CA GLY B 173 -19.49 -9.25 12.66
C GLY B 173 -20.59 -9.33 11.62
N ARG B 174 -21.19 -10.50 11.45
CA ARG B 174 -22.23 -10.59 10.45
C ARG B 174 -23.46 -9.80 10.89
N LEU B 175 -23.71 -9.76 12.21
CA LEU B 175 -24.79 -8.89 12.75
C LEU B 175 -24.59 -7.44 12.36
N ALA B 176 -23.37 -6.93 12.55
CA ALA B 176 -23.03 -5.57 12.20
C ALA B 176 -23.32 -5.34 10.70
N SER B 177 -22.95 -6.32 9.89
CA SER B 177 -23.10 -6.21 8.44
C SER B 177 -24.55 -6.25 7.99
N CYS B 178 -25.36 -7.11 8.61
CA CYS B 178 -26.81 -7.08 8.34
C CYS B 178 -27.40 -5.74 8.78
N PHE B 179 -26.97 -5.26 9.93
CA PHE B 179 -27.47 -3.99 10.45
C PHE B 179 -27.19 -2.88 9.49
N LEU B 180 -25.99 -2.86 8.90
CA LEU B 180 -25.70 -1.78 7.93
C LEU B 180 -26.66 -1.80 6.74
N ASP B 181 -26.94 -3.00 6.21
CA ASP B 181 -27.87 -3.13 5.09
C ASP B 181 -29.25 -2.62 5.51
N SER B 182 -29.68 -2.95 6.73
CA SER B 182 -30.97 -2.51 7.20
C SER B 182 -30.99 -1.00 7.44
N MET B 183 -29.91 -0.44 7.99
CA MET B 183 -29.82 1.03 8.19
C MET B 183 -30.04 1.73 6.84
N ALA B 184 -29.33 1.28 5.80
CA ALA B 184 -29.45 1.87 4.47
C ALA B 184 -30.89 1.78 3.99
N THR B 185 -31.45 0.56 3.99
CA THR B 185 -32.76 0.29 3.43
C THR B 185 -33.89 1.04 4.16
N LEU B 186 -33.73 1.21 5.48
CA LEU B 186 -34.69 1.95 6.28
C LEU B 186 -34.48 3.48 6.21
N ASN B 187 -33.53 3.91 5.38
CA ASN B 187 -33.27 5.34 5.16
C ASN B 187 -32.77 6.03 6.42
N LEU B 188 -32.16 5.26 7.31
CA LEU B 188 -31.76 5.85 8.59
C LEU B 188 -30.41 6.54 8.46
N PRO B 189 -30.22 7.66 9.18
CA PRO B 189 -28.91 8.30 9.26
C PRO B 189 -28.00 7.58 10.24
N ALA B 190 -27.27 6.59 9.72
CA ALA B 190 -26.51 5.68 10.53
C ALA B 190 -25.34 5.18 9.69
N TRP B 191 -24.17 5.12 10.32
CA TRP B 191 -22.95 4.57 9.75
C TRP B 191 -22.40 3.50 10.66
N GLY B 192 -21.53 2.68 10.10
CA GLY B 192 -20.65 1.83 10.88
C GLY B 192 -19.20 2.32 10.82
N TYR B 193 -18.47 2.12 11.92
CA TYR B 193 -17.03 2.27 11.92
C TYR B 193 -16.37 0.92 12.27
N GLY B 194 -15.24 0.66 11.64
CA GLY B 194 -14.44 -0.55 11.88
C GLY B 194 -13.00 -0.34 11.54
N LEU B 195 -12.21 -1.40 11.75
CA LEU B 195 -10.82 -1.44 11.34
C LEU B 195 -10.69 -2.14 10.00
N ARG B 196 -9.75 -1.64 9.20
CA ARG B 196 -9.43 -2.24 7.91
C ARG B 196 -8.37 -3.33 8.09
N TYR B 197 -8.80 -4.50 8.56
CA TYR B 197 -7.88 -5.61 8.78
C TYR B 197 -7.38 -6.11 7.43
N ARG B 198 -6.09 -6.31 7.31
CA ARG B 198 -5.48 -6.80 6.07
CA ARG B 198 -5.51 -6.80 6.06
C ARG B 198 -5.66 -8.31 5.90
N HIS B 199 -5.54 -9.08 6.99
CA HIS B 199 -5.46 -10.54 6.87
C HIS B 199 -6.53 -11.32 7.59
N GLY B 200 -7.61 -10.65 7.96
CA GLY B 200 -8.75 -11.27 8.59
C GLY B 200 -8.37 -11.95 9.87
N LEU B 201 -8.97 -13.12 10.10
CA LEU B 201 -8.58 -13.97 11.20
C LEU B 201 -7.59 -14.98 10.65
N PHE B 202 -8.06 -15.88 9.79
CA PHE B 202 -7.21 -16.68 8.97
C PHE B 202 -8.03 -17.35 7.89
N LYS B 203 -7.38 -17.65 6.79
CA LYS B 203 -7.95 -18.54 5.79
C LYS B 203 -7.69 -19.95 6.30
N GLN B 204 -8.74 -20.76 6.39
CA GLN B 204 -8.54 -22.16 6.81
C GLN B 204 -8.21 -23.06 5.62
N ILE B 205 -7.13 -23.83 5.73
CA ILE B 205 -6.92 -24.88 4.78
C ILE B 205 -6.93 -26.22 5.53
N ILE B 206 -7.30 -27.26 4.83
CA ILE B 206 -7.36 -28.59 5.42
C ILE B 206 -6.30 -29.47 4.75
N THR B 207 -5.37 -29.98 5.56
CA THR B 207 -4.28 -30.83 5.11
C THR B 207 -4.40 -32.19 5.87
N LYS B 208 -3.44 -33.09 5.64
CA LYS B 208 -3.33 -34.33 6.41
C LYS B 208 -3.24 -34.07 7.89
N LYS B 209 -2.72 -32.92 8.28
CA LYS B 209 -2.62 -32.56 9.69
C LYS B 209 -3.93 -32.09 10.30
N GLY B 210 -4.91 -31.74 9.48
CA GLY B 210 -6.14 -31.10 9.92
C GLY B 210 -6.17 -29.66 9.46
N GLN B 211 -6.67 -28.78 10.32
CA GLN B 211 -6.69 -27.34 10.01
C GLN B 211 -5.30 -26.75 10.10
N GLU B 212 -4.99 -25.92 9.10
CA GLU B 212 -3.83 -25.04 9.11
C GLU B 212 -4.35 -23.65 8.84
N GLU B 213 -3.66 -22.64 9.39
CA GLU B 213 -4.13 -21.28 9.36
C GLU B 213 -3.17 -20.45 8.50
N ILE B 214 -3.69 -19.80 7.48
CA ILE B 214 -2.86 -18.87 6.71
C ILE B 214 -3.51 -17.50 6.57
N PRO B 215 -2.70 -16.45 6.41
CA PRO B 215 -3.27 -15.12 6.32
C PRO B 215 -4.20 -14.97 5.13
N GLU B 216 -5.26 -14.20 5.31
CA GLU B 216 -6.14 -13.87 4.17
C GLU B 216 -5.38 -12.94 3.24
N ASP B 217 -5.75 -12.92 1.96
CA ASP B 217 -5.03 -12.11 0.97
C ASP B 217 -5.95 -11.15 0.20
N TRP B 218 -7.11 -10.84 0.75
CA TRP B 218 -8.12 -10.01 0.03
C TRP B 218 -7.64 -8.62 -0.42
N LEU B 219 -6.59 -8.07 0.22
CA LEU B 219 -6.07 -6.74 -0.14
C LEU B 219 -4.73 -6.78 -0.83
N GLU B 220 -4.26 -7.97 -1.15
CA GLU B 220 -2.90 -8.07 -1.68
C GLU B 220 -2.78 -7.54 -3.10
N LYS B 221 -3.89 -7.51 -3.84
CA LYS B 221 -3.96 -6.73 -5.06
C LYS B 221 -4.65 -5.42 -4.71
N PHE B 222 -5.97 -5.43 -4.67
CA PHE B 222 -6.71 -4.25 -4.22
C PHE B 222 -8.19 -4.59 -4.07
N SER B 223 -8.91 -3.71 -3.37
CA SER B 223 -10.35 -3.84 -3.25
C SER B 223 -10.98 -2.75 -4.08
N PRO B 224 -11.80 -3.13 -5.07
CA PRO B 224 -12.40 -2.14 -5.95
C PRO B 224 -13.54 -1.39 -5.32
N TRP B 225 -13.98 -1.76 -4.13
CA TRP B 225 -15.14 -1.13 -3.53
C TRP B 225 -14.76 0.13 -2.74
N GLU B 226 -13.65 0.07 -2.03
CA GLU B 226 -13.37 1.09 -1.05
C GLU B 226 -12.95 2.42 -1.71
N ILE B 227 -13.13 3.49 -0.93
CA ILE B 227 -12.74 4.84 -1.34
C ILE B 227 -11.88 5.42 -0.24
N VAL B 228 -10.61 5.62 -0.54
CA VAL B 228 -9.73 6.27 0.39
C VAL B 228 -10.07 7.75 0.52
N ARG B 229 -9.94 8.27 1.73
CA ARG B 229 -10.14 9.70 2.03
C ARG B 229 -8.89 10.27 2.70
N HIS B 230 -7.93 10.70 1.89
CA HIS B 230 -6.62 11.14 2.38
C HIS B 230 -6.66 12.37 3.21
N ASP B 231 -7.72 13.17 3.11
CA ASP B 231 -7.94 14.28 4.01
C ASP B 231 -8.49 13.88 5.39
N VAL B 232 -9.08 12.70 5.51
CA VAL B 232 -9.67 12.23 6.80
C VAL B 232 -8.62 11.40 7.52
N VAL B 233 -7.78 12.10 8.27
CA VAL B 233 -6.74 11.48 9.03
C VAL B 233 -6.75 12.09 10.42
N PHE B 234 -6.71 11.22 11.43
CA PHE B 234 -6.68 11.64 12.82
C PHE B 234 -5.55 10.97 13.56
N PRO B 235 -4.89 11.73 14.43
CA PRO B 235 -3.83 11.14 15.24
C PRO B 235 -4.40 10.29 16.38
N VAL B 236 -3.77 9.16 16.63
CA VAL B 236 -4.11 8.28 17.77
C VAL B 236 -2.85 8.01 18.57
N ARG B 237 -2.88 8.25 19.88
CA ARG B 237 -1.72 8.11 20.74
C ARG B 237 -1.78 6.79 21.54
N PHE B 238 -0.61 6.33 21.93
CA PHE B 238 -0.43 5.18 22.81
C PHE B 238 0.72 5.42 23.75
N PHE B 239 0.64 4.82 24.92
CA PHE B 239 1.66 4.98 25.97
C PHE B 239 1.70 6.44 26.44
N GLY B 240 2.87 7.02 26.61
CA GLY B 240 2.98 8.43 27.01
C GLY B 240 2.60 8.67 28.45
N LYS B 241 2.18 9.91 28.73
CA LYS B 241 1.96 10.36 30.10
C LYS B 241 1.03 11.55 30.10
N VAL B 242 0.60 11.94 31.30
CA VAL B 242 -0.33 13.06 31.43
C VAL B 242 0.42 14.29 31.97
N GLN B 243 0.40 15.33 31.14
CA GLN B 243 0.89 16.66 31.48
C GLN B 243 -0.22 17.36 32.26
N VAL B 244 0.18 17.98 33.35
CA VAL B 244 -0.75 18.72 34.20
C VAL B 244 -0.39 20.18 34.12
N ASN B 245 -1.30 20.99 33.62
CA ASN B 245 -1.05 22.41 33.48
C ASN B 245 -1.34 23.20 34.75
N PRO B 246 -0.75 24.40 34.89
CA PRO B 246 -0.96 25.23 36.08
C PRO B 246 -2.45 25.49 36.39
N ASP B 247 -3.28 25.60 35.37
CA ASP B 247 -4.70 25.84 35.57
C ASP B 247 -5.51 24.58 35.87
N GLY B 248 -4.84 23.43 35.96
CA GLY B 248 -5.52 22.18 36.30
C GLY B 248 -5.98 21.37 35.10
N SER B 249 -5.91 21.97 33.90
CA SER B 249 -6.17 21.20 32.71
C SER B 249 -5.10 20.12 32.57
N ARG B 250 -5.47 19.07 31.87
CA ARG B 250 -4.61 17.90 31.72
C ARG B 250 -4.52 17.56 30.24
N LYS B 251 -3.38 17.04 29.83
CA LYS B 251 -3.17 16.76 28.42
C LYS B 251 -2.31 15.51 28.25
N TRP B 252 -2.82 14.55 27.51
CA TRP B 252 -2.04 13.35 27.16
C TRP B 252 -0.98 13.71 26.17
N VAL B 253 0.26 13.36 26.50
CA VAL B 253 1.45 13.74 25.70
C VAL B 253 2.41 12.54 25.57
N ASP B 254 3.36 12.69 24.65
CA ASP B 254 4.44 11.73 24.45
C ASP B 254 3.91 10.36 23.97
N GLY B 255 4.72 9.31 24.16
CA GLY B 255 4.37 8.00 23.63
C GLY B 255 4.49 7.92 22.11
N ASP B 256 3.73 7.01 21.52
CA ASP B 256 3.69 6.81 20.08
C ASP B 256 2.41 7.46 19.51
N VAL B 257 2.54 8.05 18.35
CA VAL B 257 1.36 8.56 17.63
C VAL B 257 1.31 7.91 16.25
N VAL B 258 0.16 7.32 15.97
CA VAL B 258 -0.12 6.73 14.66
C VAL B 258 -1.17 7.58 13.96
N GLN B 259 -1.24 7.48 12.65
CA GLN B 259 -2.23 8.20 11.86
C GLN B 259 -3.37 7.23 11.54
N ALA B 260 -4.61 7.63 11.72
CA ALA B 260 -5.76 6.82 11.35
C ALA B 260 -6.29 7.39 10.03
N LEU B 261 -6.23 6.60 8.98
CA LEU B 261 -6.65 6.99 7.64
C LEU B 261 -7.96 6.29 7.29
N ALA B 262 -8.94 7.07 6.85
CA ALA B 262 -10.27 6.57 6.55
C ALA B 262 -10.40 6.02 5.15
N TYR B 263 -11.09 4.90 5.07
CA TYR B 263 -11.56 4.34 3.81
C TYR B 263 -13.08 4.12 3.94
N ASP B 264 -13.86 4.58 2.98
CA ASP B 264 -15.30 4.33 2.97
C ASP B 264 -15.65 3.16 2.12
N VAL B 265 -16.53 2.32 2.66
CA VAL B 265 -17.20 1.26 1.92
C VAL B 265 -18.68 1.61 1.82
N PRO B 266 -19.13 2.06 0.63
CA PRO B 266 -20.55 2.42 0.45
C PRO B 266 -21.45 1.22 0.69
N ILE B 267 -22.51 1.44 1.46
CA ILE B 267 -23.51 0.43 1.70
C ILE B 267 -24.82 0.88 1.09
N PRO B 268 -25.24 0.28 -0.05
CA PRO B 268 -26.48 0.71 -0.65
C PRO B 268 -27.67 0.09 0.05
N GLY B 269 -28.79 0.77 0.01
CA GLY B 269 -30.05 0.21 0.53
C GLY B 269 -30.94 -0.34 -0.58
N TYR B 270 -31.87 -1.20 -0.23
CA TYR B 270 -32.78 -1.77 -1.19
C TYR B 270 -33.92 -0.81 -1.52
N GLY B 271 -34.06 -0.49 -2.79
CA GLY B 271 -35.17 0.36 -3.25
C GLY B 271 -35.12 1.81 -2.75
N THR B 272 -33.91 2.29 -2.48
CA THR B 272 -33.66 3.65 -2.06
C THR B 272 -32.34 4.17 -2.57
N LYS B 273 -32.28 5.50 -2.75
CA LYS B 273 -31.04 6.17 -3.00
C LYS B 273 -30.09 6.15 -1.80
N ASN B 274 -30.64 6.00 -0.60
CA ASN B 274 -29.83 6.12 0.60
C ASN B 274 -28.70 5.12 0.57
N THR B 275 -27.50 5.65 0.73
CA THR B 275 -26.24 4.89 0.64
C THR B 275 -25.36 5.42 1.73
N ILE B 276 -25.20 4.59 2.77
CA ILE B 276 -24.45 4.96 3.97
C ILE B 276 -23.01 4.42 3.91
N SER B 277 -22.25 4.64 4.97
CA SER B 277 -20.86 4.20 4.98
C SER B 277 -20.58 3.19 6.07
N LEU B 278 -19.75 2.20 5.71
CA LEU B 278 -18.87 1.51 6.66
C LEU B 278 -17.53 2.18 6.47
N ARG B 279 -17.15 3.01 7.42
CA ARG B 279 -15.90 3.75 7.38
C ARG B 279 -14.88 2.94 8.18
N LEU B 280 -13.83 2.54 7.49
CA LEU B 280 -12.78 1.69 8.06
C LEU B 280 -11.51 2.50 8.23
N TRP B 281 -10.79 2.19 9.30
CA TRP B 281 -9.54 2.88 9.64
C TRP B 281 -8.36 2.01 9.36
N GLU B 282 -7.34 2.58 8.70
CA GLU B 282 -6.03 1.95 8.55
C GLU B 282 -5.08 2.73 9.44
N ALA B 283 -4.31 2.00 10.26
CA ALA B 283 -3.24 2.63 11.08
C ALA B 283 -1.94 2.79 10.28
N LYS B 284 -1.41 4.01 10.24
CA LYS B 284 -0.25 4.29 9.44
C LYS B 284 0.74 5.09 10.26
N ALA B 285 2.01 4.89 10.00
CA ALA B 285 3.02 5.87 10.43
C ALA B 285 3.26 6.83 9.29
N ARG B 286 3.85 7.97 9.61
CA ARG B 286 4.19 8.99 8.60
C ARG B 286 5.51 8.61 7.96
N ALA B 287 5.76 9.02 6.71
CA ALA B 287 7.11 8.82 6.13
C ALA B 287 8.22 9.27 7.10
N GLU B 288 8.02 10.43 7.74
CA GLU B 288 8.99 11.03 8.68
C GLU B 288 9.26 10.15 9.92
N ASP B 289 8.41 9.18 10.17
CA ASP B 289 8.61 8.30 11.33
C ASP B 289 9.67 7.24 11.05
N LEU B 290 10.07 7.09 9.79
CA LEU B 290 11.20 6.20 9.46
C LEU B 290 12.48 6.93 9.81
N ASP B 291 13.36 6.29 10.60
CA ASP B 291 14.60 6.95 11.07
C ASP B 291 15.71 6.62 10.05
N LEU B 292 16.06 7.56 9.20
CA LEU B 292 17.05 7.30 8.16
C LEU B 292 18.42 7.00 8.71
N PHE B 293 18.80 7.62 9.81
CA PHE B 293 20.10 7.35 10.40
C PHE B 293 20.21 5.85 10.73
N GLN B 294 19.23 5.33 11.43
CA GLN B 294 19.23 3.90 11.79
CA GLN B 294 19.23 3.89 11.79
C GLN B 294 19.16 3.00 10.56
N PHE B 295 18.35 3.36 9.58
CA PHE B 295 18.23 2.55 8.38
C PHE B 295 19.59 2.47 7.67
N ASN B 296 20.25 3.60 7.56
CA ASN B 296 21.55 3.66 6.87
C ASN B 296 22.70 3.04 7.67
N GLU B 297 22.47 2.80 8.97
CA GLU B 297 23.39 2.05 9.84
C GLU B 297 23.14 0.55 9.79
N GLY B 298 22.12 0.16 9.03
CA GLY B 298 21.74 -1.25 8.90
C GLY B 298 20.85 -1.78 10.00
N GLU B 299 20.26 -0.88 10.80
CA GLU B 299 19.40 -1.26 11.91
C GLU B 299 17.94 -1.12 11.43
N TYR B 300 17.54 -2.01 10.53
CA TYR B 300 16.32 -1.86 9.79
C TYR B 300 15.08 -1.94 10.67
N GLU B 301 15.07 -2.83 11.66
CA GLU B 301 13.92 -3.01 12.51
C GLU B 301 13.70 -1.80 13.40
N LEU B 302 14.78 -1.31 13.99
CA LEU B 302 14.74 -0.09 14.77
C LEU B 302 14.28 1.08 13.93
N ALA B 303 14.83 1.21 12.71
CA ALA B 303 14.47 2.34 11.87
C ALA B 303 12.99 2.44 11.60
N ALA B 304 12.36 1.29 11.40
CA ALA B 304 10.96 1.21 10.94
C ALA B 304 10.04 0.77 12.08
N GLN B 305 10.50 0.91 13.30
CA GLN B 305 9.72 0.39 14.45
C GLN B 305 8.32 1.04 14.57
N LEU B 306 8.18 2.33 14.28
CA LEU B 306 6.84 2.93 14.33
C LEU B 306 5.92 2.40 13.20
N HIS B 307 6.47 2.23 12.00
CA HIS B 307 5.75 1.61 10.89
CA HIS B 307 5.72 1.60 10.89
C HIS B 307 5.29 0.22 11.28
N SER B 308 6.20 -0.53 11.91
CA SER B 308 5.88 -1.90 12.35
C SER B 308 4.71 -1.89 13.39
N ARG B 309 4.81 -1.01 14.36
CA ARG B 309 3.77 -0.93 15.42
C ARG B 309 2.43 -0.48 14.83
N ALA B 310 2.46 0.38 13.83
CA ALA B 310 1.27 0.79 13.10
C ALA B 310 0.67 -0.37 12.30
N GLN B 311 1.49 -1.09 11.55
CA GLN B 311 1.00 -2.21 10.76
CA GLN B 311 1.05 -2.22 10.77
C GLN B 311 0.38 -3.32 11.61
N GLN B 312 0.94 -3.54 12.79
CA GLN B 312 0.45 -4.58 13.69
C GLN B 312 -1.03 -4.39 14.00
N ILE B 313 -1.46 -3.14 14.14
CA ILE B 313 -2.84 -2.83 14.54
C ILE B 313 -3.86 -3.43 13.59
N CYS B 314 -3.56 -3.41 12.31
CA CYS B 314 -4.53 -3.88 11.31
C CYS B 314 -4.11 -5.18 10.65
N THR B 315 -3.18 -5.93 11.24
CA THR B 315 -2.76 -7.19 10.64
C THR B 315 -3.86 -8.28 10.67
N VAL B 316 -4.26 -8.69 11.87
CA VAL B 316 -5.33 -9.66 12.05
C VAL B 316 -6.34 -9.25 13.11
N LEU B 317 -7.50 -9.85 12.99
CA LEU B 317 -8.51 -9.88 14.06
C LEU B 317 -8.01 -10.68 15.26
N TYR B 318 -8.39 -10.20 16.43
CA TYR B 318 -8.19 -10.92 17.69
C TYR B 318 -6.79 -11.52 17.79
N PRO B 319 -5.78 -10.67 17.68
CA PRO B 319 -4.40 -11.19 17.80
C PRO B 319 -4.24 -11.93 19.13
N GLY B 320 -3.49 -13.03 19.10
CA GLY B 320 -3.33 -13.88 20.27
C GLY B 320 -2.82 -13.07 21.45
N ASP B 321 -3.43 -13.28 22.62
CA ASP B 321 -3.13 -12.44 23.75
C ASP B 321 -2.73 -13.19 25.00
N ALA B 322 -2.02 -14.30 24.85
CA ALA B 322 -1.53 -15.01 26.03
C ALA B 322 -0.34 -14.23 26.64
N THR B 323 0.31 -13.39 25.83
CA THR B 323 1.47 -12.60 26.26
C THR B 323 1.07 -11.12 26.48
N GLU B 324 1.88 -10.41 27.25
CA GLU B 324 1.70 -8.96 27.43
C GLU B 324 1.67 -8.23 26.12
N ASN B 325 2.57 -8.57 25.18
CA ASN B 325 2.58 -7.92 23.86
C ASN B 325 1.22 -8.02 23.19
N GLY B 326 0.64 -9.20 23.22
CA GLY B 326 -0.65 -9.46 22.58
C GLY B 326 -1.79 -8.76 23.29
N LYS B 327 -1.76 -8.73 24.61
CA LYS B 327 -2.79 -7.98 25.36
C LYS B 327 -2.73 -6.50 24.98
N LEU B 328 -1.54 -5.94 24.97
CA LEU B 328 -1.40 -4.56 24.61
C LEU B 328 -1.90 -4.31 23.19
N LEU B 329 -1.58 -5.21 22.26
CA LEU B 329 -2.02 -5.03 20.86
C LEU B 329 -3.54 -5.06 20.75
N ARG B 330 -4.19 -5.98 21.49
CA ARG B 330 -5.65 -5.97 21.50
C ARG B 330 -6.21 -4.67 21.99
N LEU B 331 -5.63 -4.13 23.08
CA LEU B 331 -6.10 -2.84 23.58
C LEU B 331 -5.82 -1.71 22.59
N LYS B 332 -4.67 -1.75 21.93
CA LYS B 332 -4.34 -0.74 20.90
C LYS B 332 -5.38 -0.76 19.79
N GLN B 333 -5.80 -1.95 19.34
CA GLN B 333 -6.80 -2.02 18.26
C GLN B 333 -8.13 -1.39 18.70
N GLN B 334 -8.58 -1.72 19.93
CA GLN B 334 -9.79 -1.19 20.46
C GLN B 334 -9.72 0.31 20.61
N PHE B 335 -8.63 0.78 21.19
CA PHE B 335 -8.48 2.23 21.36
C PHE B 335 -8.44 2.98 20.02
N PHE B 336 -7.68 2.43 19.07
CA PHE B 336 -7.55 3.01 17.76
C PHE B 336 -8.95 3.17 17.09
N LEU B 337 -9.76 2.12 17.09
CA LEU B 337 -11.12 2.20 16.56
C LEU B 337 -11.91 3.32 17.25
N CYS B 338 -11.86 3.34 18.58
CA CYS B 338 -12.67 4.30 19.33
C CYS B 338 -12.21 5.75 19.11
N SER B 339 -10.91 5.97 19.23
CA SER B 339 -10.38 7.32 19.13
C SER B 339 -10.55 7.93 17.73
N ALA B 340 -10.21 7.17 16.69
CA ALA B 340 -10.33 7.67 15.35
C ALA B 340 -11.82 7.97 15.07
N SER B 341 -12.69 7.03 15.43
CA SER B 341 -14.10 7.18 15.12
C SER B 341 -14.70 8.38 15.83
N LEU B 342 -14.40 8.53 17.12
CA LEU B 342 -15.00 9.64 17.87
C LEU B 342 -14.47 11.00 17.37
N GLN B 343 -13.20 11.07 16.98
CA GLN B 343 -12.67 12.29 16.41
C GLN B 343 -13.40 12.70 15.13
N ASP B 344 -13.67 11.69 14.30
CA ASP B 344 -14.40 11.89 13.07
C ASP B 344 -15.85 12.36 13.35
N ILE B 345 -16.50 11.69 14.30
CA ILE B 345 -17.90 11.99 14.68
C ILE B 345 -18.00 13.42 15.17
N ILE B 346 -17.08 13.81 16.06
CA ILE B 346 -17.07 15.19 16.58
C ILE B 346 -16.85 16.18 15.45
N SER B 347 -15.90 15.89 14.55
CA SER B 347 -15.66 16.75 13.43
C SER B 347 -16.92 16.94 12.59
N ARG B 348 -17.67 15.87 12.40
CA ARG B 348 -18.89 15.94 11.56
C ARG B 348 -19.99 16.73 12.26
N PHE B 349 -20.14 16.53 13.56
CA PHE B 349 -21.07 17.34 14.38
C PHE B 349 -20.84 18.82 14.18
N HIS B 350 -19.58 19.26 14.27
CA HIS B 350 -19.28 20.67 14.02
C HIS B 350 -19.46 21.15 12.59
N GLU B 351 -19.13 20.32 11.62
CA GLU B 351 -19.18 20.74 10.23
C GLU B 351 -20.63 20.99 9.77
N ARG B 352 -21.60 20.40 10.48
CA ARG B 352 -23.01 20.60 10.18
C ARG B 352 -23.60 21.85 10.80
N SER B 353 -22.81 22.56 11.60
CA SER B 353 -23.23 23.84 12.17
C SER B 353 -23.51 24.86 11.07
N THR B 354 -24.51 25.71 11.28
CA THR B 354 -24.81 26.76 10.31
C THR B 354 -24.35 28.16 10.76
N THR B 355 -23.69 28.26 11.92
CA THR B 355 -23.45 29.56 12.57
C THR B 355 -21.97 29.95 12.55
N SER B 358 -19.51 28.41 16.67
CA SER B 358 -19.47 26.94 16.80
C SER B 358 -20.58 26.46 17.73
N ARG B 359 -21.06 25.23 17.50
CA ARG B 359 -22.34 24.83 18.07
C ARG B 359 -22.24 24.34 19.52
N LYS B 360 -23.35 24.45 20.25
CA LYS B 360 -23.38 24.11 21.67
C LYS B 360 -23.18 22.63 21.89
N TRP B 361 -22.34 22.28 22.86
CA TRP B 361 -22.11 20.91 23.17
C TRP B 361 -23.33 20.21 23.72
N SER B 362 -24.23 20.97 24.32
CA SER B 362 -25.49 20.39 24.77
C SER B 362 -26.26 19.71 23.63
N GLU B 363 -26.03 20.10 22.38
CA GLU B 363 -26.72 19.47 21.25
C GLU B 363 -26.17 18.08 20.92
N PHE B 364 -24.98 17.77 21.43
CA PHE B 364 -24.26 16.59 20.98
C PHE B 364 -25.07 15.29 21.17
N PRO B 365 -25.58 15.01 22.38
CA PRO B 365 -26.33 13.77 22.56
C PRO B 365 -27.70 13.80 21.86
N SER B 366 -28.16 14.97 21.43
CA SER B 366 -29.34 15.07 20.61
C SER B 366 -29.05 14.86 19.12
N LYS B 367 -27.78 14.82 18.75
CA LYS B 367 -27.36 14.72 17.37
C LYS B 367 -26.48 13.50 17.06
N VAL B 368 -26.03 12.81 18.11
CA VAL B 368 -25.13 11.68 18.00
C VAL B 368 -25.58 10.54 18.92
N ALA B 369 -25.60 9.33 18.37
CA ALA B 369 -25.74 8.09 19.14
C ALA B 369 -24.54 7.23 18.79
N VAL B 370 -23.90 6.63 19.79
CA VAL B 370 -22.79 5.72 19.57
C VAL B 370 -23.16 4.36 20.18
N GLN B 371 -23.22 3.32 19.37
CA GLN B 371 -23.57 1.99 19.81
C GLN B 371 -22.33 1.13 19.90
N MET B 372 -22.09 0.56 21.09
CA MET B 372 -20.95 -0.36 21.29
C MET B 372 -21.46 -1.77 21.11
N ASN B 373 -20.94 -2.44 20.06
CA ASN B 373 -21.20 -3.86 19.75
C ASN B 373 -20.27 -4.69 20.64
N ASP B 374 -20.81 -5.28 21.72
CA ASP B 374 -20.02 -5.95 22.74
C ASP B 374 -19.15 -4.91 23.51
N THR B 375 -18.22 -5.40 24.35
CA THR B 375 -17.35 -4.55 25.16
C THR B 375 -16.11 -4.09 24.43
N HIS B 376 -15.86 -4.60 23.23
CA HIS B 376 -14.64 -4.22 22.53
C HIS B 376 -14.50 -2.72 22.39
N PRO B 377 -15.60 -1.97 22.13
CA PRO B 377 -15.49 -0.50 22.06
C PRO B 377 -15.73 0.30 23.35
N THR B 378 -15.55 -0.35 24.49
CA THR B 378 -15.75 0.26 25.81
C THR B 378 -14.94 1.54 25.97
N LEU B 379 -13.73 1.58 25.40
CA LEU B 379 -12.89 2.77 25.53
C LEU B 379 -13.50 4.03 24.91
N ALA B 380 -14.54 3.88 24.08
CA ALA B 380 -15.27 5.05 23.60
C ALA B 380 -15.75 5.92 24.75
N ILE B 381 -16.06 5.31 25.90
CA ILE B 381 -16.56 6.09 27.06
C ILE B 381 -15.51 7.04 27.57
N PRO B 382 -14.37 6.52 28.06
CA PRO B 382 -13.37 7.49 28.56
C PRO B 382 -12.71 8.33 27.45
N GLU B 383 -12.69 7.82 26.20
CA GLU B 383 -12.16 8.60 25.09
C GLU B 383 -13.03 9.76 24.77
N LEU B 384 -14.34 9.58 24.77
CA LEU B 384 -15.21 10.73 24.53
C LEU B 384 -15.05 11.74 25.67
N MET B 385 -14.96 11.25 26.90
CA MET B 385 -14.67 12.15 28.02
C MET B 385 -13.37 12.94 27.83
N ARG B 386 -12.31 12.26 27.42
CA ARG B 386 -11.02 12.92 27.22
C ARG B 386 -11.10 14.01 26.15
N LEU B 387 -11.70 13.66 25.00
CA LEU B 387 -11.82 14.58 23.89
C LEU B 387 -12.64 15.79 24.32
N LEU B 388 -13.73 15.55 25.07
CA LEU B 388 -14.54 16.68 25.52
C LEU B 388 -13.85 17.56 26.53
N MET B 389 -13.19 16.94 27.52
CA MET B 389 -12.58 17.71 28.61
C MET B 389 -11.23 18.33 28.27
N ASP B 390 -10.37 17.55 27.64
CA ASP B 390 -9.02 18.01 27.38
C ASP B 390 -8.96 18.80 26.08
N ASP B 391 -9.31 18.19 24.96
CA ASP B 391 -9.22 18.86 23.67
C ASP B 391 -10.27 20.01 23.56
N ASN B 392 -11.43 19.87 24.19
CA ASN B 392 -12.51 20.86 24.01
C ASN B 392 -12.91 21.61 25.27
N GLY B 393 -12.19 21.39 26.38
CA GLY B 393 -12.32 22.23 27.56
C GLY B 393 -13.56 22.08 28.45
N LEU B 394 -14.38 21.08 28.21
CA LEU B 394 -15.61 20.87 28.99
C LEU B 394 -15.27 20.45 30.41
N GLY B 395 -16.10 20.88 31.36
CA GLY B 395 -15.99 20.38 32.72
C GLY B 395 -16.47 18.93 32.81
N TRP B 396 -16.14 18.27 33.90
CA TRP B 396 -16.55 16.85 34.06
C TRP B 396 -18.03 16.64 33.92
N ASP B 397 -18.82 17.41 34.66
CA ASP B 397 -20.24 17.13 34.69
C ASP B 397 -20.86 17.32 33.32
N GLU B 398 -20.45 18.39 32.63
CA GLU B 398 -20.97 18.61 31.28
C GLU B 398 -20.55 17.50 30.34
N ALA B 399 -19.28 17.10 30.41
CA ALA B 399 -18.76 16.06 29.53
C ALA B 399 -19.47 14.72 29.79
N TRP B 400 -19.73 14.43 31.04
CA TRP B 400 -20.41 13.17 31.46
C TRP B 400 -21.83 13.13 31.02
N ASP B 401 -22.53 14.26 31.10
CA ASP B 401 -23.90 14.31 30.62
C ASP B 401 -23.95 13.97 29.13
N VAL B 402 -23.01 14.53 28.36
CA VAL B 402 -22.94 14.28 26.95
C VAL B 402 -22.64 12.77 26.73
N THR B 403 -21.60 12.27 27.41
CA THR B 403 -21.09 10.93 27.13
C THR B 403 -22.14 9.89 27.48
N SER B 404 -22.72 10.00 28.66
CA SER B 404 -23.70 9.04 29.16
C SER B 404 -24.98 9.02 28.30
N LYS B 405 -25.36 10.15 27.72
CA LYS B 405 -26.52 10.20 26.85
C LYS B 405 -26.21 9.79 25.40
N THR B 406 -24.94 9.69 25.03
CA THR B 406 -24.51 9.38 23.66
C THR B 406 -24.33 7.89 23.49
N VAL B 407 -23.83 7.25 24.53
CA VAL B 407 -23.35 5.83 24.39
C VAL B 407 -24.37 4.82 24.90
N ALA B 408 -24.54 3.73 24.13
CA ALA B 408 -25.33 2.60 24.54
C ALA B 408 -24.51 1.34 24.26
N TYR B 409 -24.83 0.29 24.99
CA TYR B 409 -24.05 -0.95 25.02
C TYR B 409 -24.93 -2.15 24.67
N THR B 410 -24.48 -2.97 23.70
CA THR B 410 -25.08 -4.25 23.40
C THR B 410 -24.20 -5.41 23.91
N ASN B 411 -24.78 -6.19 24.81
CA ASN B 411 -24.17 -7.41 25.36
C ASN B 411 -24.65 -8.61 24.55
N HIS B 412 -23.75 -9.58 24.34
CA HIS B 412 -24.02 -10.77 23.55
C HIS B 412 -23.89 -12.08 24.29
N THR B 413 -23.60 -12.05 25.59
CA THR B 413 -23.19 -13.28 26.24
C THR B 413 -23.94 -13.72 27.51
N VAL B 414 -23.87 -15.02 27.78
CA VAL B 414 -24.45 -15.62 28.99
C VAL B 414 -23.39 -15.75 30.11
N LEU B 415 -22.17 -16.20 29.76
CA LEU B 415 -21.14 -16.54 30.77
C LEU B 415 -20.38 -15.29 31.29
N PRO B 416 -20.46 -15.01 32.60
CA PRO B 416 -19.74 -13.85 33.13
C PRO B 416 -18.23 -13.93 32.90
N GLU B 417 -17.70 -15.16 32.91
CA GLU B 417 -16.29 -15.42 32.63
C GLU B 417 -15.83 -14.87 31.26
N ALA B 418 -16.74 -14.74 30.31
CA ALA B 418 -16.41 -14.20 28.99
C ALA B 418 -16.19 -12.69 28.96
N LEU B 419 -16.67 -11.95 29.96
CA LEU B 419 -16.72 -10.48 29.86
C LEU B 419 -15.33 -9.89 30.06
N GLU B 420 -14.95 -8.96 29.18
CA GLU B 420 -13.56 -8.52 29.11
C GLU B 420 -13.13 -7.81 30.37
N LYS B 421 -11.93 -8.17 30.82
CA LYS B 421 -11.28 -7.49 31.95
C LYS B 421 -9.85 -7.25 31.54
N TRP B 422 -9.28 -6.12 31.94
CA TRP B 422 -7.85 -5.83 31.66
C TRP B 422 -7.08 -5.47 32.89
N SER B 423 -5.85 -5.95 32.96
CA SER B 423 -4.93 -5.52 34.01
C SER B 423 -4.95 -4.01 34.21
N GLN B 424 -5.04 -3.56 35.48
CA GLN B 424 -4.92 -2.16 35.74
C GLN B 424 -3.55 -1.60 35.36
N SER B 425 -2.50 -2.38 35.60
CA SER B 425 -1.14 -1.95 35.25
CA SER B 425 -1.14 -1.94 35.24
C SER B 425 -0.98 -1.75 33.74
N LEU B 426 -1.51 -2.68 32.96
CA LEU B 426 -1.42 -2.58 31.49
C LEU B 426 -2.21 -1.36 30.99
N MET B 427 -3.38 -1.14 31.56
CA MET B 427 -4.18 0.01 31.14
CA MET B 427 -4.18 0.01 31.14
C MET B 427 -3.47 1.33 31.48
N TRP B 428 -2.85 1.41 32.64
CA TRP B 428 -2.08 2.61 33.02
C TRP B 428 -0.93 2.85 32.07
N LYS B 429 -0.26 1.78 31.69
CA LYS B 429 0.90 1.88 30.79
C LYS B 429 0.49 2.36 29.40
N LEU B 430 -0.54 1.77 28.84
CA LEU B 430 -0.93 2.09 27.47
C LEU B 430 -1.79 3.38 27.38
N LEU B 431 -2.66 3.59 28.35
CA LEU B 431 -3.69 4.61 28.25
C LEU B 431 -3.83 5.36 29.62
N PRO B 432 -2.77 6.03 30.03
CA PRO B 432 -2.78 6.64 31.36
C PRO B 432 -3.92 7.64 31.58
N ARG B 433 -4.20 8.46 30.58
CA ARG B 433 -5.26 9.47 30.74
C ARG B 433 -6.62 8.79 30.89
N HIS B 434 -6.81 7.70 30.16
CA HIS B 434 -8.05 6.93 30.27
C HIS B 434 -8.20 6.28 31.61
N MET B 435 -7.10 5.79 32.17
CA MET B 435 -7.20 5.22 33.52
C MET B 435 -7.55 6.32 34.53
N GLU B 436 -7.02 7.52 34.37
CA GLU B 436 -7.44 8.61 35.28
C GLU B 436 -8.95 8.83 35.19
N ILE B 437 -9.48 8.81 33.98
CA ILE B 437 -10.89 9.07 33.73
C ILE B 437 -11.74 7.93 34.28
N ILE B 438 -11.30 6.68 34.07
CA ILE B 438 -12.04 5.50 34.57
C ILE B 438 -12.03 5.52 36.11
N GLU B 439 -10.90 5.87 36.71
CA GLU B 439 -10.87 5.97 38.18
C GLU B 439 -11.90 6.99 38.72
N GLU B 440 -12.08 8.10 38.01
CA GLU B 440 -12.99 9.14 38.44
C GLU B 440 -14.44 8.68 38.20
N ILE B 441 -14.69 7.98 37.09
CA ILE B 441 -16.02 7.42 36.85
C ILE B 441 -16.38 6.51 38.01
N ASP B 442 -15.44 5.64 38.37
CA ASP B 442 -15.69 4.69 39.46
C ASP B 442 -15.88 5.38 40.82
N LYS B 443 -15.02 6.37 41.10
CA LYS B 443 -15.13 7.14 42.34
C LYS B 443 -16.53 7.76 42.46
N ARG B 444 -16.99 8.35 41.38
CA ARG B 444 -18.29 9.00 41.39
C ARG B 444 -19.44 8.03 41.47
N PHE B 445 -19.29 6.88 40.80
CA PHE B 445 -20.31 5.85 40.89
C PHE B 445 -20.46 5.32 42.32
N VAL B 446 -19.35 4.98 42.93
CA VAL B 446 -19.37 4.51 44.30
C VAL B 446 -19.99 5.58 45.22
N GLN B 447 -19.68 6.85 44.99
CA GLN B 447 -20.29 7.93 45.79
C GLN B 447 -21.81 8.01 45.61
N THR B 448 -22.29 7.75 44.40
CA THR B 448 -23.73 7.69 44.14
C THR B 448 -24.38 6.62 45.01
N ILE B 449 -23.71 5.48 45.13
CA ILE B 449 -24.23 4.41 45.96
C ILE B 449 -24.27 4.88 47.40
N ARG B 450 -23.20 5.52 47.86
CA ARG B 450 -23.16 5.96 49.26
C ARG B 450 -24.15 7.08 49.56
N ASP B 451 -24.46 7.89 48.57
CA ASP B 451 -25.39 9.02 48.75
C ASP B 451 -26.87 8.64 48.61
N THR B 452 -27.16 7.67 47.75
CA THR B 452 -28.53 7.41 47.32
C THR B 452 -28.98 5.96 47.50
N ARG B 453 -28.03 5.02 47.65
CA ARG B 453 -28.40 3.59 47.72
C ARG B 453 -27.52 2.85 48.72
N VAL B 454 -27.55 3.30 49.95
CA VAL B 454 -26.69 2.76 50.99
C VAL B 454 -26.97 1.27 51.25
N ASP B 455 -28.19 0.83 50.96
CA ASP B 455 -28.54 -0.59 50.97
C ASP B 455 -27.62 -1.49 50.08
N LEU B 456 -26.95 -0.91 49.09
CA LEU B 456 -26.03 -1.65 48.19
C LEU B 456 -24.56 -1.52 48.59
N GLU B 457 -24.29 -0.89 49.73
CA GLU B 457 -22.91 -0.68 50.20
C GLU B 457 -22.10 -1.98 50.18
N ASP B 458 -22.70 -3.08 50.64
CA ASP B 458 -22.01 -4.38 50.69
C ASP B 458 -21.68 -4.98 49.35
N LYS B 459 -22.30 -4.48 48.29
CA LYS B 459 -22.02 -4.92 46.94
C LYS B 459 -21.10 -4.01 46.15
N ILE B 460 -20.56 -2.97 46.78
CA ILE B 460 -19.63 -2.08 46.10
C ILE B 460 -18.47 -2.87 45.47
N SER B 461 -17.95 -3.88 46.17
CA SER B 461 -16.81 -4.64 45.64
C SER B 461 -17.11 -5.33 44.32
N SER B 462 -18.35 -5.78 44.11
CA SER B 462 -18.73 -6.45 42.87
C SER B 462 -19.28 -5.48 41.81
N LEU B 463 -19.86 -4.37 42.25
CA LEU B 463 -20.44 -3.38 41.34
C LEU B 463 -19.44 -2.39 40.78
N SER B 464 -18.33 -2.17 41.49
CA SER B 464 -17.33 -1.22 41.00
CA SER B 464 -17.34 -1.22 40.99
C SER B 464 -16.72 -1.65 39.66
N ILE B 465 -16.28 -0.67 38.89
CA ILE B 465 -15.60 -0.94 37.64
C ILE B 465 -14.21 -1.53 37.91
N LEU B 466 -13.53 -1.01 38.94
CA LEU B 466 -12.20 -1.49 39.30
C LEU B 466 -12.31 -2.63 40.27
N ASP B 467 -11.64 -3.74 39.94
CA ASP B 467 -11.47 -4.89 40.84
C ASP B 467 -10.08 -4.78 41.42
N ASN B 468 -9.99 -4.45 42.71
CA ASN B 468 -8.68 -4.22 43.36
C ASN B 468 -8.15 -5.46 44.08
N ASN B 469 -8.47 -6.62 43.55
CA ASN B 469 -7.90 -7.92 43.96
C ASN B 469 -6.37 -7.74 44.18
N PRO B 470 -5.83 -8.26 45.28
CA PRO B 470 -4.40 -8.04 45.57
C PRO B 470 -3.42 -8.66 44.54
N GLN B 471 -3.81 -9.77 43.92
CA GLN B 471 -2.94 -10.50 42.99
C GLN B 471 -3.05 -10.00 41.57
N LYS B 472 -4.28 -9.71 41.13
CA LYS B 472 -4.56 -9.43 39.72
C LYS B 472 -5.64 -8.34 39.62
N PRO B 473 -5.30 -7.09 39.97
CA PRO B 473 -6.26 -5.98 39.82
C PRO B 473 -6.62 -5.76 38.37
N VAL B 474 -7.92 -5.57 38.07
CA VAL B 474 -8.36 -5.41 36.69
C VAL B 474 -9.44 -4.33 36.58
N VAL B 475 -9.65 -3.87 35.36
CA VAL B 475 -10.75 -3.03 34.97
C VAL B 475 -11.81 -3.96 34.34
N ARG B 476 -13.01 -3.91 34.91
CA ARG B 476 -14.14 -4.70 34.43
C ARG B 476 -14.88 -3.91 33.35
N MET B 477 -14.61 -4.22 32.08
CA MET B 477 -15.11 -3.40 30.99
C MET B 477 -16.63 -3.41 30.87
N ALA B 478 -17.25 -4.56 31.14
CA ALA B 478 -18.73 -4.64 31.08
C ALA B 478 -19.37 -3.74 32.15
N ASN B 479 -18.74 -3.64 33.34
CA ASN B 479 -19.22 -2.76 34.40
C ASN B 479 -19.09 -1.30 33.98
N LEU B 480 -17.97 -0.95 33.35
CA LEU B 480 -17.80 0.37 32.84
C LEU B 480 -18.88 0.69 31.80
N CYS B 481 -19.20 -0.29 30.95
CA CYS B 481 -20.23 -0.06 29.92
C CYS B 481 -21.59 0.15 30.57
N VAL B 482 -21.95 -0.69 31.54
CA VAL B 482 -23.29 -0.61 32.13
C VAL B 482 -23.45 0.68 32.93
N VAL B 483 -22.40 1.05 33.70
CA VAL B 483 -22.45 2.27 34.52
C VAL B 483 -22.61 3.53 33.67
N SER B 484 -21.99 3.55 32.50
CA SER B 484 -21.86 4.74 31.68
C SER B 484 -22.95 4.90 30.64
N SER B 485 -23.49 3.80 30.13
CA SER B 485 -24.40 3.83 29.00
C SER B 485 -25.82 4.12 29.45
N HIS B 486 -26.56 4.87 28.65
CA HIS B 486 -27.95 5.15 28.98
C HIS B 486 -28.85 3.96 28.78
N THR B 487 -28.46 3.08 27.87
CA THR B 487 -29.19 1.86 27.57
C THR B 487 -28.19 0.69 27.43
N VAL B 488 -28.60 -0.45 27.95
CA VAL B 488 -27.96 -1.74 27.73
C VAL B 488 -28.99 -2.69 27.15
N ASN B 489 -28.64 -3.43 26.09
CA ASN B 489 -29.54 -4.43 25.55
C ASN B 489 -28.90 -5.79 25.32
N GLY B 490 -29.70 -6.85 25.51
CA GLY B 490 -29.35 -8.15 25.05
C GLY B 490 -29.95 -8.41 23.69
N VAL B 491 -29.77 -9.63 23.21
CA VAL B 491 -29.97 -9.93 21.79
C VAL B 491 -31.00 -10.99 21.50
N ALA B 492 -31.72 -11.40 22.53
CA ALA B 492 -32.86 -12.29 22.47
C ALA B 492 -33.64 -12.17 23.78
N GLN B 493 -34.95 -12.40 23.75
CA GLN B 493 -35.73 -12.15 24.95
C GLN B 493 -35.19 -12.89 26.17
N LEU B 494 -34.86 -14.18 26.05
CA LEU B 494 -34.43 -14.92 27.23
C LEU B 494 -33.08 -14.43 27.70
N HIS B 495 -32.18 -14.11 26.74
CA HIS B 495 -30.87 -13.54 27.05
C HIS B 495 -31.02 -12.24 27.82
N SER B 496 -31.82 -11.34 27.28
CA SER B 496 -32.04 -10.02 27.89
C SER B 496 -32.68 -10.14 29.28
N ASP B 497 -33.60 -11.09 29.43
CA ASP B 497 -34.20 -11.37 30.75
C ASP B 497 -33.16 -11.83 31.78
N ILE B 498 -32.25 -12.69 31.34
CA ILE B 498 -31.16 -13.17 32.21
C ILE B 498 -30.20 -12.02 32.59
N LEU B 499 -29.90 -11.14 31.65
CA LEU B 499 -29.06 -9.97 31.96
C LEU B 499 -29.68 -9.16 33.11
N LYS B 500 -31.00 -8.95 33.02
CA LYS B 500 -31.73 -8.15 34.03
C LYS B 500 -31.93 -8.84 35.36
N ALA B 501 -32.25 -10.13 35.30
CA ALA B 501 -32.62 -10.89 36.48
C ALA B 501 -31.43 -11.43 37.27
N GLU B 502 -30.32 -11.70 36.58
CA GLU B 502 -29.24 -12.39 37.21
C GLU B 502 -27.90 -11.64 37.11
N LEU B 503 -27.42 -11.43 35.89
CA LEU B 503 -26.06 -10.92 35.68
CA LEU B 503 -26.06 -10.94 35.68
C LEU B 503 -25.89 -9.48 36.17
N PHE B 504 -26.85 -8.62 35.84
CA PHE B 504 -26.78 -7.21 36.21
C PHE B 504 -27.95 -6.71 37.05
N ALA B 505 -28.47 -7.58 37.90
CA ALA B 505 -29.66 -7.31 38.69
C ALA B 505 -29.51 -6.04 39.54
N ASP B 506 -28.35 -5.84 40.17
CA ASP B 506 -28.16 -4.67 41.04
C ASP B 506 -28.12 -3.38 40.23
N TYR B 507 -27.50 -3.43 39.06
CA TYR B 507 -27.55 -2.27 38.18
C TYR B 507 -28.98 -1.96 37.73
N VAL B 508 -29.76 -2.99 37.49
CA VAL B 508 -31.18 -2.80 37.14
C VAL B 508 -31.91 -2.13 38.29
N SER B 509 -31.58 -2.47 39.52
CA SER B 509 -32.19 -1.83 40.67
C SER B 509 -31.83 -0.34 40.70
N ILE B 510 -30.60 0.00 40.35
CA ILE B 510 -30.16 1.38 40.35
C ILE B 510 -30.84 2.18 39.22
N TRP B 511 -30.93 1.57 38.05
CA TRP B 511 -31.48 2.20 36.83
C TRP B 511 -32.55 1.33 36.23
N PRO B 512 -33.80 1.46 36.72
CA PRO B 512 -34.85 0.53 36.31
C PRO B 512 -35.21 0.54 34.82
N ASN B 513 -34.88 1.58 34.07
CA ASN B 513 -35.20 1.60 32.64
C ASN B 513 -34.02 1.46 31.70
N LYS B 514 -32.82 1.24 32.23
CA LYS B 514 -31.63 1.16 31.40
C LYS B 514 -31.65 -0.08 30.49
N PHE B 515 -32.13 -1.20 31.00
CA PHE B 515 -31.99 -2.46 30.25
C PHE B 515 -33.18 -2.75 29.33
N GLN B 516 -32.84 -3.16 28.12
CA GLN B 516 -33.78 -3.52 27.05
C GLN B 516 -33.41 -4.81 26.36
N ASN B 517 -34.34 -5.27 25.52
CA ASN B 517 -34.06 -6.35 24.60
C ASN B 517 -34.15 -5.82 23.15
N LYS B 518 -33.25 -6.28 22.31
CA LYS B 518 -33.40 -6.13 20.86
C LYS B 518 -33.03 -7.47 20.22
N THR B 519 -34.05 -8.23 19.85
CA THR B 519 -33.81 -9.53 19.27
C THR B 519 -33.02 -9.37 17.92
N ASN B 520 -31.94 -10.13 17.78
CA ASN B 520 -31.14 -10.11 16.54
C ASN B 520 -31.95 -10.48 15.33
N GLY B 521 -31.41 -10.16 14.17
CA GLY B 521 -32.05 -10.49 12.92
C GLY B 521 -31.01 -10.55 11.79
N ILE B 522 -31.52 -10.85 10.60
CA ILE B 522 -30.71 -11.05 9.39
C ILE B 522 -31.34 -10.29 8.24
N THR B 523 -30.55 -9.82 7.29
CA THR B 523 -31.15 -9.11 6.16
C THR B 523 -31.73 -10.07 5.12
N PRO B 524 -33.00 -9.86 4.74
CA PRO B 524 -33.56 -10.78 3.74
C PRO B 524 -33.16 -10.43 2.32
N ARG B 525 -32.35 -9.38 2.16
CA ARG B 525 -31.73 -9.15 0.86
C ARG B 525 -30.60 -10.18 0.65
N ARG B 526 -29.48 -10.01 1.33
CA ARG B 526 -28.41 -11.01 1.14
C ARG B 526 -28.91 -12.44 1.38
N TRP B 527 -29.73 -12.64 2.42
CA TRP B 527 -29.99 -14.01 2.92
C TRP B 527 -31.25 -14.65 2.40
N LEU B 528 -31.88 -14.02 1.42
CA LEU B 528 -32.94 -14.72 0.70
C LEU B 528 -33.02 -14.24 -0.72
N ARG B 529 -33.31 -12.95 -0.90
CA ARG B 529 -33.53 -12.45 -2.25
C ARG B 529 -32.33 -12.69 -3.13
N PHE B 530 -31.14 -12.45 -2.61
CA PHE B 530 -29.93 -12.49 -3.45
C PHE B 530 -29.22 -13.86 -3.45
N CYS B 531 -29.25 -14.56 -2.35
CA CYS B 531 -28.62 -15.88 -2.29
C CYS B 531 -29.51 -16.97 -2.91
N SER B 532 -30.83 -16.73 -2.95
CA SER B 532 -31.78 -17.73 -3.47
C SER B 532 -32.78 -17.07 -4.41
N PRO B 533 -32.31 -16.57 -5.56
CA PRO B 533 -33.23 -15.81 -6.41
C PRO B 533 -34.37 -16.62 -6.99
N GLU B 534 -34.15 -17.89 -7.32
CA GLU B 534 -35.23 -18.69 -7.89
C GLU B 534 -36.33 -18.93 -6.84
N LEU B 535 -35.95 -19.27 -5.61
CA LEU B 535 -36.92 -19.44 -4.53
C LEU B 535 -37.65 -18.12 -4.29
N SER B 536 -36.90 -17.03 -4.33
CA SER B 536 -37.50 -15.67 -4.19
C SER B 536 -38.55 -15.37 -5.23
N ASP B 537 -38.29 -15.73 -6.48
CA ASP B 537 -39.29 -15.55 -7.54
C ASP B 537 -40.55 -16.37 -7.29
N ILE B 538 -40.39 -17.58 -6.75
CA ILE B 538 -41.54 -18.40 -6.36
C ILE B 538 -42.36 -17.68 -5.26
N ILE B 539 -41.66 -17.14 -4.26
CA ILE B 539 -42.33 -16.43 -3.15
C ILE B 539 -43.14 -15.25 -3.71
N THR B 540 -42.50 -14.45 -4.56
CA THR B 540 -43.15 -13.31 -5.17
C THR B 540 -44.38 -13.69 -6.01
N LYS B 541 -44.26 -14.80 -6.77
CA LYS B 541 -45.35 -15.31 -7.58
C LYS B 541 -46.54 -15.64 -6.69
N TRP B 542 -46.29 -16.40 -5.62
CA TRP B 542 -47.38 -16.90 -4.77
C TRP B 542 -47.98 -15.89 -3.85
N LEU B 543 -47.20 -14.93 -3.39
CA LEU B 543 -47.69 -13.85 -2.55
C LEU B 543 -48.30 -12.71 -3.40
N LYS B 544 -48.08 -12.78 -4.72
CA LYS B 544 -48.50 -11.75 -5.68
C LYS B 544 -47.91 -10.37 -5.38
N THR B 545 -46.72 -10.34 -4.81
CA THR B 545 -46.04 -9.10 -4.51
C THR B 545 -44.60 -9.44 -4.18
N ASP B 546 -43.71 -8.52 -4.48
CA ASP B 546 -42.33 -8.61 -4.01
C ASP B 546 -42.07 -7.70 -2.79
N LYS B 547 -43.14 -7.17 -2.21
CA LYS B 547 -42.95 -6.25 -1.07
C LYS B 547 -42.42 -6.97 0.18
N TRP B 548 -42.41 -8.29 0.17
CA TRP B 548 -41.86 -9.06 1.29
C TRP B 548 -40.39 -8.80 1.48
N ILE B 549 -39.69 -8.33 0.44
CA ILE B 549 -38.24 -8.07 0.50
C ILE B 549 -37.91 -6.96 1.51
N THR B 550 -38.82 -6.03 1.73
CA THR B 550 -38.67 -5.04 2.81
C THR B 550 -39.78 -5.13 3.89
N ASP B 551 -40.65 -6.12 3.84
CA ASP B 551 -41.72 -6.32 4.85
C ASP B 551 -41.88 -7.83 5.04
N LEU B 552 -40.95 -8.40 5.79
CA LEU B 552 -40.72 -9.84 5.73
C LEU B 552 -41.87 -10.61 6.37
N ASP B 553 -42.65 -9.95 7.21
CA ASP B 553 -43.82 -10.63 7.78
C ASP B 553 -44.87 -11.02 6.74
N LEU B 554 -44.81 -10.43 5.53
CA LEU B 554 -45.68 -10.88 4.47
C LEU B 554 -45.47 -12.36 4.10
N LEU B 555 -44.32 -12.93 4.47
CA LEU B 555 -44.10 -14.33 4.21
C LEU B 555 -45.19 -15.23 4.82
N THR B 556 -45.90 -14.76 5.84
CA THR B 556 -46.96 -15.59 6.43
C THR B 556 -48.08 -15.93 5.45
N GLY B 557 -48.15 -15.17 4.34
CA GLY B 557 -49.09 -15.42 3.27
C GLY B 557 -48.83 -16.72 2.52
N LEU B 558 -47.67 -17.32 2.74
CA LEU B 558 -47.39 -18.64 2.16
C LEU B 558 -48.12 -19.78 2.88
N ARG B 559 -48.49 -19.57 4.14
CA ARG B 559 -49.09 -20.66 4.93
C ARG B 559 -50.31 -21.27 4.29
N GLN B 560 -51.14 -20.42 3.71
CA GLN B 560 -52.37 -20.87 3.09
C GLN B 560 -52.12 -21.84 1.92
N PHE B 561 -50.90 -21.83 1.38
CA PHE B 561 -50.53 -22.65 0.23
C PHE B 561 -49.63 -23.82 0.60
N ALA B 562 -49.38 -24.06 1.89
CA ALA B 562 -48.35 -25.06 2.23
C ALA B 562 -48.74 -26.50 1.85
N ASP B 563 -50.03 -26.76 1.60
CA ASP B 563 -50.50 -28.08 1.11
C ASP B 563 -50.77 -28.06 -0.39
N ASN B 564 -50.45 -26.95 -1.04
CA ASN B 564 -50.69 -26.83 -2.47
C ASN B 564 -49.60 -27.62 -3.23
N GLU B 565 -50.01 -28.59 -4.02
CA GLU B 565 -49.06 -29.50 -4.65
C GLU B 565 -48.23 -28.82 -5.73
N GLU B 566 -48.82 -27.85 -6.42
CA GLU B 566 -48.04 -27.07 -7.38
C GLU B 566 -46.94 -26.26 -6.68
N LEU B 567 -47.27 -25.57 -5.58
CA LEU B 567 -46.26 -24.83 -4.85
C LEU B 567 -45.20 -25.82 -4.33
N GLN B 568 -45.61 -26.95 -3.77
CA GLN B 568 -44.66 -27.94 -3.28
C GLN B 568 -43.71 -28.38 -4.41
N SER B 569 -44.26 -28.58 -5.60
CA SER B 569 -43.44 -28.95 -6.76
C SER B 569 -42.43 -27.87 -7.16
N GLU B 570 -42.86 -26.61 -7.18
CA GLU B 570 -41.92 -25.51 -7.45
C GLU B 570 -40.86 -25.39 -6.35
N TRP B 571 -41.29 -25.56 -5.11
CA TRP B 571 -40.41 -25.47 -3.96
C TRP B 571 -39.32 -26.52 -4.05
N ALA B 572 -39.73 -27.75 -4.34
CA ALA B 572 -38.81 -28.93 -4.52
C ALA B 572 -37.83 -28.67 -5.66
N SER B 573 -38.33 -28.15 -6.78
CA SER B 573 -37.48 -27.85 -7.93
CA SER B 573 -37.49 -27.84 -7.92
C SER B 573 -36.42 -26.82 -7.60
N ALA B 574 -36.79 -25.78 -6.85
CA ALA B 574 -35.85 -24.74 -6.45
C ALA B 574 -34.79 -25.32 -5.51
N LYS B 575 -35.22 -26.17 -4.58
CA LYS B 575 -34.25 -26.77 -3.63
C LYS B 575 -33.29 -27.67 -4.41
N THR B 576 -33.83 -28.47 -5.31
CA THR B 576 -33.02 -29.33 -6.17
C THR B 576 -31.94 -28.55 -6.95
N ALA B 577 -32.31 -27.42 -7.54
CA ALA B 577 -31.34 -26.62 -8.30
C ALA B 577 -30.27 -26.09 -7.36
N ASN B 578 -30.68 -25.66 -6.17
CA ASN B 578 -29.71 -25.21 -5.17
C ASN B 578 -28.80 -26.36 -4.68
N LYS B 579 -29.38 -27.56 -4.53
CA LYS B 579 -28.56 -28.72 -4.13
C LYS B 579 -27.53 -29.07 -5.19
N LYS B 580 -27.93 -28.99 -6.45
CA LYS B 580 -27.02 -29.28 -7.55
C LYS B 580 -25.88 -28.28 -7.57
N ARG B 581 -26.19 -27.01 -7.36
CA ARG B 581 -25.15 -25.99 -7.31
C ARG B 581 -24.23 -26.21 -6.12
N LEU B 582 -24.79 -26.56 -4.97
CA LEU B 582 -23.97 -26.84 -3.82
C LEU B 582 -23.07 -28.06 -4.09
N ALA B 583 -23.62 -29.09 -4.71
CA ALA B 583 -22.83 -30.32 -4.97
C ALA B 583 -21.64 -29.99 -5.88
N GLN B 584 -21.89 -29.13 -6.88
CA GLN B 584 -20.81 -28.67 -7.77
CA GLN B 584 -20.81 -28.67 -7.78
C GLN B 584 -19.74 -27.94 -6.97
N TYR B 585 -20.17 -27.07 -6.05
CA TYR B 585 -19.27 -26.31 -5.22
C TYR B 585 -18.42 -27.22 -4.33
N ILE B 586 -19.11 -28.13 -3.64
CA ILE B 586 -18.40 -29.05 -2.72
C ILE B 586 -17.33 -29.86 -3.49
N GLU B 587 -17.68 -30.33 -4.69
CA GLU B 587 -16.73 -31.14 -5.50
C GLU B 587 -15.52 -30.29 -5.83
N ARG B 588 -15.76 -29.05 -6.20
CA ARG B 588 -14.66 -28.14 -6.56
C ARG B 588 -13.74 -27.85 -5.38
N VAL B 589 -14.30 -27.67 -4.19
CA VAL B 589 -13.51 -27.23 -3.04
C VAL B 589 -12.99 -28.37 -2.16
N THR B 590 -13.60 -29.56 -2.25
CA THR B 590 -13.15 -30.69 -1.44
C THR B 590 -12.72 -31.90 -2.24
N GLY B 591 -13.15 -31.97 -3.51
CA GLY B 591 -12.82 -33.12 -4.34
C GLY B 591 -13.80 -34.27 -4.19
N VAL B 592 -14.76 -34.13 -3.26
CA VAL B 592 -15.76 -35.18 -3.00
C VAL B 592 -17.03 -34.90 -3.80
N SER B 593 -17.42 -35.88 -4.61
CA SER B 593 -18.69 -35.82 -5.35
CA SER B 593 -18.68 -35.78 -5.32
C SER B 593 -19.81 -36.25 -4.41
N ILE B 594 -20.81 -35.39 -4.23
CA ILE B 594 -21.93 -35.73 -3.34
C ILE B 594 -23.20 -35.93 -4.17
N ASP B 595 -24.07 -36.78 -3.67
CA ASP B 595 -25.27 -37.20 -4.39
C ASP B 595 -26.41 -36.23 -4.11
N PRO B 596 -26.82 -35.43 -5.10
CA PRO B 596 -27.88 -34.43 -4.78
C PRO B 596 -29.27 -35.02 -4.45
N THR B 597 -29.47 -36.32 -4.63
CA THR B 597 -30.70 -36.97 -4.16
C THR B 597 -30.64 -37.37 -2.67
N SER B 598 -29.47 -37.22 -2.04
CA SER B 598 -29.36 -37.52 -0.64
C SER B 598 -29.81 -36.32 0.20
N LEU B 599 -30.14 -36.60 1.46
CA LEU B 599 -30.49 -35.53 2.41
C LEU B 599 -29.24 -34.74 2.73
N PHE B 600 -29.29 -33.43 2.51
CA PHE B 600 -28.18 -32.54 2.83
C PHE B 600 -28.35 -32.01 4.26
N ASP B 601 -27.45 -32.46 5.13
CA ASP B 601 -27.43 -32.24 6.58
C ASP B 601 -26.18 -31.41 6.93
N ILE B 602 -26.38 -30.17 7.36
CA ILE B 602 -25.28 -29.18 7.50
C ILE B 602 -25.12 -28.71 8.96
N GLN B 603 -23.88 -28.65 9.43
CA GLN B 603 -23.57 -27.97 10.71
C GLN B 603 -22.38 -27.05 10.48
N VAL B 604 -22.62 -25.75 10.51
CA VAL B 604 -21.56 -24.78 10.19
C VAL B 604 -21.57 -23.69 11.24
N LYS B 605 -20.50 -23.69 12.01
CA LYS B 605 -20.24 -22.66 12.99
C LYS B 605 -18.90 -22.91 13.63
N ARG B 606 -18.51 -21.94 14.45
CA ARG B 606 -17.23 -22.01 15.14
C ARG B 606 -17.10 -23.39 15.77
N ILE B 607 -15.92 -23.99 15.64
CA ILE B 607 -15.70 -25.30 16.25
C ILE B 607 -15.41 -25.09 17.73
N HIS B 608 -16.24 -25.69 18.57
CA HIS B 608 -16.10 -25.57 20.01
C HIS B 608 -16.76 -26.75 20.67
N GLU B 609 -16.22 -27.16 21.81
CA GLU B 609 -16.88 -28.22 22.60
C GLU B 609 -18.33 -27.91 22.93
N TYR B 610 -18.68 -26.66 23.25
CA TYR B 610 -20.09 -26.37 23.58
C TYR B 610 -21.02 -26.40 22.41
N LYS B 611 -20.47 -26.27 21.19
CA LYS B 611 -21.25 -26.32 19.96
C LYS B 611 -21.58 -27.77 19.55
N ARG B 612 -20.77 -28.70 20.04
CA ARG B 612 -21.04 -30.13 19.94
C ARG B 612 -20.99 -30.69 18.52
N GLN B 613 -20.14 -30.12 17.68
CA GLN B 613 -19.70 -30.87 16.47
C GLN B 613 -19.27 -32.29 16.85
N LEU B 614 -18.68 -32.47 18.02
CA LEU B 614 -18.24 -33.78 18.47
C LEU B 614 -19.42 -34.77 18.59
N MET B 615 -20.58 -34.27 19.04
CA MET B 615 -21.76 -35.11 19.14
C MET B 615 -22.25 -35.53 17.76
N ASN B 616 -22.31 -34.54 16.84
CA ASN B 616 -22.66 -34.80 15.47
C ASN B 616 -21.75 -35.89 14.87
N ILE B 617 -20.44 -35.71 14.96
CA ILE B 617 -19.52 -36.64 14.31
C ILE B 617 -19.58 -38.03 14.97
N LEU B 618 -19.77 -38.11 16.29
CA LEU B 618 -19.96 -39.41 16.93
C LEU B 618 -21.26 -40.07 16.43
N GLY B 619 -22.29 -39.27 16.15
CA GLY B 619 -23.52 -39.85 15.57
C GLY B 619 -23.27 -40.38 14.15
N VAL B 620 -22.48 -39.64 13.39
CA VAL B 620 -22.10 -40.07 12.04
C VAL B 620 -21.33 -41.40 12.12
N VAL B 621 -20.41 -41.48 13.07
CA VAL B 621 -19.60 -42.69 13.24
C VAL B 621 -20.50 -43.87 13.56
N TYR B 622 -21.46 -43.63 14.42
CA TYR B 622 -22.43 -44.67 14.73
C TYR B 622 -23.24 -45.12 13.48
N ARG B 623 -23.74 -44.15 12.72
CA ARG B 623 -24.54 -44.42 11.50
CA ARG B 623 -24.53 -44.38 11.49
C ARG B 623 -23.71 -45.20 10.49
N PHE B 624 -22.44 -44.82 10.32
CA PHE B 624 -21.51 -45.56 9.48
C PHE B 624 -21.37 -47.03 9.95
N LYS B 625 -21.11 -47.22 11.23
CA LYS B 625 -20.91 -48.56 11.77
C LYS B 625 -22.16 -49.43 11.55
N LYS B 626 -23.33 -48.85 11.76
CA LYS B 626 -24.58 -49.55 11.51
C LYS B 626 -24.71 -49.94 10.03
N LEU B 627 -24.43 -49.00 9.13
CA LEU B 627 -24.48 -49.28 7.70
C LEU B 627 -23.53 -50.42 7.31
N LYS B 628 -22.32 -50.41 7.84
CA LYS B 628 -21.35 -51.47 7.55
C LYS B 628 -21.83 -52.83 8.00
N GLU B 629 -22.56 -52.85 9.10
CA GLU B 629 -23.03 -54.11 9.70
C GLU B 629 -24.31 -54.66 9.07
N MET B 630 -25.04 -53.80 8.39
CA MET B 630 -26.25 -54.21 7.67
C MET B 630 -25.97 -55.06 6.45
N LYS B 631 -26.91 -55.92 6.11
CA LYS B 631 -26.92 -56.59 4.82
C LYS B 631 -27.39 -55.57 3.78
N PRO B 632 -27.01 -55.73 2.50
CA PRO B 632 -27.39 -54.73 1.48
C PRO B 632 -28.90 -54.43 1.40
N GLU B 633 -29.73 -55.44 1.62
CA GLU B 633 -31.17 -55.27 1.65
C GLU B 633 -31.59 -54.26 2.72
N GLU B 634 -30.93 -54.29 3.87
CA GLU B 634 -31.21 -53.36 4.97
C GLU B 634 -30.70 -51.96 4.63
N ARG B 635 -29.54 -51.87 3.99
CA ARG B 635 -28.99 -50.56 3.61
C ARG B 635 -29.92 -49.81 2.68
N LYS B 636 -30.56 -50.54 1.77
CA LYS B 636 -31.50 -49.93 0.82
C LYS B 636 -32.75 -49.36 1.53
N LYS B 637 -32.98 -49.72 2.79
CA LYS B 637 -34.09 -49.18 3.59
C LYS B 637 -33.77 -47.83 4.24
N THR B 638 -32.50 -47.47 4.30
CA THR B 638 -32.05 -46.27 5.00
C THR B 638 -32.26 -45.02 4.14
N VAL B 639 -32.15 -43.84 4.76
CA VAL B 639 -32.24 -42.58 4.04
C VAL B 639 -30.82 -42.13 3.71
N PRO B 640 -30.47 -42.09 2.42
CA PRO B 640 -29.13 -41.61 2.09
C PRO B 640 -28.92 -40.17 2.53
N ARG B 641 -27.73 -39.87 3.04
CA ARG B 641 -27.46 -38.59 3.63
C ARG B 641 -26.04 -38.16 3.32
N THR B 642 -25.87 -36.89 3.02
CA THR B 642 -24.57 -36.22 2.98
C THR B 642 -24.45 -35.28 4.17
N VAL B 643 -23.46 -35.55 5.01
CA VAL B 643 -23.21 -34.78 6.21
C VAL B 643 -22.08 -33.82 5.87
N MET B 644 -22.36 -32.54 6.04
CA MET B 644 -21.38 -31.46 5.86
C MET B 644 -21.18 -30.70 7.16
N ILE B 645 -19.92 -30.58 7.56
CA ILE B 645 -19.57 -29.90 8.78
C ILE B 645 -18.50 -28.88 8.40
N GLY B 646 -18.62 -27.67 8.89
CA GLY B 646 -17.63 -26.65 8.63
C GLY B 646 -17.54 -25.68 9.80
N GLY B 647 -16.54 -24.84 9.76
CA GLY B 647 -16.25 -23.89 10.83
C GLY B 647 -14.77 -23.85 11.10
N LYS B 648 -14.36 -22.79 11.77
CA LYS B 648 -12.96 -22.61 12.12
C LYS B 648 -12.72 -22.89 13.61
N ALA B 649 -11.55 -23.43 13.91
CA ALA B 649 -11.08 -23.63 15.28
C ALA B 649 -10.07 -22.56 15.63
N PHE B 650 -10.20 -21.93 16.78
CA PHE B 650 -9.12 -21.06 17.27
C PHE B 650 -7.82 -21.88 17.31
N ALA B 651 -6.73 -21.29 16.82
CA ALA B 651 -5.53 -22.09 16.51
C ALA B 651 -4.93 -22.76 17.74
N THR B 652 -5.03 -22.14 18.91
CA THR B 652 -4.46 -22.74 20.15
C THR B 652 -5.45 -23.64 20.91
N TYR B 653 -6.65 -23.81 20.37
CA TYR B 653 -7.72 -24.57 21.01
C TYR B 653 -7.57 -26.01 20.59
N THR B 654 -6.84 -26.75 21.39
CA THR B 654 -6.42 -28.11 21.05
C THR B 654 -7.57 -29.05 20.68
N ASN B 655 -8.57 -29.18 21.54
CA ASN B 655 -9.65 -30.10 21.22
C ASN B 655 -10.47 -29.68 20.00
N ALA B 656 -10.65 -28.37 19.78
CA ALA B 656 -11.36 -27.94 18.57
C ALA B 656 -10.58 -28.39 17.31
N LYS B 657 -9.26 -28.25 17.32
CA LYS B 657 -8.46 -28.72 16.19
C LYS B 657 -8.54 -30.23 16.02
N ARG B 658 -8.54 -30.94 17.13
CA ARG B 658 -8.71 -32.39 17.10
C ARG B 658 -10.05 -32.78 16.49
N ILE B 659 -11.10 -32.01 16.79
CA ILE B 659 -12.42 -32.28 16.21
C ILE B 659 -12.45 -32.10 14.67
N VAL B 660 -11.83 -31.03 14.17
CA VAL B 660 -11.68 -30.84 12.72
C VAL B 660 -10.94 -32.05 12.11
N LYS B 661 -9.88 -32.48 12.77
CA LYS B 661 -9.10 -33.62 12.28
C LYS B 661 -9.99 -34.88 12.24
N LEU B 662 -10.74 -35.11 13.29
CA LEU B 662 -11.65 -36.26 13.37
C LEU B 662 -12.67 -36.26 12.21
N VAL B 663 -13.28 -35.11 11.94
CA VAL B 663 -14.29 -35.07 10.87
C VAL B 663 -13.67 -35.46 9.54
N ASN B 664 -12.48 -34.95 9.26
CA ASN B 664 -11.78 -35.27 8.03
C ASN B 664 -11.35 -36.72 7.94
N ASP B 665 -10.82 -37.25 9.03
CA ASP B 665 -10.43 -38.66 9.08
C ASP B 665 -11.64 -39.60 8.89
N VAL B 666 -12.77 -39.27 9.49
CA VAL B 666 -13.99 -40.06 9.33
C VAL B 666 -14.41 -40.03 7.85
N GLY B 667 -14.47 -38.84 7.28
CA GLY B 667 -14.83 -38.68 5.87
C GLY B 667 -13.93 -39.44 4.94
N ASP B 668 -12.63 -39.41 5.21
CA ASP B 668 -11.69 -40.13 4.33
C ASP B 668 -12.05 -41.62 4.23
N VAL B 669 -12.42 -42.21 5.35
CA VAL B 669 -12.80 -43.61 5.44
C VAL B 669 -14.18 -43.85 4.84
N VAL B 670 -15.18 -43.13 5.33
CA VAL B 670 -16.57 -43.31 4.86
C VAL B 670 -16.69 -43.12 3.36
N ASN B 671 -16.13 -42.03 2.86
CA ASN B 671 -16.37 -41.65 1.46
C ASN B 671 -15.74 -42.60 0.46
N SER B 672 -14.72 -43.34 0.88
CA SER B 672 -14.01 -44.23 0.01
C SER B 672 -14.42 -45.70 0.20
N ASP B 673 -15.44 -45.95 1.03
CA ASP B 673 -15.87 -47.31 1.26
C ASP B 673 -17.05 -47.60 0.33
N PRO B 674 -16.83 -48.40 -0.73
CA PRO B 674 -17.91 -48.62 -1.70
C PRO B 674 -19.12 -49.34 -1.10
N GLU B 675 -18.96 -49.93 0.08
CA GLU B 675 -20.06 -50.65 0.71
CA GLU B 675 -20.01 -50.68 0.76
C GLU B 675 -21.09 -49.75 1.36
N VAL B 676 -20.71 -48.55 1.70
CA VAL B 676 -21.66 -47.63 2.32
C VAL B 676 -21.74 -46.25 1.68
N ASN B 677 -20.80 -45.90 0.81
CA ASN B 677 -20.76 -44.54 0.32
C ASN B 677 -21.90 -44.12 -0.65
N GLU B 678 -22.76 -45.06 -1.05
CA GLU B 678 -24.02 -44.70 -1.74
C GLU B 678 -25.09 -44.24 -0.74
N TYR B 679 -24.88 -44.51 0.55
CA TYR B 679 -25.83 -44.16 1.63
C TYR B 679 -25.34 -43.06 2.57
N LEU B 680 -24.02 -42.89 2.67
CA LEU B 680 -23.47 -41.89 3.57
C LEU B 680 -22.19 -41.34 3.02
N LYS B 681 -22.11 -40.02 2.92
CA LYS B 681 -20.81 -39.33 2.77
C LYS B 681 -20.72 -38.24 3.84
N VAL B 682 -19.48 -37.90 4.19
CA VAL B 682 -19.18 -36.96 5.24
C VAL B 682 -18.10 -36.03 4.73
N VAL B 683 -18.36 -34.73 4.72
CA VAL B 683 -17.41 -33.78 4.18
C VAL B 683 -17.17 -32.63 5.16
N PHE B 684 -15.89 -32.28 5.37
CA PHE B 684 -15.56 -31.04 6.07
C PHE B 684 -15.42 -29.92 5.03
N VAL B 685 -16.26 -28.91 5.14
CA VAL B 685 -16.35 -27.83 4.15
C VAL B 685 -15.36 -26.78 4.67
N PRO B 686 -14.31 -26.50 3.90
CA PRO B 686 -13.23 -25.68 4.41
C PRO B 686 -13.51 -24.19 4.31
N ASN B 687 -12.87 -23.44 5.21
CA ASN B 687 -12.82 -22.01 5.10
C ASN B 687 -14.19 -21.36 5.14
N TYR B 688 -15.03 -21.80 6.07
CA TYR B 688 -16.35 -21.21 6.28
C TYR B 688 -16.26 -19.71 6.42
N ASN B 689 -17.05 -19.02 5.59
CA ASN B 689 -17.12 -17.57 5.57
C ASN B 689 -18.45 -17.20 4.89
N VAL B 690 -18.69 -15.93 4.66
CA VAL B 690 -19.99 -15.54 4.13
C VAL B 690 -20.27 -16.20 2.79
N THR B 691 -19.26 -16.26 1.93
CA THR B 691 -19.43 -16.93 0.61
C THR B 691 -19.81 -18.40 0.75
N VAL B 692 -19.15 -19.11 1.65
CA VAL B 692 -19.48 -20.49 1.88
C VAL B 692 -20.94 -20.58 2.34
N ALA B 693 -21.34 -19.71 3.29
CA ALA B 693 -22.71 -19.68 3.79
C ALA B 693 -23.71 -19.45 2.65
N GLU B 694 -23.36 -18.55 1.73
CA GLU B 694 -24.23 -18.25 0.58
C GLU B 694 -24.38 -19.45 -0.35
N MET B 695 -23.40 -20.37 -0.36
CA MET B 695 -23.54 -21.61 -1.13
CA MET B 695 -23.49 -21.63 -1.11
C MET B 695 -24.30 -22.68 -0.35
N LEU B 696 -23.99 -22.83 0.93
CA LEU B 696 -24.59 -23.90 1.73
C LEU B 696 -26.04 -23.68 2.04
N ILE B 697 -26.40 -22.45 2.46
CA ILE B 697 -27.73 -22.21 2.97
C ILE B 697 -28.86 -22.51 1.97
N PRO B 698 -28.77 -22.02 0.73
CA PRO B 698 -29.83 -22.30 -0.22
C PRO B 698 -30.02 -23.78 -0.54
N GLY B 699 -28.95 -24.57 -0.50
CA GLY B 699 -29.03 -26.01 -0.79
C GLY B 699 -29.21 -26.89 0.42
N SER B 700 -29.41 -26.29 1.59
CA SER B 700 -29.52 -27.05 2.82
C SER B 700 -30.94 -27.58 3.00
N GLU B 701 -31.03 -28.76 3.58
CA GLU B 701 -32.34 -29.34 3.92
C GLU B 701 -32.56 -29.48 5.41
N LEU B 702 -31.52 -29.93 6.11
CA LEU B 702 -31.47 -30.01 7.56
C LEU B 702 -30.22 -29.27 8.01
N SER B 703 -30.35 -28.43 9.03
CA SER B 703 -29.18 -27.84 9.65
C SER B 703 -29.21 -28.15 11.15
N GLN B 704 -28.02 -28.27 11.74
CA GLN B 704 -27.84 -28.64 13.14
C GLN B 704 -27.40 -27.46 14.00
N HIS B 705 -28.17 -27.22 15.07
CA HIS B 705 -27.93 -26.12 16.00
C HIS B 705 -28.10 -26.76 17.34
N ILE B 706 -27.01 -27.42 17.77
CA ILE B 706 -27.10 -28.49 18.78
C ILE B 706 -26.25 -28.22 20.02
N SER B 707 -25.97 -26.93 20.27
CA SER B 707 -25.20 -26.52 21.43
C SER B 707 -25.86 -26.95 22.72
N THR B 708 -25.05 -27.17 23.75
CA THR B 708 -25.59 -27.46 25.08
C THR B 708 -26.61 -26.41 25.48
N ALA B 709 -27.76 -26.84 25.95
CA ALA B 709 -28.86 -25.88 26.18
C ALA B 709 -28.44 -24.87 27.22
N GLY B 710 -28.72 -23.59 26.96
CA GLY B 710 -28.40 -22.53 27.88
C GLY B 710 -27.13 -21.79 27.50
N MET B 711 -26.37 -22.33 26.55
CA MET B 711 -25.08 -21.73 26.26
C MET B 711 -25.11 -20.74 25.10
N GLU B 712 -26.22 -20.67 24.38
CA GLU B 712 -26.33 -19.74 23.23
C GLU B 712 -27.32 -18.63 23.51
N ALA B 713 -26.87 -17.38 23.33
CA ALA B 713 -27.77 -16.22 23.47
C ALA B 713 -28.67 -16.10 22.24
N SER B 714 -28.11 -16.35 21.06
CA SER B 714 -28.84 -16.11 19.83
C SER B 714 -28.63 -17.20 18.76
N GLY B 715 -28.27 -16.81 17.53
CA GLY B 715 -28.16 -17.81 16.47
C GLY B 715 -28.71 -17.30 15.17
N THR B 716 -27.94 -16.39 14.58
CA THR B 716 -28.44 -15.78 13.36
C THR B 716 -28.33 -16.76 12.21
N SER B 717 -27.34 -17.65 12.19
CA SER B 717 -27.28 -18.59 11.07
C SER B 717 -28.53 -19.48 11.10
N ASN B 718 -28.98 -19.83 12.29
CA ASN B 718 -30.22 -20.59 12.44
C ASN B 718 -31.39 -19.92 11.67
N MET B 719 -31.46 -18.59 11.81
CA MET B 719 -32.49 -17.80 11.13
C MET B 719 -32.38 -17.87 9.62
N LYS B 720 -31.14 -17.81 9.14
CA LYS B 720 -30.87 -17.86 7.70
C LYS B 720 -31.34 -19.19 7.15
N PHE B 721 -31.01 -20.26 7.86
CA PHE B 721 -31.46 -21.58 7.42
C PHE B 721 -33.01 -21.66 7.40
N ALA B 722 -33.67 -21.22 8.48
CA ALA B 722 -35.13 -21.29 8.56
C ALA B 722 -35.75 -20.51 7.39
N LEU B 723 -35.19 -19.31 7.12
CA LEU B 723 -35.71 -18.41 6.10
C LEU B 723 -35.66 -19.10 4.73
N ASN B 724 -34.65 -19.91 4.53
CA ASN B 724 -34.44 -20.62 3.26
C ASN B 724 -35.11 -22.01 3.20
N GLY B 725 -35.96 -22.31 4.16
CA GLY B 725 -36.74 -23.55 4.11
C GLY B 725 -35.98 -24.77 4.62
N CYS B 726 -34.86 -24.53 5.30
CA CYS B 726 -34.09 -25.60 5.90
C CYS B 726 -34.63 -25.88 7.28
N LEU B 727 -34.94 -27.14 7.55
CA LEU B 727 -35.45 -27.56 8.85
C LEU B 727 -34.27 -27.73 9.81
N ILE B 728 -34.59 -27.60 11.10
CA ILE B 728 -33.57 -27.58 12.13
C ILE B 728 -33.73 -28.76 13.07
N ILE B 729 -32.61 -29.41 13.37
CA ILE B 729 -32.49 -30.29 14.51
C ILE B 729 -31.67 -29.53 15.54
N GLY B 730 -32.24 -29.37 16.73
CA GLY B 730 -31.65 -28.46 17.70
C GLY B 730 -32.11 -28.61 19.12
N THR B 731 -31.35 -28.00 20.01
CA THR B 731 -31.68 -27.89 21.40
C THR B 731 -32.55 -26.66 21.65
N LEU B 732 -33.20 -26.63 22.81
CA LEU B 732 -34.09 -25.50 23.14
C LEU B 732 -33.22 -24.38 23.72
N ASP B 733 -32.63 -23.60 22.83
CA ASP B 733 -31.44 -22.86 23.15
C ASP B 733 -31.30 -21.74 22.12
N GLY B 734 -30.99 -20.54 22.59
CA GLY B 734 -30.69 -19.43 21.66
C GLY B 734 -31.86 -19.15 20.74
N ALA B 735 -31.55 -18.90 19.48
CA ALA B 735 -32.57 -18.52 18.51
C ALA B 735 -33.52 -19.67 18.17
N ASN B 736 -33.14 -20.91 18.48
CA ASN B 736 -34.05 -22.03 18.27
C ASN B 736 -35.36 -21.82 18.99
N VAL B 737 -35.32 -21.17 20.16
CA VAL B 737 -36.55 -20.96 20.95
C VAL B 737 -37.54 -20.18 20.11
N GLU B 738 -37.09 -19.04 19.61
CA GLU B 738 -37.94 -18.16 18.84
C GLU B 738 -38.29 -18.76 17.49
N ILE B 739 -37.35 -19.44 16.85
CA ILE B 739 -37.62 -20.03 15.53
C ILE B 739 -38.73 -21.07 15.67
N ARG B 740 -38.62 -21.91 16.67
CA ARG B 740 -39.64 -22.89 16.95
C ARG B 740 -41.03 -22.27 17.20
N GLU B 741 -41.07 -21.18 17.99
CA GLU B 741 -42.32 -20.45 18.24
C GLU B 741 -42.95 -19.93 16.92
N GLU B 742 -42.10 -19.38 16.05
CA GLU B 742 -42.58 -18.72 14.84
C GLU B 742 -42.98 -19.73 13.75
N VAL B 743 -42.16 -20.76 13.55
CA VAL B 743 -42.45 -21.74 12.46
C VAL B 743 -43.41 -22.85 12.88
N GLY B 744 -43.53 -23.07 14.19
CA GLY B 744 -44.38 -24.10 14.77
C GLY B 744 -43.55 -25.32 15.20
N GLU B 745 -43.84 -25.84 16.40
CA GLU B 745 -43.12 -26.98 16.98
C GLU B 745 -43.10 -28.17 16.05
N GLU B 746 -44.16 -28.32 15.27
CA GLU B 746 -44.25 -29.48 14.39
C GLU B 746 -43.31 -29.43 13.18
N ASN B 747 -42.66 -28.29 12.97
CA ASN B 747 -41.78 -28.09 11.82
C ASN B 747 -40.34 -27.92 12.26
N PHE B 748 -40.04 -28.48 13.41
CA PHE B 748 -38.73 -28.36 14.04
C PHE B 748 -38.45 -29.68 14.76
N PHE B 749 -37.19 -30.11 14.78
CA PHE B 749 -36.79 -31.33 15.47
C PHE B 749 -36.03 -31.03 16.77
N LEU B 750 -36.79 -31.00 17.85
CA LEU B 750 -36.23 -30.66 19.15
C LEU B 750 -35.71 -31.94 19.84
N PHE B 751 -34.62 -31.79 20.58
CA PHE B 751 -34.14 -32.87 21.46
C PHE B 751 -33.32 -32.26 22.59
N GLY B 752 -33.00 -33.09 23.57
CA GLY B 752 -31.94 -32.76 24.53
C GLY B 752 -32.38 -32.17 25.83
N ALA B 753 -31.45 -32.12 26.78
CA ALA B 753 -31.70 -31.47 28.08
C ALA B 753 -32.05 -29.99 27.88
N THR B 754 -32.88 -29.41 28.74
CA THR B 754 -33.13 -27.95 28.70
C THR B 754 -32.21 -27.23 29.67
N ALA B 755 -32.08 -25.91 29.54
CA ALA B 755 -31.11 -25.13 30.30
C ALA B 755 -31.21 -25.35 31.80
N ASP B 756 -32.43 -25.41 32.29
CA ASP B 756 -32.65 -25.51 33.73
C ASP B 756 -32.25 -26.89 34.29
N GLN B 757 -32.16 -27.90 33.42
CA GLN B 757 -31.74 -29.26 33.81
C GLN B 757 -30.23 -29.47 33.84
N VAL B 758 -29.50 -28.67 33.08
CA VAL B 758 -28.07 -28.86 32.93
C VAL B 758 -27.29 -28.94 34.27
N PRO B 759 -27.52 -27.99 35.19
CA PRO B 759 -26.87 -28.15 36.51
C PRO B 759 -27.17 -29.47 37.24
N ARG B 760 -28.44 -29.90 37.27
CA ARG B 760 -28.79 -31.20 37.86
C ARG B 760 -28.04 -32.34 37.19
N LEU B 761 -27.97 -32.31 35.86
CA LEU B 761 -27.36 -33.39 35.10
C LEU B 761 -25.86 -33.45 35.34
N ARG B 762 -25.22 -32.30 35.44
CA ARG B 762 -23.79 -32.25 35.75
C ARG B 762 -23.55 -32.78 37.17
N LYS B 763 -24.43 -32.43 38.11
CA LYS B 763 -24.34 -32.95 39.50
C LYS B 763 -24.55 -34.47 39.52
N GLU B 764 -25.53 -34.98 38.77
CA GLU B 764 -25.75 -36.44 38.69
C GLU B 764 -24.50 -37.14 38.18
N ARG B 765 -23.84 -36.55 37.19
CA ARG B 765 -22.58 -37.09 36.69
C ARG B 765 -21.52 -37.09 37.78
N GLU B 766 -21.35 -35.95 38.45
CA GLU B 766 -20.40 -35.82 39.57
C GLU B 766 -20.68 -36.87 40.66
N ASP B 767 -21.95 -37.15 40.91
CA ASP B 767 -22.35 -38.10 41.97
C ASP B 767 -22.38 -39.58 41.53
N GLY B 768 -21.90 -39.87 40.32
CA GLY B 768 -21.75 -41.24 39.85
C GLY B 768 -23.04 -41.89 39.39
N LEU B 769 -24.04 -41.08 39.07
CA LEU B 769 -25.37 -41.58 38.74
C LEU B 769 -25.64 -41.61 37.24
N PHE B 770 -24.69 -41.18 36.42
CA PHE B 770 -24.89 -41.14 34.97
C PHE B 770 -24.84 -42.54 34.35
N LYS B 771 -25.85 -42.84 33.54
CA LYS B 771 -25.99 -44.13 32.86
C LYS B 771 -25.84 -43.94 31.37
N PRO B 772 -24.61 -44.09 30.84
CA PRO B 772 -24.46 -43.82 29.41
C PRO B 772 -25.18 -44.84 28.51
N ASP B 773 -25.74 -44.35 27.41
CA ASP B 773 -26.42 -45.19 26.43
C ASP B 773 -25.37 -46.04 25.71
N PRO B 774 -25.65 -47.32 25.48
CA PRO B 774 -24.64 -48.17 24.85
C PRO B 774 -24.24 -47.73 23.42
N ARG B 775 -25.11 -47.03 22.72
CA ARG B 775 -24.80 -46.54 21.38
C ARG B 775 -23.69 -45.48 21.45
N PHE B 776 -23.73 -44.66 22.49
CA PHE B 776 -22.69 -43.65 22.73
C PHE B 776 -21.33 -44.32 23.00
N GLU B 777 -21.32 -45.34 23.86
CA GLU B 777 -20.10 -46.06 24.18
CA GLU B 777 -20.08 -46.04 24.17
C GLU B 777 -19.56 -46.75 22.93
N GLU B 778 -20.48 -47.29 22.12
CA GLU B 778 -20.12 -47.99 20.92
C GLU B 778 -19.47 -47.05 19.89
N ALA B 779 -20.05 -45.86 19.73
CA ALA B 779 -19.49 -44.82 18.87
C ALA B 779 -18.07 -44.46 19.34
N LYS B 780 -17.91 -44.14 20.63
CA LYS B 780 -16.60 -43.76 21.16
C LYS B 780 -15.58 -44.87 20.93
N GLN B 781 -15.96 -46.11 21.25
CA GLN B 781 -15.01 -47.21 21.10
C GLN B 781 -14.63 -47.40 19.63
N PHE B 782 -15.56 -47.16 18.70
CA PHE B 782 -15.28 -47.32 17.28
C PHE B 782 -14.24 -46.29 16.80
N VAL B 783 -14.35 -45.06 17.30
CA VAL B 783 -13.30 -44.03 17.06
C VAL B 783 -11.95 -44.48 17.62
N LYS B 784 -11.96 -45.12 18.79
CA LYS B 784 -10.73 -45.55 19.45
C LYS B 784 -10.15 -46.83 18.87
N SER B 785 -10.88 -47.47 17.97
CA SER B 785 -10.49 -48.79 17.46
C SER B 785 -9.39 -48.71 16.41
N GLY B 786 -9.13 -47.52 15.87
CA GLY B 786 -8.17 -47.37 14.77
C GLY B 786 -8.75 -47.42 13.37
N VAL B 787 -10.06 -47.60 13.27
CA VAL B 787 -10.72 -47.66 11.97
C VAL B 787 -10.51 -46.38 11.15
N PHE B 788 -10.28 -45.26 11.81
CA PHE B 788 -10.12 -43.99 11.09
C PHE B 788 -8.65 -43.60 10.88
N GLY B 789 -7.76 -44.55 11.13
CA GLY B 789 -6.32 -44.35 10.82
C GLY B 789 -5.44 -44.30 12.04
N SER B 790 -4.22 -43.80 11.88
CA SER B 790 -3.23 -43.82 12.93
C SER B 790 -3.38 -42.73 14.01
N TYR B 791 -4.20 -41.71 13.77
CA TYR B 791 -4.33 -40.65 14.76
C TYR B 791 -4.98 -41.13 16.06
N ASP B 792 -4.38 -40.79 17.19
CA ASP B 792 -4.90 -41.22 18.48
C ASP B 792 -5.92 -40.21 18.99
N TYR B 793 -7.18 -40.60 18.94
CA TYR B 793 -8.27 -39.76 19.43
C TYR B 793 -8.54 -39.94 20.92
N GLY B 794 -7.76 -40.77 21.60
CA GLY B 794 -7.89 -40.95 23.05
C GLY B 794 -7.88 -39.65 23.84
N PRO B 795 -6.86 -38.81 23.61
CA PRO B 795 -6.80 -37.51 24.28
C PRO B 795 -8.03 -36.63 24.10
N LEU B 796 -8.55 -36.53 22.87
CA LEU B 796 -9.77 -35.82 22.65
C LEU B 796 -10.93 -36.42 23.45
N LEU B 797 -11.11 -37.72 23.34
CA LEU B 797 -12.25 -38.38 23.98
C LEU B 797 -12.17 -38.45 25.51
N ASP B 798 -10.98 -38.23 26.06
CA ASP B 798 -10.82 -38.14 27.52
C ASP B 798 -11.68 -37.02 28.11
N SER B 799 -11.95 -36.01 27.29
CA SER B 799 -12.83 -34.92 27.67
C SER B 799 -14.22 -35.42 28.08
N LEU B 800 -14.58 -36.62 27.58
CA LEU B 800 -15.86 -37.24 27.87
C LEU B 800 -15.81 -38.26 29.02
N GLU B 801 -14.63 -38.46 29.60
CA GLU B 801 -14.40 -39.46 30.64
C GLU B 801 -14.25 -38.84 32.02
N GLY B 802 -14.40 -39.68 33.05
CA GLY B 802 -14.35 -39.22 34.43
C GLY B 802 -15.66 -38.59 34.82
N ASN B 803 -15.77 -38.24 36.10
CA ASN B 803 -17.01 -37.68 36.62
C ASN B 803 -16.88 -36.20 37.03
N THR B 804 -15.66 -35.74 37.18
CA THR B 804 -15.39 -34.36 37.56
C THR B 804 -13.97 -33.95 37.14
N GLY B 805 -13.63 -32.67 37.28
CA GLY B 805 -12.28 -32.19 36.99
C GLY B 805 -12.25 -31.36 35.72
N PHE B 806 -11.35 -30.37 35.70
CA PHE B 806 -11.28 -29.47 34.56
C PHE B 806 -10.91 -30.26 33.30
N GLY B 807 -11.61 -29.99 32.21
CA GLY B 807 -11.36 -30.64 30.94
C GLY B 807 -11.87 -32.07 30.87
N ARG B 808 -12.59 -32.50 31.91
CA ARG B 808 -13.09 -33.88 32.00
C ARG B 808 -14.57 -33.91 32.40
N GLY B 809 -15.12 -35.12 32.42
CA GLY B 809 -16.45 -35.34 32.97
C GLY B 809 -17.58 -34.89 32.05
N ASP B 810 -17.30 -34.66 30.77
CA ASP B 810 -18.33 -34.38 29.76
C ASP B 810 -19.22 -33.22 30.17
N TYR B 811 -18.58 -32.09 30.43
CA TYR B 811 -19.24 -30.90 30.91
C TYR B 811 -20.35 -30.45 29.96
N PHE B 812 -20.17 -30.70 28.65
CA PHE B 812 -21.10 -30.23 27.66
C PHE B 812 -22.23 -31.23 27.33
N LEU B 813 -22.27 -32.34 28.07
CA LEU B 813 -23.38 -33.32 28.03
C LEU B 813 -23.56 -34.00 26.66
N VAL B 814 -22.45 -34.23 25.98
CA VAL B 814 -22.45 -35.00 24.74
C VAL B 814 -23.07 -36.41 24.93
N GLY B 815 -22.61 -37.15 25.94
CA GLY B 815 -23.12 -38.48 26.24
C GLY B 815 -24.58 -38.47 26.63
N TYR B 816 -24.92 -37.59 27.56
CA TYR B 816 -26.29 -37.53 28.06
C TYR B 816 -27.28 -37.24 26.94
N ASP B 817 -26.98 -36.27 26.08
CA ASP B 817 -27.90 -35.90 25.00
C ASP B 817 -27.87 -36.82 23.81
N PHE B 818 -26.83 -37.64 23.70
CA PHE B 818 -26.67 -38.51 22.51
C PHE B 818 -27.91 -39.35 22.19
N PRO B 819 -28.49 -40.05 23.16
CA PRO B 819 -29.67 -40.85 22.78
C PRO B 819 -30.86 -40.05 22.21
N SER B 820 -31.22 -38.94 22.82
CA SER B 820 -32.34 -38.15 22.28
C SER B 820 -31.98 -37.51 20.95
N TYR B 821 -30.70 -37.18 20.78
CA TYR B 821 -30.20 -36.66 19.51
C TYR B 821 -30.36 -37.72 18.42
N MET B 822 -29.93 -38.93 18.70
CA MET B 822 -30.03 -39.99 17.67
C MET B 822 -31.50 -40.34 17.40
N ASP B 823 -32.34 -40.26 18.41
CA ASP B 823 -33.77 -40.51 18.20
C ASP B 823 -34.39 -39.40 17.33
N ALA B 824 -33.95 -38.15 17.54
CA ALA B 824 -34.41 -37.03 16.68
C ALA B 824 -33.91 -37.20 15.23
N GLN B 825 -32.69 -37.71 15.06
CA GLN B 825 -32.22 -38.00 13.69
C GLN B 825 -33.05 -39.10 13.02
N ALA B 826 -33.52 -40.08 13.79
CA ALA B 826 -34.39 -41.09 13.23
C ALA B 826 -35.73 -40.47 12.80
N LYS B 827 -36.25 -39.53 13.60
CA LYS B 827 -37.45 -38.81 13.21
C LYS B 827 -37.25 -37.99 11.92
N VAL B 828 -36.06 -37.42 11.78
CA VAL B 828 -35.70 -36.70 10.56
C VAL B 828 -35.80 -37.62 9.36
N ASP B 829 -35.18 -38.79 9.47
CA ASP B 829 -35.19 -39.76 8.38
C ASP B 829 -36.63 -40.13 7.99
N GLU B 830 -37.49 -40.40 8.98
CA GLU B 830 -38.86 -40.79 8.67
C GLU B 830 -39.63 -39.64 8.01
N ALA B 831 -39.40 -38.43 8.50
CA ALA B 831 -40.01 -37.22 7.93
C ALA B 831 -39.53 -36.98 6.49
N TYR B 832 -38.26 -37.25 6.23
CA TYR B 832 -37.70 -37.00 4.91
C TYR B 832 -38.24 -37.96 3.85
N LYS B 833 -38.63 -39.18 4.27
CA LYS B 833 -39.25 -40.14 3.34
C LYS B 833 -40.62 -39.68 2.86
N ASP B 834 -41.30 -38.90 3.68
CA ASP B 834 -42.63 -38.39 3.38
C ASP B 834 -42.43 -37.05 2.70
N ARG B 835 -42.35 -37.07 1.37
CA ARG B 835 -41.91 -35.88 0.64
C ARG B 835 -42.89 -34.73 0.77
N LYS B 836 -44.19 -35.03 0.65
CA LYS B 836 -45.22 -33.99 0.75
C LYS B 836 -45.13 -33.33 2.15
N GLY B 837 -44.97 -34.15 3.17
CA GLY B 837 -44.87 -33.64 4.53
C GLY B 837 -43.64 -32.78 4.77
N TRP B 838 -42.53 -33.20 4.16
CA TRP B 838 -41.29 -32.50 4.32
C TRP B 838 -41.36 -31.16 3.65
N LEU B 839 -41.86 -31.14 2.40
CA LEU B 839 -42.02 -29.89 1.69
C LEU B 839 -42.98 -28.92 2.37
N LYS B 840 -44.06 -29.42 2.96
CA LYS B 840 -44.95 -28.57 3.76
C LYS B 840 -44.19 -27.93 4.95
N MET B 841 -43.39 -28.74 5.65
CA MET B 841 -42.59 -28.18 6.76
C MET B 841 -41.65 -27.09 6.26
N SER B 842 -41.05 -27.31 5.09
CA SER B 842 -40.06 -26.39 4.53
C SER B 842 -40.71 -25.06 4.16
N ILE B 843 -41.88 -25.14 3.52
CA ILE B 843 -42.65 -23.94 3.20
C ILE B 843 -43.02 -23.19 4.49
N LEU B 844 -43.52 -23.91 5.50
CA LEU B 844 -43.93 -23.28 6.75
C LEU B 844 -42.77 -22.66 7.49
N SER B 845 -41.57 -23.21 7.34
CA SER B 845 -40.38 -22.60 7.92
C SER B 845 -40.09 -21.22 7.30
N THR B 846 -40.05 -21.14 5.99
CA THR B 846 -39.91 -19.81 5.34
C THR B 846 -41.09 -18.89 5.74
N ALA B 847 -42.29 -19.45 5.71
CA ALA B 847 -43.50 -18.65 5.99
C ALA B 847 -43.50 -18.02 7.35
N GLY B 848 -42.83 -18.63 8.32
CA GLY B 848 -42.80 -18.13 9.67
C GLY B 848 -41.56 -17.33 10.02
N SER B 849 -40.73 -17.01 9.04
CA SER B 849 -39.42 -16.42 9.28
C SER B 849 -39.41 -14.86 9.34
N GLY B 850 -40.57 -14.23 9.16
CA GLY B 850 -40.59 -12.75 9.09
C GLY B 850 -40.03 -11.99 10.25
N LYS B 851 -40.26 -12.50 11.44
CA LYS B 851 -39.81 -11.85 12.66
C LYS B 851 -38.30 -11.68 12.66
N PHE B 852 -37.61 -12.51 11.88
CA PHE B 852 -36.13 -12.51 11.97
C PHE B 852 -35.44 -11.48 11.10
N SER B 853 -36.22 -10.65 10.39
CA SER B 853 -35.63 -9.57 9.64
C SER B 853 -34.84 -8.58 10.51
N SER B 854 -33.62 -8.27 10.09
CA SER B 854 -32.84 -7.19 10.71
C SER B 854 -33.52 -5.81 10.51
N ASP B 855 -34.44 -5.69 9.57
CA ASP B 855 -35.22 -4.43 9.46
C ASP B 855 -36.05 -4.22 10.71
N ARG B 856 -36.60 -5.29 11.26
CA ARG B 856 -37.38 -5.21 12.48
C ARG B 856 -36.44 -4.82 13.62
N THR B 857 -35.30 -5.51 13.68
CA THR B 857 -34.32 -5.21 14.73
C THR B 857 -33.88 -3.76 14.73
N ILE B 858 -33.45 -3.27 13.58
CA ILE B 858 -32.89 -1.93 13.49
C ILE B 858 -33.98 -0.88 13.70
N ALA B 859 -35.20 -1.13 13.22
CA ALA B 859 -36.27 -0.18 13.50
C ALA B 859 -36.47 0.00 15.02
N GLN B 860 -36.38 -1.10 15.75
CA GLN B 860 -36.47 -1.05 17.23
C GLN B 860 -35.31 -0.29 17.88
N TYR B 861 -34.09 -0.55 17.47
CA TYR B 861 -32.95 0.24 18.00
C TYR B 861 -33.16 1.71 17.72
N ALA B 862 -33.60 2.03 16.51
CA ALA B 862 -33.78 3.42 16.10
C ALA B 862 -34.81 4.15 16.94
N LYS B 863 -35.92 3.49 17.24
CA LYS B 863 -36.98 4.13 18.02
C LYS B 863 -36.69 4.14 19.51
N GLU B 864 -36.19 3.03 20.07
CA GLU B 864 -36.18 2.83 21.52
C GLU B 864 -34.85 3.15 22.18
N ILE B 865 -33.77 3.13 21.40
CA ILE B 865 -32.42 3.40 21.94
C ILE B 865 -31.84 4.68 21.35
N TRP B 866 -31.74 4.76 20.03
CA TRP B 866 -31.03 5.87 19.37
C TRP B 866 -31.84 7.12 19.23
N ASN B 867 -33.16 6.98 19.16
CA ASN B 867 -34.05 8.11 18.86
C ASN B 867 -33.67 8.79 17.52
N ILE B 868 -33.46 7.98 16.47
CA ILE B 868 -33.24 8.50 15.12
C ILE B 868 -34.43 8.10 14.26
N GLU B 869 -34.58 8.78 13.12
CA GLU B 869 -35.72 8.52 12.24
C GLU B 869 -35.26 8.55 10.79
N ALA B 870 -36.12 8.07 9.90
CA ALA B 870 -35.81 8.04 8.47
C ALA B 870 -35.43 9.42 7.97
N CYS B 871 -34.46 9.47 7.07
CA CYS B 871 -34.01 10.69 6.43
C CYS B 871 -33.83 10.34 4.95
N PRO B 872 -34.94 10.19 4.23
CA PRO B 872 -34.80 9.72 2.86
C PRO B 872 -34.23 10.79 1.91
N VAL B 873 -33.23 10.39 1.14
CA VAL B 873 -32.60 11.25 0.16
C VAL B 873 -33.54 11.38 -1.03
N PRO B 874 -33.94 12.62 -1.36
CA PRO B 874 -34.89 12.75 -2.46
C PRO B 874 -34.24 12.51 -3.82
N1 PLP C . 20.45 16.82 -10.37
C2 PLP C . 19.42 17.42 -10.96
C2A PLP C . 18.19 17.69 -10.14
C3 PLP C . 19.44 17.72 -12.32
O3 PLP C . 18.36 18.28 -12.89
C4 PLP C . 20.60 17.45 -13.03
C4A PLP C . 20.76 17.79 -14.46
C5 PLP C . 21.68 16.86 -12.39
C6 PLP C . 21.59 16.53 -11.02
C5A PLP C . 22.94 16.60 -13.19
O4P PLP C . 23.89 16.39 -12.36
P PLP C . 25.43 17.06 -12.42
O1P PLP C . 25.51 17.65 -11.04
O2P PLP C . 25.68 18.17 -13.49
O3P PLP C . 26.31 15.88 -12.56
C1 GOL D . 37.16 35.79 -19.94
O1 GOL D . 38.00 34.86 -19.25
C2 GOL D . 36.24 35.02 -20.88
O2 GOL D . 36.96 34.18 -21.79
C3 GOL D . 35.40 35.99 -21.69
O3 GOL D . 34.04 35.79 -21.29
C1 PEG E . 21.21 17.71 -31.78
O1 PEG E . 22.50 17.44 -31.52
C2 PEG E . 20.38 16.46 -32.19
O2 PEG E . 19.17 17.15 -32.41
C3 PEG E . 18.00 16.55 -32.00
C4 PEG E . 18.00 17.48 -30.83
O4 PEG E . 16.88 17.47 -30.12
C1 PEG F . 17.93 37.17 5.90
O1 PEG F . 17.09 37.93 5.05
C2 PEG F . 18.11 35.72 5.38
O2 PEG F . 19.36 35.16 5.70
C3 PEG F . 19.76 33.93 5.02
C4 PEG F . 19.77 32.57 5.72
O4 PEG F . 20.96 31.83 5.35
C1 PGE G . 36.51 12.07 1.09
O1 PGE G . 36.22 11.85 -0.30
C2 PGE G . 35.19 12.09 1.88
O2 PGE G . 34.90 10.83 2.56
C3 PGE G . 33.78 10.32 1.97
C4 PGE G . 32.44 10.33 2.72
O4 PGE G . 30.32 10.87 -0.51
C6 PGE G . 31.02 9.70 -0.42
C5 PGE G . 31.51 9.17 0.93
O3 PGE G . 31.31 9.82 2.13
N1 PLP H . -20.61 -16.75 10.13
C2 PLP H . -21.10 -16.56 8.90
C2A PLP H . -20.21 -16.65 7.67
C3 PLP H . -22.43 -16.20 8.75
O3 PLP H . -22.96 -15.94 7.56
C4 PLP H . -23.25 -16.09 9.88
C4A PLP H . -24.71 -15.75 9.83
C5 PLP H . -22.71 -16.30 11.13
C6 PLP H . -21.37 -16.64 11.21
C5A PLP H . -23.63 -16.23 12.34
O4P PLP H . -23.03 -16.77 13.38
P PLP H . -23.72 -17.97 14.38
O1P PLP H . -22.77 -19.13 14.12
O2P PLP H . -25.17 -18.39 14.13
O3P PLP H . -23.60 -17.35 15.71
C1 GOL I . -4.16 12.14 21.76
O1 GOL I . -3.08 13.06 21.91
C2 GOL I . -5.13 12.58 20.65
O2 GOL I . -4.82 12.07 19.37
C3 GOL I . -5.27 14.10 20.69
O3 GOL I . -6.42 14.31 21.47
C1 GOL J . -24.91 -14.87 17.12
O1 GOL J . -25.55 -15.57 16.01
C2 GOL J . -25.35 -13.42 17.17
O2 GOL J . -25.31 -12.86 15.84
C3 GOL J . -24.46 -12.57 18.11
O3 GOL J . -25.33 -11.80 18.97
C1 PEG K . -9.98 15.18 35.10
O1 PEG K . -10.30 15.86 33.90
C2 PEG K . -10.25 13.69 34.87
O2 PEG K . -9.53 12.94 35.78
C3 PEG K . -9.95 13.39 37.13
C4 PEG K . -8.96 12.88 38.18
O4 PEG K . -7.57 12.86 37.71
#